data_6YMT
#
_entry.id   6YMT
#
_cell.length_a   106.845
_cell.length_b   115.676
_cell.length_c   284.742
_cell.angle_alpha   90.000
_cell.angle_beta   90.000
_cell.angle_gamma   90.000
#
_symmetry.space_group_name_H-M   'C 2 2 21'
#
loop_
_entity.id
_entity.type
_entity.pdbx_description
1 polymer 'RNase 3/1 version 1'
2 non-polymer GLYCEROL
3 water water
#
_entity_poly.entity_id   1
_entity_poly.type   'polypeptide(L)'
_entity_poly.pdbx_seq_one_letter_code
;MRPPQFTRAQWFAIQHIDSDSSPSSSSRYCTIAMRAINNYRWRCKPVNTFVHEPLVDVQNVCFQEKVTCKNGQGNCYRSR
FRMHITDCRLTNGSKYPNCRYRTRPGRRHIIVACEGSPYVPVHFDASV
;
_entity_poly.pdbx_strand_id   G,J,C,D,E,F,A,H,I,B,L,K
#
loop_
_chem_comp.id
_chem_comp.type
_chem_comp.name
_chem_comp.formula
GOL non-polymer GLYCEROL 'C3 H8 O3'
#
# COMPACT_ATOMS: atom_id res chain seq x y z
N MET A 1 -17.23 -0.59 1.63
N MET A 1 -16.90 -0.62 1.70
CA MET A 1 -16.53 -0.35 0.37
CA MET A 1 -16.44 -0.34 0.34
C MET A 1 -16.53 -1.60 -0.50
C MET A 1 -16.47 -1.59 -0.52
N ARG A 2 -16.94 -1.45 -1.75
CA ARG A 2 -16.97 -2.58 -2.65
C ARG A 2 -15.56 -2.98 -3.04
N PRO A 3 -15.13 -4.20 -2.80
CA PRO A 3 -13.84 -4.66 -3.32
C PRO A 3 -13.78 -4.47 -4.83
N PRO A 4 -12.68 -3.91 -5.36
CA PRO A 4 -12.65 -3.61 -6.80
C PRO A 4 -12.83 -4.83 -7.70
N GLN A 5 -12.50 -6.02 -7.21
N GLN A 5 -12.51 -6.02 -7.20
CA GLN A 5 -12.63 -7.20 -8.06
CA GLN A 5 -12.62 -7.24 -8.01
C GLN A 5 -14.07 -7.58 -8.33
C GLN A 5 -14.08 -7.57 -8.34
N PHE A 6 -15.03 -6.98 -7.64
CA PHE A 6 -16.45 -7.32 -7.80
C PHE A 6 -17.19 -6.14 -8.42
N THR A 7 -18.04 -6.45 -9.41
CA THR A 7 -18.99 -5.48 -9.90
C THR A 7 -20.03 -5.18 -8.82
N ARG A 8 -20.77 -4.08 -9.01
N ARG A 8 -20.78 -4.09 -9.02
CA ARG A 8 -21.88 -3.78 -8.13
CA ARG A 8 -21.87 -3.81 -8.08
C ARG A 8 -22.84 -4.96 -8.04
C ARG A 8 -22.87 -4.95 -8.03
N ALA A 9 -23.15 -5.58 -9.17
CA ALA A 9 -24.09 -6.71 -9.17
C ALA A 9 -23.53 -7.90 -8.42
N GLN A 10 -22.24 -8.20 -8.60
CA GLN A 10 -21.62 -9.32 -7.88
C GLN A 10 -21.61 -9.08 -6.39
N TRP A 11 -21.27 -7.85 -5.99
CA TRP A 11 -21.18 -7.54 -4.56
C TRP A 11 -22.55 -7.53 -3.93
N PHE A 12 -23.58 -7.07 -4.65
CA PHE A 12 -24.94 -7.20 -4.12
C PHE A 12 -25.28 -8.66 -3.84
N ALA A 13 -24.95 -9.56 -4.77
CA ALA A 13 -25.29 -10.96 -4.57
C ALA A 13 -24.53 -11.56 -3.41
N ILE A 14 -23.24 -11.24 -3.28
CA ILE A 14 -22.44 -11.73 -2.15
C ILE A 14 -23.02 -11.26 -0.83
N GLN A 15 -23.39 -9.98 -0.76
CA GLN A 15 -23.86 -9.43 0.51
C GLN A 15 -25.29 -9.84 0.84
N HIS A 16 -26.14 -10.06 -0.17
CA HIS A 16 -27.57 -10.08 0.11
C HIS A 16 -28.34 -11.28 -0.42
N ILE A 17 -27.76 -12.15 -1.23
CA ILE A 17 -28.51 -13.23 -1.83
C ILE A 17 -27.98 -14.55 -1.28
N ASP A 18 -28.82 -15.26 -0.54
CA ASP A 18 -28.59 -16.64 -0.13
C ASP A 18 -29.61 -17.47 -0.92
N SER A 19 -29.27 -17.76 -2.16
CA SER A 19 -30.28 -18.17 -3.13
C SER A 19 -30.93 -19.50 -2.77
N ASP A 20 -32.26 -19.50 -2.73
CA ASP A 20 -33.07 -20.70 -2.52
C ASP A 20 -32.68 -21.44 -1.24
N SER A 21 -32.74 -20.72 -0.12
CA SER A 21 -32.32 -21.23 1.17
C SER A 21 -33.47 -21.14 2.17
N SER A 22 -33.34 -21.90 3.24
CA SER A 22 -34.39 -21.92 4.29
C SER A 22 -34.61 -20.53 4.90
N PRO A 23 -35.86 -20.05 4.99
CA PRO A 23 -36.17 -18.81 5.67
C PRO A 23 -35.81 -18.87 7.15
N SER A 24 -35.97 -20.04 7.76
CA SER A 24 -35.64 -20.21 9.18
C SER A 24 -34.16 -20.55 9.28
N SER A 25 -33.50 -19.95 10.23
CA SER A 25 -32.05 -20.14 10.39
C SER A 25 -31.74 -20.40 11.85
N SER A 26 -30.56 -20.89 12.09
CA SER A 26 -30.08 -20.97 13.47
C SER A 26 -29.74 -19.53 13.92
N SER A 27 -29.61 -19.32 15.22
CA SER A 27 -29.21 -18.00 15.77
C SER A 27 -27.75 -17.64 15.41
N ARG A 28 -26.93 -18.62 15.02
CA ARG A 28 -25.54 -18.42 14.57
C ARG A 28 -25.45 -18.20 13.05
N TYR A 29 -26.56 -18.17 12.33
CA TYR A 29 -26.51 -17.99 10.88
C TYR A 29 -25.76 -16.72 10.52
N CYS A 30 -26.11 -15.60 11.15
CA CYS A 30 -25.50 -14.33 10.75
C CYS A 30 -24.00 -14.29 11.05
N THR A 31 -23.59 -14.78 12.23
CA THR A 31 -22.16 -14.77 12.55
C THR A 31 -21.37 -15.54 11.51
N ILE A 32 -21.88 -16.70 11.09
CA ILE A 32 -21.16 -17.50 10.11
C ILE A 32 -21.24 -16.86 8.73
N ALA A 33 -22.44 -16.41 8.35
CA ALA A 33 -22.63 -15.86 7.00
C ALA A 33 -21.90 -14.56 6.78
N MET A 34 -21.75 -13.74 7.83
CA MET A 34 -21.13 -12.44 7.62
C MET A 34 -19.64 -12.53 7.38
N ARG A 35 -19.00 -13.66 7.73
CA ARG A 35 -17.55 -13.75 7.54
C ARG A 35 -17.16 -13.55 6.08
N ALA A 36 -17.97 -14.09 5.16
CA ALA A 36 -17.64 -13.97 3.75
C ALA A 36 -17.61 -12.52 3.29
N ILE A 37 -18.45 -11.67 3.88
CA ILE A 37 -18.47 -10.26 3.54
C ILE A 37 -17.33 -9.53 4.25
N ASN A 38 -17.25 -9.73 5.55
CA ASN A 38 -16.30 -8.96 6.34
C ASN A 38 -14.85 -9.29 6.02
N ASN A 39 -14.57 -10.47 5.47
CA ASN A 39 -13.20 -10.76 5.08
C ASN A 39 -12.67 -9.79 4.03
N TYR A 40 -13.58 -9.13 3.27
CA TYR A 40 -13.20 -8.16 2.26
C TYR A 40 -13.25 -6.72 2.77
N ARG A 41 -13.66 -6.53 4.01
CA ARG A 41 -13.93 -5.21 4.55
C ARG A 41 -12.85 -4.84 5.54
N TRP A 42 -12.74 -3.54 5.80
CA TRP A 42 -11.77 -3.12 6.79
C TRP A 42 -12.29 -3.37 8.21
N ARG A 43 -13.56 -3.08 8.46
CA ARG A 43 -14.18 -3.34 9.77
C ARG A 43 -15.53 -4.02 9.56
N CYS A 44 -15.98 -4.73 10.60
CA CYS A 44 -17.25 -5.51 10.55
C CYS A 44 -18.41 -4.62 10.08
N LYS A 45 -19.21 -5.11 9.13
CA LYS A 45 -20.40 -4.39 8.70
C LYS A 45 -21.43 -4.36 9.83
N PRO A 46 -21.95 -3.19 10.21
CA PRO A 46 -22.82 -3.14 11.39
C PRO A 46 -24.18 -3.80 11.22
N VAL A 47 -24.80 -3.70 10.03
N VAL A 47 -24.78 -3.72 10.03
CA VAL A 47 -26.08 -4.33 9.76
CA VAL A 47 -26.08 -4.31 9.76
C VAL A 47 -26.05 -4.87 8.35
C VAL A 47 -26.09 -4.84 8.33
N ASN A 48 -26.79 -5.95 8.12
CA ASN A 48 -26.87 -6.53 6.80
C ASN A 48 -28.11 -7.41 6.71
N THR A 49 -28.71 -7.47 5.52
CA THR A 49 -29.90 -8.27 5.27
C THR A 49 -29.61 -9.29 4.18
N PHE A 50 -29.96 -10.55 4.43
CA PHE A 50 -29.91 -11.60 3.44
C PHE A 50 -31.33 -11.95 3.00
N VAL A 51 -31.49 -12.20 1.70
CA VAL A 51 -32.75 -12.68 1.13
C VAL A 51 -32.59 -14.15 0.78
N HIS A 52 -33.63 -14.95 1.06
CA HIS A 52 -33.55 -16.40 0.91
C HIS A 52 -34.21 -16.93 -0.36
N GLU A 53 -35.01 -16.13 -1.06
CA GLU A 53 -35.67 -16.61 -2.27
C GLU A 53 -34.65 -17.04 -3.33
N PRO A 54 -35.08 -17.86 -4.30
CA PRO A 54 -34.25 -18.11 -5.49
C PRO A 54 -33.78 -16.82 -6.10
N LEU A 55 -32.55 -16.83 -6.62
CA LEU A 55 -31.94 -15.65 -7.23
C LEU A 55 -32.88 -14.96 -8.23
N VAL A 56 -33.53 -15.74 -9.12
CA VAL A 56 -34.32 -15.12 -10.17
C VAL A 56 -35.49 -14.33 -9.59
N ASP A 57 -36.00 -14.74 -8.42
CA ASP A 57 -37.04 -13.96 -7.76
C ASP A 57 -36.53 -12.59 -7.36
N VAL A 58 -35.28 -12.52 -6.89
CA VAL A 58 -34.71 -11.23 -6.49
C VAL A 58 -34.43 -10.38 -7.71
N GLN A 59 -33.90 -11.00 -8.76
CA GLN A 59 -33.68 -10.27 -10.01
C GLN A 59 -34.99 -9.74 -10.59
N ASN A 60 -36.10 -10.47 -10.41
CA ASN A 60 -37.38 -10.03 -10.93
C ASN A 60 -37.88 -8.75 -10.27
N VAL A 61 -37.37 -8.41 -9.07
CA VAL A 61 -37.83 -7.17 -8.44
C VAL A 61 -37.55 -5.97 -9.35
N CYS A 62 -36.53 -6.07 -10.19
CA CYS A 62 -36.20 -5.00 -11.14
C CYS A 62 -37.29 -4.77 -12.16
N PHE A 63 -38.32 -5.63 -12.20
CA PHE A 63 -39.43 -5.51 -13.13
C PHE A 63 -40.75 -5.39 -12.39
N GLN A 64 -40.70 -5.04 -11.12
CA GLN A 64 -41.90 -4.93 -10.28
C GLN A 64 -42.20 -3.45 -10.02
N GLU A 65 -42.52 -3.04 -8.80
CA GLU A 65 -43.08 -1.70 -8.60
C GLU A 65 -42.00 -0.63 -8.58
N LYS A 66 -42.04 0.30 -9.54
CA LYS A 66 -41.03 1.35 -9.52
C LYS A 66 -41.34 2.34 -8.39
N VAL A 67 -40.32 2.68 -7.60
CA VAL A 67 -40.43 3.63 -6.49
C VAL A 67 -39.23 4.55 -6.51
N THR A 68 -39.30 5.64 -5.75
CA THR A 68 -38.15 6.53 -5.69
C THR A 68 -37.08 6.00 -4.75
N CYS A 69 -35.83 6.13 -5.16
CA CYS A 69 -34.72 5.69 -4.32
C CYS A 69 -34.58 6.60 -3.11
N LYS A 70 -34.03 6.04 -2.03
CA LYS A 70 -33.86 6.85 -0.83
C LYS A 70 -33.01 8.09 -1.11
N ASN A 71 -31.95 7.93 -1.91
CA ASN A 71 -31.08 9.05 -2.24
C ASN A 71 -31.60 9.90 -3.40
N GLY A 72 -32.73 9.53 -3.99
CA GLY A 72 -33.27 10.27 -5.12
C GLY A 72 -32.60 9.98 -6.45
N GLN A 73 -31.63 9.06 -6.47
CA GLN A 73 -30.73 8.88 -7.61
C GLN A 73 -30.79 7.42 -8.04
N GLY A 74 -31.20 7.18 -9.28
CA GLY A 74 -31.23 5.83 -9.81
C GLY A 74 -32.64 5.29 -9.95
N ASN A 75 -32.70 4.02 -10.34
CA ASN A 75 -33.97 3.33 -10.60
C ASN A 75 -34.19 2.28 -9.52
N CYS A 76 -35.17 2.51 -8.65
CA CYS A 76 -35.46 1.61 -7.54
C CYS A 76 -36.81 0.96 -7.74
N TYR A 77 -36.92 -0.24 -7.16
CA TYR A 77 -38.10 -1.08 -7.32
C TYR A 77 -38.44 -1.74 -6.01
N ARG A 78 -39.73 -1.85 -5.73
CA ARG A 78 -40.24 -2.54 -4.56
C ARG A 78 -40.81 -3.90 -4.97
N SER A 79 -40.48 -4.92 -4.19
CA SER A 79 -40.93 -6.26 -4.55
C SER A 79 -42.45 -6.39 -4.51
N ARG A 80 -42.98 -7.16 -5.48
CA ARG A 80 -44.41 -7.42 -5.55
C ARG A 80 -44.91 -8.15 -4.31
N PHE A 81 -44.11 -9.10 -3.83
CA PHE A 81 -44.46 -9.90 -2.66
C PHE A 81 -43.45 -9.67 -1.56
N ARG A 82 -43.85 -10.03 -0.35
CA ARG A 82 -42.92 -10.05 0.76
C ARG A 82 -41.87 -11.12 0.52
N MET A 83 -40.61 -10.77 0.78
N MET A 83 -40.61 -10.76 0.71
CA MET A 83 -39.48 -11.67 0.66
CA MET A 83 -39.50 -11.70 0.66
C MET A 83 -39.08 -12.20 2.03
C MET A 83 -39.22 -12.29 2.03
N HIS A 84 -38.51 -13.41 2.03
CA HIS A 84 -38.06 -14.02 3.26
C HIS A 84 -36.64 -13.55 3.52
N ILE A 85 -36.45 -12.78 4.59
CA ILE A 85 -35.16 -12.16 4.84
C ILE A 85 -34.63 -12.60 6.20
N THR A 86 -33.33 -12.36 6.40
CA THR A 86 -32.70 -12.46 7.71
C THR A 86 -31.92 -11.18 7.94
N ASP A 87 -32.22 -10.47 9.03
CA ASP A 87 -31.49 -9.27 9.39
C ASP A 87 -30.37 -9.63 10.36
N CYS A 88 -29.17 -9.12 10.09
CA CYS A 88 -28.00 -9.36 10.91
C CYS A 88 -27.54 -8.05 11.54
N ARG A 89 -27.34 -8.08 12.86
CA ARG A 89 -26.94 -6.86 13.59
C ARG A 89 -25.71 -7.15 14.43
N LEU A 90 -24.65 -6.36 14.22
CA LEU A 90 -23.38 -6.58 14.91
C LEU A 90 -23.56 -6.37 16.40
N THR A 91 -23.02 -7.29 17.19
CA THR A 91 -23.08 -7.17 18.64
C THR A 91 -22.12 -6.09 19.16
N ASN A 92 -22.50 -5.50 20.28
CA ASN A 92 -21.68 -4.45 20.89
C ASN A 92 -20.31 -4.98 21.26
N GLY A 93 -19.28 -4.17 21.00
CA GLY A 93 -17.92 -4.52 21.33
C GLY A 93 -17.19 -5.32 20.26
N SER A 94 -17.88 -5.80 19.24
CA SER A 94 -17.25 -6.58 18.18
C SER A 94 -16.14 -5.76 17.51
N LYS A 95 -15.02 -6.42 17.21
CA LYS A 95 -13.94 -5.81 16.46
C LYS A 95 -13.34 -6.89 15.58
N TYR A 96 -13.21 -6.61 14.28
CA TYR A 96 -12.68 -7.64 13.38
C TYR A 96 -11.36 -8.16 13.94
N PRO A 97 -11.12 -9.48 13.89
CA PRO A 97 -12.00 -10.50 13.30
C PRO A 97 -13.05 -11.11 14.24
N ASN A 98 -13.25 -10.51 15.42
CA ASN A 98 -14.26 -11.01 16.37
C ASN A 98 -15.61 -10.32 16.14
N CYS A 99 -16.23 -10.63 15.01
CA CYS A 99 -17.53 -10.07 14.63
C CYS A 99 -18.63 -11.08 14.93
N ARG A 100 -19.44 -10.84 15.95
CA ARG A 100 -20.60 -11.68 16.19
C ARG A 100 -21.86 -10.87 15.92
N TYR A 101 -22.90 -11.56 15.46
CA TYR A 101 -24.14 -10.92 15.02
C TYR A 101 -25.37 -11.53 15.65
N ARG A 102 -26.35 -10.69 15.94
N ARG A 102 -26.34 -10.68 15.95
CA ARG A 102 -27.71 -11.14 16.22
CA ARG A 102 -27.71 -11.14 16.20
C ARG A 102 -28.42 -11.47 14.91
C ARG A 102 -28.38 -11.50 14.88
N THR A 103 -29.18 -12.57 14.91
CA THR A 103 -29.91 -13.06 13.74
C THR A 103 -31.41 -12.89 13.97
N ARG A 104 -32.10 -12.24 13.04
CA ARG A 104 -33.54 -12.04 13.15
C ARG A 104 -34.23 -12.36 11.82
N PRO A 105 -35.03 -13.43 11.75
CA PRO A 105 -35.80 -13.67 10.53
C PRO A 105 -36.91 -12.66 10.35
N GLY A 106 -37.36 -12.52 9.11
CA GLY A 106 -38.48 -11.63 8.82
C GLY A 106 -39.06 -11.86 7.44
N ARG A 107 -40.21 -11.24 7.17
CA ARG A 107 -40.89 -11.39 5.86
C ARG A 107 -41.43 -10.02 5.45
N ARG A 108 -40.76 -9.34 4.53
CA ARG A 108 -41.20 -8.00 4.15
C ARG A 108 -40.84 -7.70 2.71
N HIS A 109 -41.51 -6.69 2.16
CA HIS A 109 -41.12 -6.21 0.84
C HIS A 109 -39.71 -5.65 0.90
N ILE A 110 -38.97 -5.80 -0.19
CA ILE A 110 -37.63 -5.23 -0.29
C ILE A 110 -37.63 -4.19 -1.40
N ILE A 111 -36.72 -3.23 -1.28
CA ILE A 111 -36.53 -2.20 -2.29
C ILE A 111 -35.07 -2.27 -2.75
N VAL A 112 -34.88 -2.40 -4.06
CA VAL A 112 -33.53 -2.46 -4.61
C VAL A 112 -33.39 -1.48 -5.75
N ALA A 113 -32.17 -0.97 -5.93
CA ALA A 113 -31.79 -0.26 -7.15
C ALA A 113 -31.26 -1.26 -8.15
N CYS A 114 -31.64 -1.07 -9.42
CA CYS A 114 -31.25 -1.94 -10.52
C CYS A 114 -30.53 -1.13 -11.59
N GLU A 115 -29.59 -1.78 -12.27
CA GLU A 115 -28.77 -1.13 -13.27
C GLU A 115 -28.07 -2.20 -14.11
N GLY A 116 -27.70 -1.84 -15.33
CA GLY A 116 -26.72 -2.60 -16.07
C GLY A 116 -27.30 -3.48 -17.15
N SER A 117 -26.41 -4.27 -17.74
CA SER A 117 -26.74 -5.27 -18.74
C SER A 117 -25.99 -6.54 -18.35
N PRO A 118 -26.67 -7.57 -17.83
CA PRO A 118 -28.11 -7.63 -17.56
C PRO A 118 -28.57 -6.67 -16.47
N TYR A 119 -29.87 -6.39 -16.47
CA TYR A 119 -30.46 -5.38 -15.58
C TYR A 119 -30.79 -6.05 -14.25
N VAL A 120 -29.93 -5.85 -13.25
CA VAL A 120 -30.01 -6.63 -12.02
C VAL A 120 -29.85 -5.72 -10.81
N PRO A 121 -30.15 -6.21 -9.61
CA PRO A 121 -29.99 -5.38 -8.41
C PRO A 121 -28.52 -5.04 -8.15
N VAL A 122 -28.28 -3.79 -7.82
CA VAL A 122 -26.94 -3.32 -7.48
C VAL A 122 -26.87 -2.69 -6.10
N HIS A 123 -27.99 -2.39 -5.47
CA HIS A 123 -27.95 -1.78 -4.15
C HIS A 123 -29.21 -2.18 -3.42
N PHE A 124 -29.05 -2.54 -2.15
CA PHE A 124 -30.18 -2.86 -1.29
C PHE A 124 -30.58 -1.55 -0.63
N ASP A 125 -31.84 -1.17 -0.78
CA ASP A 125 -32.30 0.17 -0.37
C ASP A 125 -33.20 0.12 0.85
N MET B 1 6.05 -20.29 7.48
CA MET B 1 6.28 -21.60 6.87
C MET B 1 5.49 -21.71 5.57
N ARG B 2 6.18 -22.20 4.52
CA ARG B 2 5.44 -22.43 3.27
C ARG B 2 4.45 -23.55 3.51
N PRO B 3 3.15 -23.35 3.24
CA PRO B 3 2.18 -24.40 3.36
C PRO B 3 2.59 -25.57 2.47
N PRO B 4 2.54 -26.84 2.92
CA PRO B 4 2.97 -27.96 2.12
C PRO B 4 2.24 -28.19 0.79
N GLN B 5 1.01 -27.73 0.68
CA GLN B 5 0.18 -27.87 -0.54
C GLN B 5 0.67 -26.94 -1.66
N PHE B 6 1.44 -25.92 -1.30
CA PHE B 6 1.91 -24.99 -2.35
C PHE B 6 3.38 -25.22 -2.66
N THR B 7 3.71 -25.07 -3.94
CA THR B 7 5.12 -25.08 -4.34
C THR B 7 5.71 -23.70 -4.02
N ARG B 8 7.02 -23.58 -4.12
CA ARG B 8 7.66 -22.27 -3.85
C ARG B 8 7.10 -21.20 -4.82
N ALA B 9 6.91 -21.57 -6.08
CA ALA B 9 6.36 -20.62 -7.08
C ALA B 9 4.94 -20.22 -6.74
N GLN B 10 4.12 -21.18 -6.27
CA GLN B 10 2.73 -20.81 -5.92
C GLN B 10 2.73 -19.87 -4.71
N TRP B 11 3.55 -20.18 -3.72
CA TRP B 11 3.56 -19.38 -2.48
C TRP B 11 4.14 -17.97 -2.76
N PHE B 12 5.13 -17.90 -3.62
CA PHE B 12 5.63 -16.59 -4.02
C PHE B 12 4.50 -15.74 -4.61
N ALA B 13 3.73 -16.32 -5.51
CA ALA B 13 2.65 -15.56 -6.14
C ALA B 13 1.60 -15.18 -5.11
N ILE B 14 1.25 -16.09 -4.22
CA ILE B 14 0.24 -15.76 -3.22
C ILE B 14 0.70 -14.61 -2.34
N GLN B 15 1.97 -14.64 -1.93
CA GLN B 15 2.46 -13.63 -1.00
C GLN B 15 2.79 -12.30 -1.68
N HIS B 16 3.18 -12.31 -2.96
CA HIS B 16 3.83 -11.14 -3.50
C HIS B 16 3.25 -10.58 -4.78
N ILE B 17 2.30 -11.26 -5.42
CA ILE B 17 1.77 -10.82 -6.70
C ILE B 17 0.29 -10.52 -6.56
N ASP B 18 -0.08 -9.26 -6.75
CA ASP B 18 -1.47 -8.85 -6.90
C ASP B 18 -1.60 -8.52 -8.38
N SER B 19 -1.84 -9.55 -9.19
N SER B 19 -1.81 -9.56 -9.19
CA SER B 19 -1.60 -9.45 -10.62
CA SER B 19 -1.55 -9.45 -10.62
C SER B 19 -2.50 -8.42 -11.28
C SER B 19 -2.48 -8.42 -11.28
N ASP B 20 -1.86 -7.50 -12.02
CA ASP B 20 -2.56 -6.50 -12.83
C ASP B 20 -3.58 -5.73 -12.00
N SER B 21 -3.07 -5.05 -10.98
CA SER B 21 -3.90 -4.26 -10.09
C SER B 21 -3.40 -2.82 -10.04
N SER B 22 -4.29 -1.97 -9.56
CA SER B 22 -3.99 -0.55 -9.43
C SER B 22 -2.79 -0.35 -8.53
N PRO B 23 -1.82 0.47 -8.90
CA PRO B 23 -0.66 0.78 -8.09
C PRO B 23 -1.05 1.59 -6.87
N SER B 24 -2.11 2.36 -7.03
CA SER B 24 -2.56 3.23 -5.94
C SER B 24 -3.55 2.46 -5.09
N SER B 25 -3.17 2.26 -3.85
CA SER B 25 -4.00 1.53 -2.88
C SER B 25 -4.49 2.54 -1.84
N SER B 26 -5.57 2.21 -1.15
CA SER B 26 -5.96 3.07 -0.01
C SER B 26 -5.13 2.70 1.21
N SER B 27 -5.19 3.51 2.27
CA SER B 27 -4.42 3.18 3.50
C SER B 27 -4.82 1.84 4.14
N ARG B 28 -5.97 1.27 3.84
CA ARG B 28 -6.42 -0.02 4.38
C ARG B 28 -5.95 -1.21 3.53
N TYR B 29 -5.25 -0.99 2.41
CA TYR B 29 -4.94 -2.10 1.52
C TYR B 29 -4.21 -3.23 2.24
N CYS B 30 -3.13 -2.90 2.97
CA CYS B 30 -2.31 -3.94 3.57
C CYS B 30 -3.07 -4.71 4.64
N THR B 31 -3.80 -4.01 5.50
CA THR B 31 -4.52 -4.74 6.54
C THR B 31 -5.47 -5.76 5.94
N ILE B 32 -6.11 -5.42 4.83
CA ILE B 32 -7.03 -6.36 4.21
C ILE B 32 -6.26 -7.43 3.44
N ALA B 33 -5.26 -7.01 2.65
CA ALA B 33 -4.53 -7.93 1.78
C ALA B 33 -3.73 -8.97 2.57
N MET B 34 -3.23 -8.61 3.75
CA MET B 34 -2.38 -9.54 4.49
C MET B 34 -3.14 -10.71 5.08
N ARG B 35 -4.46 -10.60 5.20
CA ARG B 35 -5.24 -11.69 5.76
C ARG B 35 -5.04 -12.98 4.97
N ALA B 36 -4.94 -12.88 3.66
CA ALA B 36 -4.77 -14.08 2.85
C ALA B 36 -3.48 -14.81 3.22
N ILE B 37 -2.45 -14.08 3.61
N ILE B 37 -2.45 -14.08 3.62
CA ILE B 37 -1.18 -14.71 3.99
CA ILE B 37 -1.18 -14.71 3.97
C ILE B 37 -1.23 -15.17 5.44
C ILE B 37 -1.18 -15.15 5.43
N ASN B 38 -1.71 -14.30 6.32
CA ASN B 38 -1.74 -14.65 7.74
C ASN B 38 -2.70 -15.79 8.05
N ASN B 39 -3.65 -16.10 7.15
CA ASN B 39 -4.50 -17.28 7.35
C ASN B 39 -3.69 -18.57 7.40
N TYR B 40 -2.47 -18.56 6.87
CA TYR B 40 -1.60 -19.72 6.91
C TYR B 40 -0.60 -19.65 8.05
N ARG B 41 -0.68 -18.62 8.89
CA ARG B 41 0.34 -18.35 9.89
C ARG B 41 -0.22 -18.39 11.31
N TRP B 42 0.69 -18.62 12.27
CA TRP B 42 0.39 -18.51 13.70
C TRP B 42 0.85 -17.18 14.32
N ARG B 43 1.69 -16.41 13.62
CA ARG B 43 2.14 -15.08 14.02
C ARG B 43 1.95 -14.14 12.84
N CYS B 44 1.65 -12.87 13.12
CA CYS B 44 1.52 -11.90 12.02
C CYS B 44 2.83 -11.78 11.27
N LYS B 45 2.77 -11.80 9.94
CA LYS B 45 4.00 -11.56 9.17
C LYS B 45 4.45 -10.12 9.41
N PRO B 46 5.71 -9.89 9.81
CA PRO B 46 6.10 -8.52 10.18
C PRO B 46 6.14 -7.56 9.00
N VAL B 47 6.57 -8.02 7.82
CA VAL B 47 6.68 -7.17 6.64
C VAL B 47 6.33 -7.98 5.41
N ASN B 48 5.83 -7.30 4.38
CA ASN B 48 5.52 -7.99 3.14
C ASN B 48 5.40 -6.97 2.03
N THR B 49 5.84 -7.35 0.83
CA THR B 49 5.73 -6.50 -0.35
C THR B 49 4.86 -7.17 -1.39
N PHE B 50 3.88 -6.44 -1.90
CA PHE B 50 3.08 -6.85 -3.04
C PHE B 50 3.52 -6.09 -4.29
N VAL B 51 3.56 -6.79 -5.41
CA VAL B 51 3.81 -6.20 -6.72
C VAL B 51 2.50 -6.15 -7.49
N HIS B 52 2.24 -5.05 -8.18
CA HIS B 52 0.95 -4.85 -8.85
C HIS B 52 0.95 -5.18 -10.33
N GLU B 53 2.12 -5.36 -10.95
CA GLU B 53 2.21 -5.65 -12.35
C GLU B 53 1.50 -6.96 -12.70
N PRO B 54 1.11 -7.12 -13.96
CA PRO B 54 0.63 -8.43 -14.43
C PRO B 54 1.61 -9.53 -14.06
N LEU B 55 1.08 -10.70 -13.73
CA LEU B 55 1.90 -11.86 -13.39
C LEU B 55 3.02 -12.07 -14.40
N VAL B 56 2.69 -12.03 -15.70
CA VAL B 56 3.71 -12.31 -16.71
C VAL B 56 4.86 -11.31 -16.64
N ASP B 57 4.60 -10.06 -16.23
CA ASP B 57 5.70 -9.10 -16.09
C ASP B 57 6.63 -9.53 -14.97
N VAL B 58 6.08 -10.06 -13.88
CA VAL B 58 6.93 -10.47 -12.78
C VAL B 58 7.72 -11.70 -13.16
N GLN B 59 7.08 -12.66 -13.84
CA GLN B 59 7.80 -13.83 -14.31
C GLN B 59 8.91 -13.46 -15.27
N ASN B 60 8.70 -12.42 -16.05
CA ASN B 60 9.72 -11.98 -17.05
C ASN B 60 10.99 -11.49 -16.36
N VAL B 61 10.93 -11.12 -15.10
CA VAL B 61 12.15 -10.68 -14.43
C VAL B 61 13.20 -11.78 -14.45
N CYS B 62 12.77 -13.05 -14.53
CA CYS B 62 13.69 -14.18 -14.61
C CYS B 62 14.55 -14.16 -15.86
N PHE B 63 14.28 -13.24 -16.78
CA PHE B 63 15.04 -13.10 -18.01
C PHE B 63 15.64 -11.69 -18.14
N GLN B 64 15.75 -10.96 -17.05
CA GLN B 64 16.23 -9.58 -17.07
C GLN B 64 17.65 -9.54 -16.50
N GLU B 65 17.98 -8.67 -15.56
CA GLU B 65 19.38 -8.41 -15.21
C GLU B 65 19.85 -9.43 -14.18
N LYS B 66 20.76 -10.31 -14.56
CA LYS B 66 21.26 -11.28 -13.58
C LYS B 66 22.12 -10.57 -12.55
N VAL B 67 21.86 -10.87 -11.26
CA VAL B 67 22.62 -10.31 -10.16
C VAL B 67 22.93 -11.43 -9.18
N THR B 68 23.95 -11.22 -8.36
CA THR B 68 24.28 -12.22 -7.35
C THR B 68 23.18 -12.27 -6.30
N CYS B 69 22.69 -13.47 -5.99
CA CYS B 69 21.75 -13.61 -4.89
C CYS B 69 22.38 -13.15 -3.58
N LYS B 70 21.55 -12.59 -2.70
CA LYS B 70 22.08 -12.04 -1.45
C LYS B 70 22.87 -13.09 -0.68
N ASN B 71 22.39 -14.33 -0.67
N ASN B 71 22.39 -14.33 -0.65
CA ASN B 71 23.03 -15.41 0.04
CA ASN B 71 23.10 -15.37 0.09
C ASN B 71 24.17 -16.05 -0.73
C ASN B 71 24.12 -16.12 -0.77
N GLY B 72 24.40 -15.62 -1.97
CA GLY B 72 25.43 -16.20 -2.81
C GLY B 72 25.06 -17.49 -3.49
N GLN B 73 23.81 -17.93 -3.39
CA GLN B 73 23.41 -19.26 -3.86
C GLN B 73 22.15 -19.11 -4.71
N GLY B 74 22.20 -19.62 -5.93
CA GLY B 74 21.01 -19.58 -6.77
C GLY B 74 21.13 -18.55 -7.88
N ASN B 75 20.07 -18.46 -8.66
CA ASN B 75 20.00 -17.56 -9.82
C ASN B 75 19.01 -16.46 -9.52
N CYS B 76 19.52 -15.24 -9.39
CA CYS B 76 18.72 -14.08 -9.05
C CYS B 76 18.77 -13.05 -10.17
N TYR B 77 17.70 -12.26 -10.25
CA TYR B 77 17.50 -11.31 -11.33
C TYR B 77 16.88 -10.04 -10.78
N ARG B 78 17.34 -8.91 -11.30
CA ARG B 78 16.83 -7.60 -10.96
C ARG B 78 15.97 -7.12 -12.12
N SER B 79 14.81 -6.55 -11.80
CA SER B 79 13.91 -6.12 -12.86
C SER B 79 14.56 -5.01 -13.69
N ARG B 80 14.31 -5.08 -14.99
CA ARG B 80 14.82 -4.06 -15.91
C ARG B 80 14.25 -2.70 -15.57
N PHE B 81 12.97 -2.65 -15.21
CA PHE B 81 12.29 -1.41 -14.90
C PHE B 81 11.79 -1.45 -13.46
N ARG B 82 11.49 -0.27 -12.94
CA ARG B 82 10.84 -0.16 -11.64
C ARG B 82 9.46 -0.79 -11.70
N MET B 83 9.10 -1.53 -10.66
N MET B 83 9.14 -1.59 -10.67
CA MET B 83 7.77 -2.11 -10.60
CA MET B 83 7.83 -2.17 -10.47
C MET B 83 6.98 -1.46 -9.48
C MET B 83 6.97 -1.26 -9.60
N HIS B 84 5.65 -1.49 -9.64
CA HIS B 84 4.73 -0.79 -8.76
C HIS B 84 4.46 -1.69 -7.57
N ILE B 85 4.88 -1.26 -6.39
CA ILE B 85 4.82 -2.11 -5.21
C ILE B 85 4.01 -1.44 -4.12
N THR B 86 3.57 -2.26 -3.17
CA THR B 86 3.02 -1.78 -1.91
C THR B 86 3.77 -2.49 -0.80
N ASP B 87 4.34 -1.71 0.12
CA ASP B 87 5.02 -2.25 1.30
C ASP B 87 4.05 -2.25 2.48
N CYS B 88 3.99 -3.38 3.16
CA CYS B 88 3.15 -3.55 4.34
C CYS B 88 4.04 -3.76 5.55
N ARG B 89 3.80 -2.99 6.62
CA ARG B 89 4.58 -3.12 7.84
C ARG B 89 3.65 -3.33 9.02
N LEU B 90 3.87 -4.41 9.76
CA LEU B 90 3.04 -4.69 10.93
C LEU B 90 3.20 -3.59 11.97
N THR B 91 2.08 -3.11 12.49
CA THR B 91 2.15 -2.01 13.44
C THR B 91 2.59 -2.55 14.80
N ASN B 92 3.45 -1.79 15.48
CA ASN B 92 3.85 -2.15 16.82
C ASN B 92 2.62 -2.26 17.71
N GLY B 93 2.51 -3.36 18.44
CA GLY B 93 1.34 -3.62 19.23
C GLY B 93 0.40 -4.65 18.63
N SER B 94 0.46 -4.86 17.31
CA SER B 94 -0.32 -5.92 16.70
C SER B 94 0.08 -7.27 17.28
N LYS B 95 -0.91 -8.09 17.57
CA LYS B 95 -0.70 -9.47 17.98
C LYS B 95 -1.74 -10.35 17.31
N TYR B 96 -1.30 -11.46 16.77
CA TYR B 96 -2.19 -12.33 16.02
C TYR B 96 -3.42 -12.64 16.87
N PRO B 97 -4.65 -12.64 16.29
CA PRO B 97 -5.01 -12.44 14.88
C PRO B 97 -5.31 -10.98 14.51
N ASN B 98 -5.01 -10.05 15.42
CA ASN B 98 -5.25 -8.63 15.19
C ASN B 98 -4.02 -8.04 14.51
N CYS B 99 -3.85 -8.43 13.24
CA CYS B 99 -2.69 -8.01 12.46
C CYS B 99 -3.08 -6.74 11.69
N ARG B 100 -2.55 -5.60 12.14
CA ARG B 100 -2.80 -4.30 11.53
C ARG B 100 -1.52 -3.85 10.84
N TYR B 101 -1.65 -3.27 9.65
CA TYR B 101 -0.52 -2.95 8.81
C TYR B 101 -0.55 -1.50 8.35
N ARG B 102 0.63 -0.92 8.23
CA ARG B 102 0.80 0.37 7.57
C ARG B 102 1.06 0.11 6.11
N THR B 103 0.42 0.90 5.25
CA THR B 103 0.50 0.71 3.79
C THR B 103 1.32 1.84 3.19
N ARG B 104 2.33 1.48 2.40
CA ARG B 104 3.15 2.48 1.72
C ARG B 104 3.38 2.08 0.27
N PRO B 105 2.78 2.78 -0.68
CA PRO B 105 3.05 2.49 -2.10
C PRO B 105 4.45 2.94 -2.47
N GLY B 106 4.94 2.37 -3.57
CA GLY B 106 6.28 2.72 -4.02
C GLY B 106 6.54 2.20 -5.41
N ARG B 107 7.67 2.58 -6.01
CA ARG B 107 8.04 2.13 -7.37
C ARG B 107 9.54 1.87 -7.39
N ARG B 108 9.96 0.60 -7.38
CA ARG B 108 11.39 0.32 -7.34
C ARG B 108 11.69 -0.95 -8.11
N HIS B 109 12.97 -1.18 -8.37
CA HIS B 109 13.36 -2.44 -8.95
C HIS B 109 13.18 -3.54 -7.92
N ILE B 110 12.84 -4.73 -8.39
CA ILE B 110 12.73 -5.88 -7.50
C ILE B 110 13.81 -6.89 -7.89
N ILE B 111 14.19 -7.71 -6.93
CA ILE B 111 15.15 -8.79 -7.16
C ILE B 111 14.48 -10.09 -6.75
N VAL B 112 14.46 -11.07 -7.66
CA VAL B 112 13.85 -12.36 -7.36
C VAL B 112 14.83 -13.47 -7.68
N ALA B 113 14.68 -14.59 -6.96
CA ALA B 113 15.34 -15.84 -7.33
C ALA B 113 14.37 -16.63 -8.19
N CYS B 114 14.88 -17.25 -9.25
CA CYS B 114 14.09 -18.03 -10.18
C CYS B 114 14.61 -19.46 -10.26
N GLU B 115 13.69 -20.39 -10.46
CA GLU B 115 14.05 -21.79 -10.53
C GLU B 115 12.90 -22.53 -11.18
N GLY B 116 13.21 -23.69 -11.75
CA GLY B 116 12.22 -24.70 -12.07
C GLY B 116 11.88 -24.76 -13.54
N SER B 117 10.92 -25.63 -13.82
CA SER B 117 10.32 -25.82 -15.14
C SER B 117 8.81 -25.79 -14.97
N PRO B 118 8.14 -24.69 -15.34
CA PRO B 118 8.72 -23.48 -15.93
C PRO B 118 9.59 -22.68 -14.97
N TYR B 119 10.42 -21.83 -15.56
CA TYR B 119 11.45 -21.08 -14.84
C TYR B 119 10.81 -19.79 -14.34
N VAL B 120 10.47 -19.77 -13.05
CA VAL B 120 9.62 -18.70 -12.50
C VAL B 120 10.16 -18.23 -11.16
N PRO B 121 9.69 -17.10 -10.64
CA PRO B 121 10.17 -16.62 -9.33
C PRO B 121 9.73 -17.54 -8.21
N VAL B 122 10.67 -17.79 -7.30
CA VAL B 122 10.40 -18.59 -6.12
C VAL B 122 10.70 -17.85 -4.83
N HIS B 123 11.40 -16.73 -4.88
CA HIS B 123 11.78 -16.04 -3.66
C HIS B 123 11.96 -14.57 -3.99
N PHE B 124 11.47 -13.74 -3.11
CA PHE B 124 11.58 -12.29 -3.25
C PHE B 124 12.80 -11.89 -2.44
N ASP B 125 13.92 -11.58 -3.08
CA ASP B 125 15.17 -11.30 -2.33
C ASP B 125 14.97 -9.94 -1.66
N ALA B 126 14.85 -9.97 -0.32
CA ALA B 126 14.54 -8.86 0.62
C ALA B 126 13.12 -8.38 0.36
N MET C 1 8.80 24.62 29.07
CA MET C 1 8.93 26.06 29.30
C MET C 1 10.40 26.41 29.52
N ARG C 2 10.85 27.48 28.86
CA ARG C 2 12.19 27.98 29.11
C ARG C 2 12.23 28.60 30.50
N PRO C 3 13.16 28.22 31.36
CA PRO C 3 13.24 28.83 32.69
C PRO C 3 13.48 30.32 32.56
N PRO C 4 12.78 31.15 33.33
CA PRO C 4 12.91 32.60 33.15
C PRO C 4 14.33 33.11 33.30
N GLN C 5 15.18 32.43 34.08
CA GLN C 5 16.52 32.94 34.33
C GLN C 5 17.47 32.72 33.16
N PHE C 6 17.08 31.98 32.14
CA PHE C 6 17.95 31.71 30.99
C PHE C 6 17.45 32.46 29.76
N THR C 7 18.38 33.04 29.02
CA THR C 7 18.07 33.52 27.68
C THR C 7 17.81 32.34 26.76
N ARG C 8 17.24 32.63 25.58
CA ARG C 8 17.10 31.60 24.56
C ARG C 8 18.44 30.97 24.22
N ALA C 9 19.50 31.79 24.14
CA ALA C 9 20.81 31.26 23.79
C ALA C 9 21.34 30.35 24.90
N GLN C 10 21.15 30.73 26.16
CA GLN C 10 21.60 29.90 27.25
C GLN C 10 20.83 28.58 27.30
N TRP C 11 19.51 28.64 27.11
CA TRP C 11 18.70 27.42 27.17
C TRP C 11 18.99 26.51 26.00
N PHE C 12 19.28 27.07 24.82
CA PHE C 12 19.70 26.24 23.70
C PHE C 12 20.96 25.47 24.06
N ALA C 13 21.94 26.15 24.67
CA ALA C 13 23.20 25.47 24.99
C ALA C 13 22.99 24.40 26.05
N ILE C 14 22.12 24.67 27.03
CA ILE C 14 21.88 23.66 28.06
C ILE C 14 21.24 22.43 27.46
N GLN C 15 20.27 22.63 26.56
CA GLN C 15 19.53 21.51 26.01
C GLN C 15 20.29 20.76 24.93
N HIS C 16 21.16 21.42 24.19
CA HIS C 16 21.64 20.85 22.93
C HIS C 16 23.15 20.81 22.76
N ILE C 17 23.93 21.43 23.63
CA ILE C 17 25.37 21.50 23.45
C ILE C 17 26.06 20.77 24.58
N ASP C 18 26.77 19.70 24.24
CA ASP C 18 27.69 19.01 25.13
C ASP C 18 29.08 19.32 24.58
N SER C 19 29.60 20.50 24.94
CA SER C 19 30.67 21.11 24.15
C SER C 19 31.93 20.26 24.20
N ASP C 20 32.42 19.88 23.02
CA ASP C 20 33.70 19.18 22.87
C ASP C 20 33.72 17.88 23.68
N SER C 21 32.78 17.01 23.35
CA SER C 21 32.61 15.75 24.07
C SER C 21 32.69 14.59 23.08
N SER C 22 32.93 13.40 23.62
CA SER C 22 33.09 12.23 22.78
C SER C 22 31.82 11.97 21.97
N PRO C 23 31.92 11.73 20.66
CA PRO C 23 30.72 11.33 19.90
C PRO C 23 30.16 10.00 20.33
N SER C 24 31.00 9.09 20.80
CA SER C 24 30.54 7.76 21.17
C SER C 24 30.23 7.75 22.67
N SER C 25 29.05 7.26 23.01
CA SER C 25 28.56 7.27 24.38
C SER C 25 28.23 5.85 24.81
N SER C 26 28.09 5.67 26.11
CA SER C 26 27.46 4.45 26.56
C SER C 26 25.97 4.52 26.27
N SER C 27 25.32 3.37 26.30
CA SER C 27 23.85 3.34 26.19
C SER C 27 23.17 4.08 27.32
N ARG C 28 23.87 4.47 28.38
CA ARG C 28 23.25 5.19 29.48
C ARG C 28 23.36 6.70 29.34
N TYR C 29 24.01 7.18 28.28
CA TYR C 29 24.31 8.61 28.17
C TYR C 29 23.04 9.46 28.25
N CYS C 30 22.01 9.12 27.47
CA CYS C 30 20.83 9.99 27.43
C CYS C 30 20.08 9.99 28.76
N THR C 31 19.91 8.83 29.38
CA THR C 31 19.21 8.81 30.65
C THR C 31 19.91 9.68 31.68
N ILE C 32 21.24 9.74 31.64
CA ILE C 32 21.95 10.59 32.59
C ILE C 32 21.89 12.05 32.15
N ALA C 33 22.18 12.31 30.87
CA ALA C 33 22.30 13.68 30.37
C ALA C 33 20.96 14.44 30.39
N MET C 34 19.84 13.73 30.21
CA MET C 34 18.56 14.43 30.15
C MET C 34 18.13 14.98 31.50
N ARG C 35 18.72 14.51 32.60
CA ARG C 35 18.35 14.99 33.92
C ARG C 35 18.57 16.50 34.04
N ALA C 36 19.65 17.02 33.44
CA ALA C 36 19.91 18.45 33.54
C ALA C 36 18.78 19.28 32.94
N ILE C 37 18.10 18.75 31.93
CA ILE C 37 16.98 19.44 31.29
C ILE C 37 15.69 19.21 32.08
N ASN C 38 15.43 17.95 32.42
CA ASN C 38 14.17 17.61 33.06
C ASN C 38 14.08 18.19 34.47
N ASN C 39 15.21 18.58 35.07
CA ASN C 39 15.16 19.26 36.36
C ASN C 39 14.37 20.55 36.30
N TYR C 40 14.19 21.11 35.11
CA TYR C 40 13.41 22.32 34.91
C TYR C 40 12.00 22.03 34.42
N ARG C 41 11.62 20.76 34.30
CA ARG C 41 10.36 20.36 33.68
C ARG C 41 9.47 19.62 34.68
N TRP C 42 8.17 19.61 34.38
CA TRP C 42 7.18 18.79 35.09
C TRP C 42 6.83 17.50 34.37
N ARG C 43 7.14 17.38 33.07
CA ARG C 43 6.99 16.12 32.35
C ARG C 43 8.28 15.82 31.59
N CYS C 44 8.59 14.53 31.44
CA CYS C 44 9.81 14.16 30.71
C CYS C 44 9.78 14.72 29.29
N LYS C 45 10.90 15.31 28.86
CA LYS C 45 10.98 15.76 27.48
C LYS C 45 10.95 14.55 26.55
N PRO C 46 10.06 14.51 25.56
CA PRO C 46 9.90 13.28 24.76
C PRO C 46 11.11 12.94 23.90
N VAL C 47 11.73 13.92 23.25
N VAL C 47 11.73 13.93 23.27
CA VAL C 47 12.90 13.71 22.42
CA VAL C 47 12.89 13.73 22.40
C VAL C 47 13.86 14.88 22.62
C VAL C 47 13.85 14.89 22.58
N ASN C 48 15.15 14.62 22.42
CA ASN C 48 16.14 15.67 22.51
C ASN C 48 17.41 15.24 21.79
N THR C 49 18.09 16.21 21.20
N THR C 49 18.10 16.22 21.21
CA THR C 49 19.32 15.98 20.46
CA THR C 49 19.34 15.97 20.48
C THR C 49 20.46 16.79 21.08
C THR C 49 20.46 16.78 21.09
N PHE C 50 21.57 16.12 21.38
CA PHE C 50 22.80 16.76 21.85
C PHE C 50 23.81 16.76 20.73
N VAL C 51 24.54 17.87 20.61
CA VAL C 51 25.65 18.02 19.68
C VAL C 51 26.95 17.96 20.47
N HIS C 52 27.94 17.23 19.95
CA HIS C 52 29.19 16.99 20.69
C HIS C 52 30.33 17.90 20.28
N GLU C 53 30.22 18.61 19.15
CA GLU C 53 31.28 19.46 18.69
C GLU C 53 31.59 20.57 19.70
N PRO C 54 32.78 21.14 19.65
CA PRO C 54 33.05 22.35 20.43
C PRO C 54 32.00 23.42 20.20
N LEU C 55 31.67 24.14 21.28
CA LEU C 55 30.66 25.20 21.20
C LEU C 55 30.89 26.13 20.01
N VAL C 56 32.14 26.54 19.78
N VAL C 56 32.14 26.54 19.78
CA VAL C 56 32.40 27.49 18.70
CA VAL C 56 32.38 27.49 18.70
C VAL C 56 31.97 26.92 17.35
C VAL C 56 31.96 26.92 17.36
N ASP C 57 32.09 25.60 17.16
CA ASP C 57 31.66 25.00 15.89
C ASP C 57 30.15 25.14 15.71
N VAL C 58 29.39 24.99 16.78
CA VAL C 58 27.94 25.12 16.65
C VAL C 58 27.58 26.57 16.40
N GLN C 59 28.22 27.50 17.11
CA GLN C 59 27.97 28.91 16.85
C GLN C 59 28.31 29.28 15.43
N ASN C 60 29.32 28.62 14.85
CA ASN C 60 29.71 28.93 13.48
C ASN C 60 28.64 28.56 12.46
N VAL C 61 27.71 27.68 12.82
N VAL C 61 27.69 27.68 12.81
CA VAL C 61 26.64 27.34 11.88
CA VAL C 61 26.64 27.36 11.86
C VAL C 61 25.86 28.59 11.49
C VAL C 61 25.81 28.58 11.52
N CYS C 62 25.80 29.59 12.39
CA CYS C 62 25.11 30.85 12.11
C CYS C 62 25.71 31.60 10.94
N PHE C 63 26.84 31.15 10.41
CA PHE C 63 27.50 31.77 9.26
C PHE C 63 27.66 30.80 8.11
N GLN C 64 26.88 29.71 8.12
CA GLN C 64 26.98 28.69 7.08
C GLN C 64 25.77 28.76 6.17
N GLU C 65 25.17 27.64 5.79
CA GLU C 65 24.19 27.68 4.70
C GLU C 65 22.85 28.20 5.19
N LYS C 66 22.40 29.33 4.66
CA LYS C 66 21.10 29.85 5.06
C LYS C 66 19.98 29.01 4.46
N VAL C 67 19.03 28.60 5.30
CA VAL C 67 17.89 27.79 4.90
C VAL C 67 16.64 28.38 5.55
N THR C 68 15.48 27.95 5.06
CA THR C 68 14.22 28.41 5.62
C THR C 68 13.96 27.68 6.93
N CYS C 69 13.63 28.44 7.98
CA CYS C 69 13.23 27.80 9.23
C CYS C 69 11.96 26.99 9.02
N LYS C 70 11.83 25.92 9.80
CA LYS C 70 10.69 25.02 9.64
C LYS C 70 9.37 25.77 9.75
N ASN C 71 9.28 26.76 10.66
CA ASN C 71 8.04 27.52 10.82
C ASN C 71 7.96 28.75 9.91
N GLY C 72 8.90 28.92 8.98
CA GLY C 72 8.90 30.07 8.10
C GLY C 72 9.19 31.39 8.78
N GLN C 73 9.70 31.37 10.02
CA GLN C 73 9.89 32.57 10.83
C GLN C 73 11.31 32.54 11.38
N GLY C 74 12.10 33.58 11.11
CA GLY C 74 13.42 33.62 11.69
C GLY C 74 14.51 33.33 10.68
N ASN C 75 15.76 33.37 11.17
CA ASN C 75 16.95 33.15 10.35
C ASN C 75 17.58 31.83 10.75
N CYS C 76 17.50 30.84 9.86
CA CYS C 76 18.02 29.50 10.10
C CYS C 76 19.15 29.18 9.16
N TYR C 77 20.02 28.27 9.62
CA TYR C 77 21.27 27.94 8.95
C TYR C 77 21.49 26.44 9.08
N ARG C 78 21.98 25.83 8.02
CA ARG C 78 22.30 24.41 8.00
C ARG C 78 23.81 24.24 8.06
N SER C 79 24.28 23.35 8.89
CA SER C 79 25.72 23.22 9.07
C SER C 79 26.39 22.79 7.77
N ARG C 80 27.59 23.34 7.54
CA ARG C 80 28.39 23.02 6.37
C ARG C 80 28.78 21.55 6.36
N PHE C 81 29.12 21.02 7.53
CA PHE C 81 29.54 19.63 7.68
C PHE C 81 28.56 18.90 8.58
N ARG C 82 28.59 17.57 8.51
CA ARG C 82 27.81 16.77 9.43
C ARG C 82 28.35 16.93 10.85
N MET C 83 27.46 17.17 11.80
N MET C 83 27.46 17.14 11.81
CA MET C 83 27.81 17.21 13.21
CA MET C 83 27.83 17.21 13.21
C MET C 83 27.72 15.82 13.82
C MET C 83 27.66 15.84 13.86
N HIS C 84 28.37 15.65 14.97
CA HIS C 84 28.26 14.43 15.75
C HIS C 84 27.19 14.65 16.81
N ILE C 85 26.11 13.88 16.73
CA ILE C 85 24.95 14.12 17.58
C ILE C 85 24.60 12.84 18.32
N THR C 86 23.80 13.01 19.37
CA THR C 86 23.16 11.90 20.04
C THR C 86 21.68 12.23 20.17
N ASP C 87 20.83 11.34 19.66
CA ASP C 87 19.38 11.49 19.78
C ASP C 87 18.93 10.70 21.00
N CYS C 88 18.12 11.35 21.84
CA CYS C 88 17.55 10.75 23.04
C CYS C 88 16.04 10.63 22.84
N ARG C 89 15.51 9.43 23.03
N ARG C 89 15.51 9.43 22.99
CA ARG C 89 14.08 9.17 22.85
CA ARG C 89 14.09 9.17 22.85
C ARG C 89 13.52 8.60 24.14
C ARG C 89 13.54 8.61 24.16
N LEU C 90 12.49 9.26 24.68
CA LEU C 90 11.86 8.80 25.90
C LEU C 90 11.20 7.44 25.69
N THR C 91 11.50 6.48 26.56
CA THR C 91 10.91 5.16 26.44
C THR C 91 9.43 5.19 26.82
N ASN C 92 8.63 4.38 26.13
CA ASN C 92 7.22 4.29 26.45
C ASN C 92 7.05 3.88 27.92
N GLY C 93 6.00 4.41 28.55
CA GLY C 93 5.76 4.15 29.95
C GLY C 93 6.61 4.94 30.91
N SER C 94 7.69 5.57 30.44
CA SER C 94 8.39 6.55 31.25
C SER C 94 7.41 7.61 31.72
N LYS C 95 7.39 7.85 33.02
CA LYS C 95 6.58 8.91 33.60
C LYS C 95 7.42 9.66 34.60
N TYR C 96 7.37 10.99 34.52
CA TYR C 96 8.20 11.82 35.38
C TYR C 96 8.02 11.39 36.84
N PRO C 97 9.10 11.34 37.64
CA PRO C 97 10.49 11.70 37.33
C PRO C 97 11.31 10.53 36.77
N ASN C 98 10.64 9.42 36.45
CA ASN C 98 11.30 8.22 35.95
C ASN C 98 11.45 8.34 34.44
N CYS C 99 12.31 9.27 34.03
CA CYS C 99 12.55 9.55 32.62
C CYS C 99 13.71 8.69 32.13
N ARG C 100 13.40 7.65 31.37
CA ARG C 100 14.40 6.77 30.82
C ARG C 100 14.45 7.00 29.32
N TYR C 101 15.66 7.00 28.75
CA TYR C 101 15.84 7.35 27.36
C TYR C 101 16.63 6.28 26.63
N ARG C 102 16.27 6.06 25.36
CA ARG C 102 17.14 5.35 24.44
C ARG C 102 18.16 6.31 23.86
N THR C 103 19.39 5.83 23.71
CA THR C 103 20.51 6.64 23.23
C THR C 103 20.91 6.14 21.84
N ARG C 104 20.97 7.07 20.88
CA ARG C 104 21.41 6.69 19.54
C ARG C 104 22.37 7.72 18.96
N PRO C 105 23.63 7.37 18.80
CA PRO C 105 24.58 8.30 18.18
C PRO C 105 24.25 8.48 16.70
N GLY C 106 24.72 9.57 16.15
CA GLY C 106 24.49 9.85 14.73
C GLY C 106 25.41 10.94 14.21
N ARG C 107 25.46 11.06 12.89
N ARG C 107 25.49 11.06 12.89
CA ARG C 107 26.31 12.06 12.21
CA ARG C 107 26.33 12.07 12.23
C ARG C 107 25.46 12.69 11.11
C ARG C 107 25.47 12.69 11.13
N ARG C 108 24.95 13.89 11.33
N ARG C 108 24.96 13.90 11.34
CA ARG C 108 24.12 14.52 10.28
CA ARG C 108 24.12 14.52 10.29
C ARG C 108 24.23 16.04 10.36
C ARG C 108 24.23 16.04 10.37
N HIS C 109 23.77 16.71 9.31
N HIS C 109 23.77 16.71 9.32
CA HIS C 109 23.79 18.19 9.27
CA HIS C 109 23.79 18.19 9.27
C HIS C 109 22.70 18.71 10.21
C HIS C 109 22.70 18.71 10.21
N ILE C 110 23.01 19.76 10.96
CA ILE C 110 22.00 20.33 11.87
C ILE C 110 21.52 21.67 11.32
N ILE C 111 20.32 22.02 11.69
CA ILE C 111 19.73 23.30 11.32
C ILE C 111 19.38 24.02 12.60
N VAL C 112 19.88 25.24 12.76
CA VAL C 112 19.58 26.05 13.93
C VAL C 112 19.07 27.41 13.48
N ALA C 113 18.26 28.02 14.33
CA ALA C 113 17.94 29.44 14.18
C ALA C 113 18.91 30.25 15.02
N CYS C 114 19.36 31.38 14.47
CA CYS C 114 20.30 32.24 15.17
C CYS C 114 19.73 33.64 15.33
N GLU C 115 20.09 34.29 16.42
N GLU C 115 20.21 34.36 16.34
CA GLU C 115 19.60 35.64 16.69
CA GLU C 115 19.57 35.58 16.77
C GLU C 115 20.49 36.27 17.74
C GLU C 115 20.43 36.26 17.81
N GLY C 116 20.47 37.60 17.78
CA GLY C 116 20.98 38.36 18.90
C GLY C 116 22.36 38.96 18.68
N SER C 117 22.87 39.54 19.76
CA SER C 117 24.21 40.12 19.84
C SER C 117 24.85 39.59 21.11
N PRO C 118 25.80 38.65 21.04
CA PRO C 118 26.32 38.04 19.81
C PRO C 118 25.30 37.17 19.10
N TYR C 119 25.58 36.90 17.82
CA TYR C 119 24.64 36.24 16.93
C TYR C 119 24.85 34.73 17.09
N VAL C 120 23.96 34.09 17.84
CA VAL C 120 24.22 32.71 18.28
C VAL C 120 22.96 31.86 18.11
N PRO C 121 23.09 30.54 18.19
CA PRO C 121 21.91 29.68 18.07
C PRO C 121 20.94 29.86 19.22
N VAL C 122 19.65 29.95 18.87
CA VAL C 122 18.59 30.08 19.87
C VAL C 122 17.54 29.00 19.74
N HIS C 123 17.55 28.20 18.68
CA HIS C 123 16.55 27.16 18.51
C HIS C 123 17.15 26.05 17.65
N PHE C 124 16.90 24.81 18.04
CA PHE C 124 17.34 23.64 17.30
C PHE C 124 16.18 23.22 16.43
N ASP C 125 16.44 23.08 15.13
CA ASP C 125 15.37 22.91 14.17
C ASP C 125 15.24 21.46 13.72
N ALA C 126 15.84 20.54 14.48
CA ALA C 126 15.57 19.10 14.46
C ALA C 126 14.87 18.59 13.21
N MET D 1 -8.99 16.80 -11.22
CA MET D 1 -10.02 16.47 -10.25
C MET D 1 -10.74 17.74 -9.81
N ARG D 2 -12.04 17.62 -9.57
CA ARG D 2 -12.81 18.81 -9.18
C ARG D 2 -12.46 19.21 -7.76
N PRO D 3 -12.11 20.46 -7.51
CA PRO D 3 -11.87 20.92 -6.14
C PRO D 3 -13.12 20.75 -5.29
N PRO D 4 -12.99 20.25 -4.06
CA PRO D 4 -14.17 19.92 -3.26
C PRO D 4 -15.13 21.08 -3.05
N GLN D 5 -14.64 22.31 -3.03
CA GLN D 5 -15.47 23.48 -2.73
C GLN D 5 -16.40 23.86 -3.88
N PHE D 6 -16.26 23.25 -5.06
CA PHE D 6 -17.08 23.59 -6.22
C PHE D 6 -18.00 22.44 -6.59
N THR D 7 -19.25 22.78 -6.92
CA THR D 7 -20.15 21.83 -7.55
C THR D 7 -19.68 21.56 -8.98
N ARG D 8 -20.21 20.49 -9.57
CA ARG D 8 -19.89 20.23 -10.97
C ARG D 8 -20.24 21.43 -11.83
N ALA D 9 -21.40 22.06 -11.57
CA ALA D 9 -21.80 23.19 -12.40
C ALA D 9 -20.85 24.37 -12.24
N GLN D 10 -20.41 24.64 -11.01
CA GLN D 10 -19.47 25.74 -10.79
C GLN D 10 -18.14 25.48 -11.46
N TRP D 11 -17.65 24.25 -11.36
CA TRP D 11 -16.36 23.90 -11.93
C TRP D 11 -16.42 23.92 -13.47
N PHE D 12 -17.55 23.51 -14.04
CA PHE D 12 -17.70 23.65 -15.49
C PHE D 12 -17.56 25.11 -15.91
N ALA D 13 -18.22 26.01 -15.18
CA ALA D 13 -18.19 27.42 -15.58
C ALA D 13 -16.79 28.01 -15.40
N ILE D 14 -16.10 27.66 -14.31
CA ILE D 14 -14.73 28.11 -14.13
C ILE D 14 -13.84 27.62 -15.26
N GLN D 15 -13.99 26.35 -15.64
CA GLN D 15 -13.09 25.81 -16.64
C GLN D 15 -13.43 26.23 -18.06
N HIS D 16 -14.71 26.48 -18.36
CA HIS D 16 -15.11 26.52 -19.76
C HIS D 16 -15.90 27.74 -20.17
N ILE D 17 -16.33 28.61 -19.26
CA ILE D 17 -17.17 29.73 -19.62
C ILE D 17 -16.42 31.02 -19.35
N ASP D 18 -16.13 31.76 -20.42
CA ASP D 18 -15.63 33.13 -20.32
C ASP D 18 -16.77 34.01 -20.81
N SER D 19 -17.72 34.29 -19.91
CA SER D 19 -19.03 34.77 -20.32
C SER D 19 -18.94 36.11 -21.05
N ASP D 20 -19.52 36.14 -22.25
CA ASP D 20 -19.67 37.37 -23.02
C ASP D 20 -18.33 38.06 -23.22
N SER D 21 -17.43 37.33 -23.88
CA SER D 21 -16.08 37.82 -24.09
C SER D 21 -15.76 37.77 -25.58
N SER D 22 -14.73 38.53 -25.97
CA SER D 22 -14.36 38.62 -27.38
C SER D 22 -13.96 37.26 -27.93
N PRO D 23 -14.50 36.85 -29.09
CA PRO D 23 -14.02 35.59 -29.70
C PRO D 23 -12.56 35.63 -30.09
N SER D 24 -12.03 36.80 -30.43
CA SER D 24 -10.64 36.87 -30.86
C SER D 24 -9.81 37.19 -29.63
N SER D 25 -8.84 36.35 -29.36
CA SER D 25 -8.08 36.41 -28.14
C SER D 25 -6.62 36.60 -28.50
N SER D 26 -5.93 37.43 -27.72
N SER D 26 -5.93 37.42 -27.70
CA SER D 26 -4.49 37.57 -27.91
CA SER D 26 -4.49 37.54 -27.81
C SER D 26 -3.85 36.20 -27.93
C SER D 26 -3.85 36.16 -27.91
N SER D 27 -2.66 36.11 -28.51
CA SER D 27 -1.93 34.85 -28.50
C SER D 27 -1.55 34.43 -27.09
N ARG D 28 -1.59 35.41 -26.08
CA ARG D 28 -1.27 35.06 -24.71
C ARG D 28 -2.50 34.63 -23.93
N TYR D 29 -3.69 34.61 -24.49
CA TYR D 29 -4.93 34.42 -23.73
C TYR D 29 -4.89 33.14 -22.90
N CYS D 30 -4.53 32.00 -23.52
CA CYS D 30 -4.60 30.73 -22.81
C CYS D 30 -3.60 30.66 -21.67
N THR D 31 -2.37 31.11 -21.90
CA THR D 31 -1.38 31.07 -20.81
C THR D 31 -1.88 31.84 -19.59
N ILE D 32 -2.52 32.99 -19.82
CA ILE D 32 -3.06 33.76 -18.70
C ILE D 32 -4.31 33.10 -18.12
N ALA D 33 -5.26 32.70 -19.00
CA ALA D 33 -6.54 32.20 -18.53
C ALA D 33 -6.42 30.87 -17.80
N MET D 34 -5.46 30.03 -18.19
CA MET D 34 -5.39 28.70 -17.59
C MET D 34 -4.92 28.75 -16.13
N ARG D 35 -4.32 29.86 -15.69
CA ARG D 35 -3.84 29.95 -14.32
C ARG D 35 -4.97 29.80 -13.31
N ALA D 36 -6.15 30.37 -13.63
CA ALA D 36 -7.29 30.25 -12.73
C ALA D 36 -7.68 28.81 -12.50
N ILE D 37 -7.50 27.95 -13.51
CA ILE D 37 -7.79 26.52 -13.39
C ILE D 37 -6.64 25.81 -12.71
N ASN D 38 -5.42 26.02 -13.20
CA ASN D 38 -4.28 25.26 -12.70
C ASN D 38 -3.94 25.59 -11.26
N ASN D 39 -4.39 26.75 -10.74
CA ASN D 39 -4.16 27.05 -9.32
C ASN D 39 -4.81 26.04 -8.40
N TYR D 40 -5.83 25.32 -8.89
CA TYR D 40 -6.51 24.29 -8.12
C TYR D 40 -6.01 22.90 -8.40
N ARG D 41 -5.08 22.83 -9.32
CA ARG D 41 -4.65 21.51 -9.80
C ARG D 41 -3.26 21.17 -9.32
N TRP D 42 -3.06 19.87 -9.38
CA TRP D 42 -1.79 19.24 -9.05
C TRP D 42 -0.82 19.50 -10.22
N ARG D 43 -1.13 19.11 -11.45
CA ARG D 43 -0.29 19.28 -12.66
C ARG D 43 -1.02 20.15 -13.70
N CYS D 44 -0.31 20.74 -14.67
CA CYS D 44 -0.93 21.57 -15.70
C CYS D 44 -1.99 20.77 -16.46
N LYS D 45 -3.17 21.34 -16.65
CA LYS D 45 -4.18 20.67 -17.50
C LYS D 45 -3.70 20.67 -18.95
N PRO D 46 -3.64 19.52 -19.63
CA PRO D 46 -3.01 19.52 -20.96
C PRO D 46 -3.82 20.23 -22.03
N VAL D 47 -5.15 20.16 -21.99
CA VAL D 47 -5.99 20.73 -23.03
C VAL D 47 -7.23 21.30 -22.37
N ASN D 48 -7.68 22.44 -22.88
CA ASN D 48 -8.90 23.02 -22.33
C ASN D 48 -9.55 23.92 -23.37
N THR D 49 -10.89 23.95 -23.36
CA THR D 49 -11.67 24.78 -24.26
C THR D 49 -12.48 25.79 -23.46
N PHE D 50 -12.42 27.05 -23.86
CA PHE D 50 -13.26 28.11 -23.30
C PHE D 50 -14.29 28.51 -24.34
N VAL D 51 -15.51 28.79 -23.89
CA VAL D 51 -16.59 29.32 -24.73
C VAL D 51 -16.78 30.80 -24.40
N HIS D 52 -16.97 31.62 -25.44
CA HIS D 52 -17.04 33.07 -25.23
C HIS D 52 -18.45 33.65 -25.17
N GLU D 53 -19.47 32.89 -25.57
CA GLU D 53 -20.83 33.41 -25.58
C GLU D 53 -21.27 33.79 -24.17
N PRO D 54 -22.28 34.65 -24.06
CA PRO D 54 -22.92 34.89 -22.77
C PRO D 54 -23.30 33.57 -22.09
N LEU D 55 -23.16 33.55 -20.77
CA LEU D 55 -23.47 32.37 -19.97
C LEU D 55 -24.82 31.76 -20.32
N VAL D 56 -25.86 32.58 -20.44
CA VAL D 56 -27.19 32.02 -20.69
C VAL D 56 -27.24 31.27 -22.01
N ASP D 57 -26.45 31.68 -23.01
CA ASP D 57 -26.38 30.94 -24.27
C ASP D 57 -25.83 29.54 -24.06
N VAL D 58 -24.83 29.42 -23.17
CA VAL D 58 -24.26 28.10 -22.90
C VAL D 58 -25.25 27.26 -22.11
N GLN D 59 -25.88 27.87 -21.10
CA GLN D 59 -26.89 27.11 -20.35
C GLN D 59 -28.03 26.66 -21.25
N ASN D 60 -28.35 27.45 -22.29
CA ASN D 60 -29.43 27.08 -23.21
C ASN D 60 -29.13 25.82 -24.00
N VAL D 61 -27.86 25.41 -24.11
CA VAL D 61 -27.58 24.19 -24.86
C VAL D 61 -28.29 23.00 -24.23
N CYS D 62 -28.54 23.05 -22.91
CA CYS D 62 -29.26 22.00 -22.22
C CYS D 62 -30.70 21.82 -22.72
N PHE D 63 -31.18 22.74 -23.57
CA PHE D 63 -32.52 22.68 -24.13
C PHE D 63 -32.49 22.62 -25.66
N GLN D 64 -31.37 22.25 -26.25
CA GLN D 64 -31.20 22.22 -27.69
C GLN D 64 -31.19 20.77 -28.16
N GLU D 65 -30.25 20.33 -28.99
CA GLU D 65 -30.37 19.02 -29.63
C GLU D 65 -29.89 17.91 -28.70
N LYS D 66 -30.79 17.01 -28.30
CA LYS D 66 -30.37 15.90 -27.45
C LYS D 66 -29.57 14.89 -28.26
N VAL D 67 -28.42 14.47 -27.71
CA VAL D 67 -27.55 13.48 -28.34
C VAL D 67 -27.15 12.49 -27.26
N THR D 68 -26.54 11.39 -27.69
CA THR D 68 -26.04 10.42 -26.73
C THR D 68 -24.65 10.82 -26.24
N CYS D 69 -24.37 10.52 -24.98
CA CYS D 69 -23.10 10.91 -24.38
C CYS D 69 -21.97 10.00 -24.83
N LYS D 70 -20.76 10.56 -24.87
CA LYS D 70 -19.59 9.79 -25.27
C LYS D 70 -19.44 8.51 -24.45
N ASN D 71 -19.67 8.61 -23.14
CA ASN D 71 -19.61 7.46 -22.24
C ASN D 71 -20.96 6.77 -22.07
N GLY D 72 -21.96 7.16 -22.88
CA GLY D 72 -23.19 6.40 -23.00
C GLY D 72 -24.17 6.57 -21.87
N GLN D 73 -23.93 7.52 -20.96
CA GLN D 73 -24.68 7.59 -19.71
C GLN D 73 -24.87 9.07 -19.36
N GLY D 74 -26.11 9.49 -19.18
CA GLY D 74 -26.40 10.87 -18.85
C GLY D 74 -27.07 11.57 -20.01
N ASN D 75 -27.41 12.84 -19.77
CA ASN D 75 -28.17 13.64 -20.73
C ASN D 75 -27.21 14.65 -21.35
N CYS D 76 -26.88 14.42 -22.62
CA CYS D 76 -25.98 15.28 -23.38
C CYS D 76 -26.75 16.02 -24.46
N TYR D 77 -26.23 17.20 -24.81
CA TYR D 77 -26.90 18.08 -25.75
C TYR D 77 -25.86 18.74 -26.64
N ARG D 78 -26.20 18.88 -27.91
CA ARG D 78 -25.37 19.57 -28.89
C ARG D 78 -25.98 20.93 -29.19
N SER D 79 -25.13 21.95 -29.24
CA SER D 79 -25.63 23.31 -29.44
C SER D 79 -26.30 23.48 -30.80
N ARG D 80 -27.35 24.28 -30.80
CA ARG D 80 -28.07 24.62 -32.04
C ARG D 80 -27.17 25.36 -33.01
N PHE D 81 -26.34 26.27 -32.52
CA PHE D 81 -25.46 27.08 -33.35
C PHE D 81 -24.01 26.78 -32.99
N ARG D 82 -23.13 27.13 -33.91
CA ARG D 82 -21.70 27.08 -33.59
C ARG D 82 -21.39 28.10 -32.51
N MET D 83 -20.62 27.70 -31.51
CA MET D 83 -20.18 28.60 -30.47
C MET D 83 -18.79 29.15 -30.81
N HIS D 84 -18.47 30.28 -30.21
CA HIS D 84 -17.14 30.87 -30.37
C HIS D 84 -16.27 30.33 -29.24
N ILE D 85 -15.25 29.56 -29.59
CA ILE D 85 -14.44 28.88 -28.59
C ILE D 85 -12.99 29.29 -28.73
N THR D 86 -12.22 29.00 -27.69
CA THR D 86 -10.75 29.06 -27.77
C THR D 86 -10.21 27.76 -27.22
N ASP D 87 -9.39 27.07 -28.01
CA ASP D 87 -8.73 25.85 -27.59
C ASP D 87 -7.35 26.18 -27.03
N CYS D 88 -7.04 25.66 -25.85
CA CYS D 88 -5.76 25.86 -25.19
C CYS D 88 -5.01 24.53 -25.14
N ARG D 89 -3.76 24.51 -25.60
CA ARG D 89 -2.96 23.29 -25.60
C ARG D 89 -1.65 23.55 -24.90
N LEU D 90 -1.36 22.74 -23.88
CA LEU D 90 -0.13 22.85 -23.11
C LEU D 90 1.09 22.63 -24.02
N THR D 91 2.07 23.53 -23.93
CA THR D 91 3.27 23.38 -24.74
C THR D 91 4.10 22.22 -24.25
N ASN D 92 4.72 21.50 -25.19
CA ASN D 92 5.60 20.40 -24.84
C ASN D 92 6.72 20.91 -23.95
N GLY D 93 6.87 20.32 -22.78
CA GLY D 93 7.88 20.71 -21.83
C GLY D 93 7.38 21.58 -20.69
N SER D 94 6.21 22.22 -20.86
CA SER D 94 5.60 22.95 -19.76
C SER D 94 5.40 22.01 -18.57
N LYS D 95 6.00 22.36 -17.44
CA LYS D 95 5.80 21.64 -16.19
C LYS D 95 5.38 22.64 -15.13
N TYR D 96 4.38 22.29 -14.33
CA TYR D 96 3.86 23.19 -13.32
C TYR D 96 5.00 23.75 -12.47
N PRO D 97 4.92 25.04 -12.05
CA PRO D 97 3.82 25.97 -12.30
C PRO D 97 4.06 26.79 -13.56
N ASN D 98 5.07 26.39 -14.35
CA ASN D 98 5.40 27.08 -15.59
C ASN D 98 4.60 26.47 -16.73
N CYS D 99 3.28 26.69 -16.66
CA CYS D 99 2.35 26.15 -17.66
C CYS D 99 2.15 27.19 -18.76
N ARG D 100 2.65 26.89 -19.95
CA ARG D 100 2.50 27.73 -21.12
C ARG D 100 1.58 27.04 -22.10
N TYR D 101 0.73 27.82 -22.78
CA TYR D 101 -0.28 27.26 -23.67
C TYR D 101 -0.24 27.92 -25.04
N ARG D 102 -0.56 27.12 -26.05
CA ARG D 102 -0.93 27.64 -27.36
C ARG D 102 -2.41 27.99 -27.40
N THR D 103 -2.73 29.14 -27.98
CA THR D 103 -4.09 29.66 -28.10
C THR D 103 -4.58 29.52 -29.54
N ARG D 104 -5.72 28.87 -29.70
CA ARG D 104 -6.32 28.73 -31.05
C ARG D 104 -7.83 29.01 -31.01
N PRO D 105 -8.29 30.12 -31.59
CA PRO D 105 -9.71 30.38 -31.67
C PRO D 105 -10.40 29.46 -32.68
N GLY D 106 -11.71 29.33 -32.52
CA GLY D 106 -12.48 28.47 -33.41
C GLY D 106 -13.97 28.67 -33.24
N ARG D 107 -14.73 28.06 -34.12
CA ARG D 107 -16.18 28.22 -34.11
C ARG D 107 -16.72 26.80 -34.34
N ARG D 108 -17.37 26.23 -33.36
CA ARG D 108 -17.93 24.88 -33.55
C ARG D 108 -19.11 24.59 -32.63
N HIS D 109 -19.85 23.56 -32.97
CA HIS D 109 -20.92 23.11 -32.08
C HIS D 109 -20.26 22.48 -30.85
N ILE D 110 -20.85 22.68 -29.70
CA ILE D 110 -20.33 22.08 -28.48
C ILE D 110 -21.35 21.06 -28.01
N ILE D 111 -20.87 20.07 -27.28
CA ILE D 111 -21.73 19.04 -26.70
C ILE D 111 -21.47 19.03 -25.20
N VAL D 112 -22.53 19.15 -24.42
CA VAL D 112 -22.39 19.21 -22.96
C VAL D 112 -23.33 18.19 -22.33
N ALA D 113 -22.93 17.69 -21.17
CA ALA D 113 -23.83 16.94 -20.30
C ALA D 113 -24.48 17.94 -19.34
N CYS D 114 -25.78 17.77 -19.11
CA CYS D 114 -26.52 18.68 -18.23
C CYS D 114 -27.17 17.90 -17.09
N GLU D 115 -27.30 18.56 -15.96
CA GLU D 115 -27.84 17.89 -14.78
C GLU D 115 -28.18 18.94 -13.74
N GLY D 116 -29.14 18.60 -12.89
CA GLY D 116 -29.36 19.31 -11.64
C GLY D 116 -30.53 20.26 -11.67
N SER D 117 -30.64 20.99 -10.56
CA SER D 117 -31.64 22.05 -10.38
C SER D 117 -30.90 23.26 -9.82
N PRO D 118 -30.68 24.31 -10.63
CA PRO D 118 -31.10 24.41 -12.03
C PRO D 118 -30.38 23.46 -12.96
N TYR D 119 -31.00 23.21 -14.10
CA TYR D 119 -30.54 22.22 -15.07
C TYR D 119 -29.50 22.88 -15.95
N VAL D 120 -28.22 22.60 -15.69
CA VAL D 120 -27.13 23.34 -16.31
C VAL D 120 -26.00 22.42 -16.74
N PRO D 121 -25.07 22.91 -17.54
CA PRO D 121 -23.95 22.07 -17.99
C PRO D 121 -23.06 21.69 -16.84
N VAL D 122 -22.69 20.41 -16.80
CA VAL D 122 -21.78 19.89 -15.79
C VAL D 122 -20.55 19.24 -16.39
N HIS D 123 -20.51 19.05 -17.71
CA HIS D 123 -19.35 18.43 -18.31
C HIS D 123 -19.32 18.77 -19.80
N PHE D 124 -18.12 18.99 -20.31
CA PHE D 124 -17.81 19.37 -21.68
C PHE D 124 -17.28 18.14 -22.41
N ASP D 125 -17.75 17.91 -23.62
CA ASP D 125 -17.29 16.74 -24.39
C ASP D 125 -16.40 17.26 -25.51
N ALA D 126 -15.08 17.10 -25.33
CA ALA D 126 -14.10 17.57 -26.28
C ALA D 126 -13.76 16.48 -27.29
N MET E 1 -20.31 7.02 -27.76
CA MET E 1 -21.27 6.09 -27.17
C MET E 1 -20.57 4.79 -26.74
N ARG E 2 -21.31 3.95 -26.01
CA ARG E 2 -20.84 2.61 -25.63
C ARG E 2 -22.03 1.66 -25.53
N PRO E 3 -22.01 0.54 -26.23
CA PRO E 3 -23.13 -0.41 -26.11
C PRO E 3 -23.28 -0.86 -24.67
N PRO E 4 -24.51 -0.89 -24.15
CA PRO E 4 -24.68 -1.21 -22.72
C PRO E 4 -24.13 -2.57 -22.32
N GLN E 5 -24.03 -3.52 -23.24
CA GLN E 5 -23.53 -4.85 -22.91
C GLN E 5 -22.03 -4.89 -22.71
N PHE E 6 -21.29 -3.84 -23.03
CA PHE E 6 -19.83 -3.84 -22.91
C PHE E 6 -19.39 -2.93 -21.78
N THR E 7 -18.44 -3.42 -20.98
CA THR E 7 -17.74 -2.54 -20.05
C THR E 7 -16.85 -1.57 -20.81
N ARG E 8 -16.37 -0.54 -20.12
CA ARG E 8 -15.43 0.37 -20.75
C ARG E 8 -14.21 -0.40 -21.26
N ALA E 9 -13.72 -1.36 -20.48
CA ALA E 9 -12.54 -2.10 -20.90
C ALA E 9 -12.81 -2.91 -22.16
N GLN E 10 -14.00 -3.55 -22.21
CA GLN E 10 -14.36 -4.35 -23.39
C GLN E 10 -14.52 -3.48 -24.63
N TRP E 11 -15.17 -2.32 -24.48
CA TRP E 11 -15.40 -1.46 -25.62
C TRP E 11 -14.08 -0.85 -26.11
N PHE E 12 -13.18 -0.54 -25.18
CA PHE E 12 -11.84 -0.08 -25.59
C PHE E 12 -11.17 -1.12 -26.47
N ALA E 13 -11.20 -2.39 -26.06
CA ALA E 13 -10.53 -3.42 -26.84
C ALA E 13 -11.18 -3.60 -28.20
N ILE E 14 -12.52 -3.60 -28.26
CA ILE E 14 -13.21 -3.75 -29.54
C ILE E 14 -12.82 -2.61 -30.49
N GLN E 15 -12.80 -1.38 -29.96
CA GLN E 15 -12.56 -0.25 -30.85
C GLN E 15 -11.10 -0.08 -31.21
N HIS E 16 -10.18 -0.47 -30.34
CA HIS E 16 -8.80 0.00 -30.47
C HIS E 16 -7.73 -1.09 -30.49
N ILE E 17 -8.07 -2.35 -30.25
CA ILE E 17 -7.05 -3.41 -30.19
C ILE E 17 -7.33 -4.43 -31.30
N ASP E 18 -6.41 -4.53 -32.24
CA ASP E 18 -6.39 -5.61 -33.24
C ASP E 18 -5.23 -6.51 -32.82
N SER E 19 -5.50 -7.39 -31.86
CA SER E 19 -4.43 -8.00 -31.07
C SER E 19 -3.50 -8.86 -31.91
N ASP E 20 -2.21 -8.56 -31.83
CA ASP E 20 -1.16 -9.34 -32.48
C ASP E 20 -1.44 -9.50 -33.96
N SER E 21 -1.50 -8.37 -34.64
CA SER E 21 -1.79 -8.33 -36.07
C SER E 21 -0.69 -7.58 -36.80
N SER E 22 -0.62 -7.80 -38.10
CA SER E 22 0.39 -7.12 -38.93
C SER E 22 0.21 -5.61 -38.88
N PRO E 23 1.30 -4.86 -38.69
CA PRO E 23 1.27 -3.42 -38.74
C PRO E 23 0.90 -2.89 -40.13
N SER E 24 1.32 -3.61 -41.16
CA SER E 24 1.10 -3.24 -42.57
C SER E 24 -0.17 -3.89 -43.10
N SER E 25 -0.91 -3.17 -43.91
CA SER E 25 -2.18 -3.69 -44.42
C SER E 25 -2.56 -3.00 -45.73
N SER E 26 -3.63 -3.46 -46.37
CA SER E 26 -4.05 -2.75 -47.60
C SER E 26 -4.67 -1.39 -47.30
N SER E 27 -4.79 -0.54 -48.30
CA SER E 27 -5.41 0.77 -48.06
C SER E 27 -6.91 0.59 -47.76
N ARG E 28 -7.41 -0.64 -47.81
CA ARG E 28 -8.81 -0.89 -47.51
C ARG E 28 -9.02 -1.29 -46.06
N TYR E 29 -7.95 -1.41 -45.28
CA TYR E 29 -8.08 -1.97 -43.93
C TYR E 29 -9.14 -1.26 -43.11
N CYS E 30 -9.10 0.07 -43.07
CA CYS E 30 -10.01 0.80 -42.19
C CYS E 30 -11.46 0.65 -42.63
N THR E 31 -11.72 0.75 -43.93
CA THR E 31 -13.10 0.62 -44.39
C THR E 31 -13.68 -0.73 -43.96
N ILE E 32 -12.89 -1.80 -44.05
CA ILE E 32 -13.37 -3.10 -43.61
C ILE E 32 -13.46 -3.17 -42.09
N ALA E 33 -12.38 -2.75 -41.40
CA ALA E 33 -12.28 -2.90 -39.95
C ALA E 33 -13.29 -2.05 -39.19
N MET E 34 -13.64 -0.88 -39.72
CA MET E 34 -14.56 -0.01 -38.97
C MET E 34 -15.98 -0.56 -38.96
N ARG E 35 -16.33 -1.52 -39.82
CA ARG E 35 -17.69 -2.05 -39.83
C ARG E 35 -18.05 -2.63 -38.48
N ALA E 36 -17.10 -3.30 -37.83
CA ALA E 36 -17.41 -3.92 -36.54
C ALA E 36 -17.84 -2.88 -35.52
N ILE E 37 -17.24 -1.69 -35.56
CA ILE E 37 -17.60 -0.60 -34.65
C ILE E 37 -18.88 0.08 -35.10
N ASN E 38 -18.96 0.43 -36.38
CA ASN E 38 -20.14 1.13 -36.87
C ASN E 38 -21.42 0.29 -36.80
N ASN E 39 -21.32 -1.04 -36.72
CA ASN E 39 -22.51 -1.87 -36.52
C ASN E 39 -23.24 -1.51 -35.23
N TYR E 40 -22.56 -0.86 -34.29
CA TYR E 40 -23.19 -0.43 -33.04
C TYR E 40 -23.63 1.04 -33.08
N ARG E 41 -23.45 1.71 -34.23
CA ARG E 41 -23.63 3.16 -34.33
C ARG E 41 -24.73 3.52 -35.33
N TRP E 42 -25.25 4.74 -35.18
CA TRP E 42 -26.15 5.36 -36.14
C TRP E 42 -25.48 6.36 -37.07
N ARG E 43 -24.27 6.82 -36.75
CA ARG E 43 -23.51 7.66 -37.67
C ARG E 43 -22.10 7.08 -37.74
N CYS E 44 -21.45 7.27 -38.89
CA CYS E 44 -20.09 6.80 -39.05
C CYS E 44 -19.18 7.43 -38.00
N LYS E 45 -18.36 6.62 -37.35
CA LYS E 45 -17.39 7.16 -36.41
C LYS E 45 -16.39 8.01 -37.18
N PRO E 46 -16.17 9.26 -36.78
CA PRO E 46 -15.32 10.14 -37.62
C PRO E 46 -13.85 9.74 -37.66
N VAL E 47 -13.27 9.32 -36.54
CA VAL E 47 -11.88 8.89 -36.52
C VAL E 47 -11.76 7.72 -35.56
N ASN E 48 -10.77 6.88 -35.81
CA ASN E 48 -10.51 5.78 -34.89
C ASN E 48 -9.09 5.30 -35.09
N THR E 49 -8.44 4.89 -34.00
CA THR E 49 -7.09 4.34 -34.04
C THR E 49 -7.11 2.90 -33.55
N PHE E 50 -6.50 2.01 -34.33
CA PHE E 50 -6.28 0.62 -33.94
C PHE E 50 -4.81 0.42 -33.58
N VAL E 51 -4.58 -0.35 -32.52
CA VAL E 51 -3.23 -0.78 -32.12
C VAL E 51 -3.05 -2.24 -32.52
N HIS E 52 -1.89 -2.58 -33.09
CA HIS E 52 -1.67 -3.92 -33.62
C HIS E 52 -0.92 -4.85 -32.66
N GLU E 53 -0.33 -4.31 -31.59
CA GLU E 53 0.42 -5.13 -30.64
C GLU E 53 -0.47 -6.17 -29.96
N PRO E 54 0.13 -7.22 -29.42
CA PRO E 54 -0.61 -8.16 -28.57
C PRO E 54 -1.34 -7.40 -27.47
N LEU E 55 -2.52 -7.91 -27.13
CA LEU E 55 -3.34 -7.32 -26.07
C LEU E 55 -2.52 -7.04 -24.81
N VAL E 56 -1.73 -8.02 -24.37
CA VAL E 56 -1.01 -7.85 -23.09
C VAL E 56 -0.04 -6.67 -23.15
N ASP E 57 0.52 -6.38 -24.33
CA ASP E 57 1.37 -5.20 -24.46
C ASP E 57 0.60 -3.91 -24.22
N VAL E 58 -0.63 -3.86 -24.74
CA VAL E 58 -1.44 -2.66 -24.55
C VAL E 58 -1.85 -2.55 -23.10
N GLN E 59 -2.24 -3.66 -22.48
CA GLN E 59 -2.56 -3.61 -21.06
C GLN E 59 -1.37 -3.17 -20.24
N ASN E 60 -0.15 -3.51 -20.66
N ASN E 60 -0.15 -3.52 -20.67
CA ASN E 60 1.02 -3.17 -19.88
CA ASN E 60 1.03 -3.16 -19.89
C ASN E 60 1.31 -1.67 -19.86
C ASN E 60 1.25 -1.66 -19.82
N VAL E 61 0.70 -0.90 -20.77
CA VAL E 61 0.88 0.55 -20.72
C VAL E 61 0.41 1.11 -19.38
N CYS E 62 -0.55 0.43 -18.73
CA CYS E 62 -1.06 0.88 -17.44
C CYS E 62 0.00 0.85 -16.36
N PHE E 63 1.18 0.31 -16.64
CA PHE E 63 2.28 0.26 -15.68
C PHE E 63 3.52 0.96 -16.20
N GLN E 64 3.35 1.83 -17.20
CA GLN E 64 4.47 2.52 -17.83
C GLN E 64 4.45 3.98 -17.38
N GLU E 65 4.64 4.96 -18.28
CA GLU E 65 4.92 6.32 -17.83
C GLU E 65 3.63 7.04 -17.43
N LYS E 66 3.50 7.38 -16.14
CA LYS E 66 2.32 8.13 -15.73
C LYS E 66 2.40 9.54 -16.30
N VAL E 67 1.30 9.99 -16.92
CA VAL E 67 1.18 11.32 -17.50
C VAL E 67 -0.18 11.90 -17.12
N THR E 68 -0.28 13.22 -17.25
CA THR E 68 -1.55 13.90 -16.97
C THR E 68 -2.55 13.59 -18.07
N CYS E 69 -3.78 13.22 -17.70
CA CYS E 69 -4.78 12.99 -18.73
C CYS E 69 -5.14 14.29 -19.43
N LYS E 70 -5.45 14.16 -20.74
CA LYS E 70 -5.75 15.32 -21.57
C LYS E 70 -6.77 16.26 -20.93
N ASN E 71 -7.80 15.69 -20.31
CA ASN E 71 -8.88 16.50 -19.69
C ASN E 71 -8.54 16.75 -18.23
N GLY E 72 -7.40 16.26 -17.77
CA GLY E 72 -7.08 16.50 -16.37
C GLY E 72 -7.80 15.60 -15.38
N GLN E 73 -8.55 14.63 -15.84
CA GLN E 73 -9.25 13.75 -14.89
C GLN E 73 -8.85 12.31 -15.16
N GLY E 74 -8.54 11.53 -14.13
CA GLY E 74 -8.24 10.10 -14.35
C GLY E 74 -6.76 9.75 -14.22
N ASN E 75 -6.47 8.48 -14.47
CA ASN E 75 -5.07 8.01 -14.39
C ASN E 75 -4.63 7.53 -15.76
N CYS E 76 -3.77 8.33 -16.36
CA CYS E 76 -3.32 8.07 -17.71
C CYS E 76 -1.84 7.70 -17.72
N TYR E 77 -1.49 6.95 -18.75
CA TYR E 77 -0.15 6.39 -18.90
C TYR E 77 0.22 6.49 -20.37
N ARG E 78 1.49 6.80 -20.60
CA ARG E 78 2.05 6.85 -21.94
C ARG E 78 2.93 5.62 -22.15
N SER E 79 2.80 4.99 -23.32
CA SER E 79 3.55 3.77 -23.55
C SER E 79 5.05 4.06 -23.54
N ARG E 80 5.80 3.11 -22.96
CA ARG E 80 7.24 3.22 -22.90
C ARG E 80 7.87 3.25 -24.29
N PHE E 81 7.32 2.42 -25.20
CA PHE E 81 7.83 2.32 -26.55
C PHE E 81 6.73 2.74 -27.51
N ARG E 82 7.12 3.07 -28.73
CA ARG E 82 6.14 3.35 -29.77
C ARG E 82 5.33 2.10 -30.08
N MET E 83 4.03 2.27 -30.28
N MET E 83 4.03 2.27 -30.30
CA MET E 83 3.15 1.19 -30.69
CA MET E 83 3.14 1.20 -30.68
C MET E 83 2.96 1.24 -32.20
C MET E 83 2.86 1.27 -32.18
N HIS E 84 2.52 0.13 -32.77
CA HIS E 84 2.18 0.07 -34.19
C HIS E 84 0.70 0.35 -34.33
N ILE E 85 0.36 1.47 -34.95
CA ILE E 85 -1.03 1.87 -35.02
C ILE E 85 -1.48 2.00 -36.47
N THR E 86 -2.79 2.02 -36.63
CA THR E 86 -3.40 2.44 -37.88
C THR E 86 -4.47 3.47 -37.55
N ASP E 87 -4.38 4.64 -38.17
CA ASP E 87 -5.37 5.70 -38.03
C ASP E 87 -6.39 5.60 -39.16
N CYS E 88 -7.66 5.66 -38.80
CA CYS E 88 -8.76 5.63 -39.74
C CYS E 88 -9.48 6.98 -39.70
N ARG E 89 -9.66 7.59 -40.88
CA ARG E 89 -10.36 8.87 -41.00
C ARG E 89 -11.51 8.73 -41.98
N LEU E 90 -12.71 9.03 -41.50
CA LEU E 90 -13.91 9.02 -42.34
C LEU E 90 -13.75 9.98 -43.50
N THR E 91 -14.03 9.49 -44.72
CA THR E 91 -13.94 10.37 -45.88
C THR E 91 -15.11 11.35 -45.92
N ASN E 92 -14.84 12.55 -46.41
CA ASN E 92 -15.92 13.48 -46.62
C ASN E 92 -16.86 12.90 -47.67
N GLY E 93 -18.15 13.09 -47.46
CA GLY E 93 -19.15 12.50 -48.31
C GLY E 93 -19.68 11.18 -47.82
N SER E 94 -18.93 10.48 -46.97
N SER E 94 -18.96 10.50 -46.93
CA SER E 94 -19.46 9.28 -46.32
CA SER E 94 -19.46 9.27 -46.34
C SER E 94 -20.70 9.64 -45.52
C SER E 94 -20.65 9.56 -45.44
N LYS E 95 -21.75 8.84 -45.67
CA LYS E 95 -22.97 8.97 -44.87
C LYS E 95 -23.40 7.57 -44.50
N TYR E 96 -23.72 7.35 -43.23
CA TYR E 96 -24.07 6.03 -42.75
C TYR E 96 -25.16 5.42 -43.63
N PRO E 97 -25.09 4.12 -43.97
CA PRO E 97 -24.08 3.12 -43.59
C PRO E 97 -22.91 3.04 -44.55
N ASN E 98 -22.78 4.02 -45.45
CA ASN E 98 -21.69 4.04 -46.42
C ASN E 98 -20.50 4.78 -45.81
N CYS E 99 -19.88 4.11 -44.83
CA CYS E 99 -18.75 4.67 -44.11
C CYS E 99 -17.45 4.23 -44.76
N ARG E 100 -16.80 5.16 -45.47
CA ARG E 100 -15.55 4.91 -46.14
C ARG E 100 -14.44 5.61 -45.38
N TYR E 101 -13.29 4.96 -45.24
CA TYR E 101 -12.21 5.46 -44.41
C TYR E 101 -10.89 5.49 -45.18
N ARG E 102 -10.08 6.49 -44.87
CA ARG E 102 -8.68 6.49 -45.29
C ARG E 102 -7.83 5.84 -44.21
N THR E 103 -6.87 5.03 -44.64
CA THR E 103 -6.05 4.22 -43.75
C THR E 103 -4.65 4.81 -43.71
N ARG E 104 -4.12 5.01 -42.49
CA ARG E 104 -2.76 5.58 -42.33
C ARG E 104 -1.97 4.76 -41.30
N PRO E 105 -0.94 3.99 -41.71
CA PRO E 105 -0.12 3.22 -40.77
C PRO E 105 0.78 4.19 -40.01
N GLY E 106 1.13 3.88 -38.78
CA GLY E 106 2.02 4.76 -38.03
C GLY E 106 2.64 4.04 -36.87
N ARG E 107 3.60 4.72 -36.27
CA ARG E 107 4.29 4.16 -35.09
C ARG E 107 4.42 5.30 -34.12
N ARG E 108 3.71 5.24 -33.00
CA ARG E 108 3.86 6.33 -32.02
C ARG E 108 3.47 5.85 -30.63
N HIS E 109 3.87 6.64 -29.64
CA HIS E 109 3.50 6.39 -28.25
C HIS E 109 2.00 6.61 -28.13
N ILE E 110 1.35 5.79 -27.32
CA ILE E 110 -0.07 5.97 -27.08
C ILE E 110 -0.26 6.36 -25.62
N ILE E 111 -1.37 7.05 -25.35
CA ILE E 111 -1.75 7.45 -24.00
C ILE E 111 -3.13 6.89 -23.72
N VAL E 112 -3.26 6.12 -22.64
CA VAL E 112 -4.53 5.51 -22.27
C VAL E 112 -4.84 5.87 -20.83
N ALA E 113 -6.13 5.92 -20.51
CA ALA E 113 -6.59 5.94 -19.13
C ALA E 113 -6.85 4.49 -18.70
N CYS E 114 -6.45 4.17 -17.46
CA CYS E 114 -6.61 2.82 -16.92
C CYS E 114 -7.44 2.86 -15.66
N GLU E 115 -8.19 1.78 -15.42
CA GLU E 115 -9.09 1.70 -14.30
C GLU E 115 -9.45 0.24 -14.07
N GLY E 116 -9.77 -0.09 -12.81
CA GLY E 116 -10.50 -1.29 -12.51
C GLY E 116 -9.64 -2.41 -11.97
N SER E 117 -10.31 -3.55 -11.80
CA SER E 117 -9.68 -4.81 -11.40
C SER E 117 -10.19 -5.88 -12.36
N PRO E 118 -9.37 -6.37 -13.29
CA PRO E 118 -7.97 -6.00 -13.47
C PRO E 118 -7.83 -4.57 -13.96
N TYR E 119 -6.63 -4.02 -13.75
CA TYR E 119 -6.32 -2.61 -14.02
C TYR E 119 -5.92 -2.50 -15.48
N VAL E 120 -6.84 -2.05 -16.33
CA VAL E 120 -6.66 -2.15 -17.77
C VAL E 120 -7.09 -0.87 -18.46
N PRO E 121 -6.76 -0.68 -19.73
CA PRO E 121 -7.18 0.56 -20.42
C PRO E 121 -8.68 0.64 -20.61
N VAL E 122 -9.23 1.83 -20.34
CA VAL E 122 -10.65 2.09 -20.55
C VAL E 122 -10.91 3.24 -21.53
N HIS E 123 -9.88 3.99 -21.93
CA HIS E 123 -10.07 5.14 -22.80
C HIS E 123 -8.76 5.41 -23.52
N PHE E 124 -8.86 5.71 -24.81
CA PHE E 124 -7.72 6.06 -25.65
C PHE E 124 -7.62 7.58 -25.62
N ASP E 125 -6.47 8.08 -25.16
CA ASP E 125 -6.22 9.54 -25.06
C ASP E 125 -5.51 10.02 -26.33
N ALA E 126 -5.39 11.33 -26.51
CA ALA E 126 -4.72 11.93 -27.70
C ALA E 126 -5.27 11.28 -28.98
N MET F 1 27.98 -21.16 -4.25
CA MET F 1 28.07 -22.61 -4.16
C MET F 1 29.07 -23.03 -3.09
N ARG F 2 28.75 -24.10 -2.39
CA ARG F 2 29.67 -24.61 -1.38
C ARG F 2 30.90 -25.22 -2.06
N PRO F 3 32.11 -24.84 -1.64
CA PRO F 3 33.32 -25.45 -2.21
C PRO F 3 33.32 -26.95 -1.97
N PRO F 4 33.67 -27.75 -2.97
CA PRO F 4 33.55 -29.21 -2.80
C PRO F 4 34.35 -29.79 -1.64
N GLN F 5 35.44 -29.14 -1.23
CA GLN F 5 36.27 -29.70 -0.17
C GLN F 5 35.66 -29.56 1.22
N PHE F 6 34.56 -28.82 1.36
CA PHE F 6 33.96 -28.55 2.66
C PHE F 6 32.60 -29.23 2.79
N THR F 7 32.34 -29.83 3.95
CA THR F 7 31.00 -30.26 4.30
C THR F 7 30.11 -29.04 4.54
N ARG F 8 28.80 -29.28 4.58
CA ARG F 8 27.90 -28.18 4.93
C ARG F 8 28.24 -27.60 6.31
N ALA F 9 28.55 -28.48 7.28
CA ALA F 9 28.88 -27.99 8.62
C ALA F 9 30.15 -27.15 8.60
N GLN F 10 31.16 -27.57 7.83
CA GLN F 10 32.40 -26.81 7.74
C GLN F 10 32.16 -25.46 7.06
N TRP F 11 31.38 -25.46 5.98
CA TRP F 11 31.15 -24.21 5.25
C TRP F 11 30.30 -23.25 6.08
N PHE F 12 29.35 -23.77 6.85
CA PHE F 12 28.60 -22.90 7.76
C PHE F 12 29.54 -22.20 8.73
N ALA F 13 30.47 -22.95 9.32
CA ALA F 13 31.37 -22.34 10.30
C ALA F 13 32.28 -21.31 9.65
N ILE F 14 32.80 -21.61 8.45
CA ILE F 14 33.66 -20.65 7.75
C ILE F 14 32.90 -19.36 7.45
N GLN F 15 31.67 -19.49 6.98
CA GLN F 15 30.92 -18.29 6.60
C GLN F 15 30.35 -17.51 7.78
N HIS F 16 30.03 -18.19 8.89
CA HIS F 16 29.17 -17.57 9.89
C HIS F 16 29.67 -17.60 11.31
N ILE F 17 30.77 -18.29 11.61
CA ILE F 17 31.20 -18.40 13.00
C ILE F 17 32.56 -17.73 13.12
N ASP F 18 32.62 -16.65 13.88
CA ASP F 18 33.88 -16.05 14.28
C ASP F 18 34.02 -16.37 15.77
N SER F 19 34.48 -17.59 16.07
CA SER F 19 34.27 -18.16 17.40
C SER F 19 34.97 -17.33 18.47
N ASP F 20 34.20 -16.93 19.49
CA ASP F 20 34.72 -16.26 20.69
C ASP F 20 35.51 -15.01 20.32
N SER F 21 34.81 -14.08 19.67
CA SER F 21 35.42 -12.85 19.16
C SER F 21 34.63 -11.66 19.68
N SER F 22 35.27 -10.49 19.60
CA SER F 22 34.67 -9.26 20.11
C SER F 22 33.37 -8.93 19.37
N PRO F 23 32.28 -8.66 20.09
CA PRO F 23 31.06 -8.18 19.40
C PRO F 23 31.25 -6.86 18.70
N SER F 24 32.12 -6.00 19.21
CA SER F 24 32.37 -4.70 18.62
C SER F 24 33.55 -4.82 17.66
N SER F 25 33.36 -4.34 16.45
CA SER F 25 34.35 -4.48 15.40
C SER F 25 34.69 -3.10 14.85
N SER F 26 35.88 -2.98 14.27
CA SER F 26 36.16 -1.78 13.51
C SER F 26 35.18 -1.69 12.35
N SER F 27 35.06 -0.48 11.79
CA SER F 27 34.22 -0.30 10.62
C SER F 27 34.74 -1.07 9.42
N ARG F 28 35.96 -1.58 9.48
CA ARG F 28 36.58 -2.32 8.38
C ARG F 28 36.42 -3.83 8.51
N TYR F 29 35.78 -4.31 9.60
CA TYR F 29 35.77 -5.74 9.89
C TYR F 29 35.24 -6.56 8.74
N CYS F 30 34.09 -6.15 8.18
CA CYS F 30 33.47 -6.97 7.14
C CYS F 30 34.32 -6.99 5.88
N THR F 31 34.88 -5.84 5.50
CA THR F 31 35.71 -5.83 4.31
C THR F 31 36.86 -6.81 4.43
N ILE F 32 37.48 -6.89 5.61
N ILE F 32 37.47 -6.89 5.62
CA ILE F 32 38.58 -7.85 5.79
CA ILE F 32 38.57 -7.82 5.84
C ILE F 32 38.04 -9.26 5.93
C ILE F 32 38.06 -9.25 5.97
N ALA F 33 37.02 -9.44 6.77
CA ALA F 33 36.55 -10.79 7.10
C ALA F 33 35.95 -11.49 5.89
N MET F 34 35.34 -10.73 4.97
CA MET F 34 34.65 -11.37 3.86
C MET F 34 35.62 -11.97 2.84
N ARG F 35 36.88 -11.55 2.85
CA ARG F 35 37.84 -12.08 1.88
C ARG F 35 38.00 -13.58 2.02
N ALA F 36 37.97 -14.09 3.25
CA ALA F 36 38.13 -15.54 3.45
C ALA F 36 37.03 -16.32 2.74
N ILE F 37 35.82 -15.77 2.70
CA ILE F 37 34.71 -16.40 2.00
C ILE F 37 34.82 -16.17 0.50
N ASN F 38 35.05 -14.91 0.12
CA ASN F 38 35.05 -14.59 -1.30
C ASN F 38 36.24 -15.20 -2.04
N ASN F 39 37.30 -15.60 -1.34
CA ASN F 39 38.39 -16.31 -2.01
C ASN F 39 37.90 -17.61 -2.65
N TYR F 40 36.76 -18.14 -2.22
CA TYR F 40 36.23 -19.36 -2.81
C TYR F 40 35.19 -19.08 -3.89
N ARG F 41 34.94 -17.81 -4.17
CA ARG F 41 33.88 -17.33 -5.04
C ARG F 41 34.46 -16.54 -6.21
N TRP F 42 33.62 -16.39 -7.23
N TRP F 42 33.62 -16.38 -7.24
CA TRP F 42 33.99 -15.52 -8.37
CA TRP F 42 34.02 -15.48 -8.36
C TRP F 42 33.21 -14.21 -8.30
C TRP F 42 33.28 -14.14 -8.20
N ARG F 43 32.16 -14.16 -7.50
CA ARG F 43 31.43 -12.93 -7.31
C ARG F 43 31.31 -12.65 -5.82
N CYS F 44 31.36 -11.38 -5.44
CA CYS F 44 31.25 -11.00 -4.03
C CYS F 44 29.93 -11.50 -3.46
N LYS F 45 29.99 -12.12 -2.28
CA LYS F 45 28.74 -12.47 -1.58
C LYS F 45 28.09 -11.18 -1.10
N PRO F 46 26.84 -10.90 -1.47
CA PRO F 46 26.28 -9.56 -1.17
C PRO F 46 26.01 -9.29 0.29
N VAL F 47 25.51 -10.28 1.03
CA VAL F 47 25.15 -10.12 2.43
C VAL F 47 25.70 -11.31 3.21
N ASN F 48 26.21 -11.06 4.41
CA ASN F 48 26.65 -12.17 5.24
C ASN F 48 26.58 -11.77 6.70
N THR F 49 26.21 -12.72 7.54
CA THR F 49 26.18 -12.49 8.98
C THR F 49 27.22 -13.37 9.68
N PHE F 50 28.02 -12.75 10.55
CA PHE F 50 28.94 -13.47 11.42
C PHE F 50 28.41 -13.48 12.85
N VAL F 51 28.56 -14.61 13.52
CA VAL F 51 28.23 -14.75 14.94
C VAL F 51 29.52 -14.76 15.76
N HIS F 52 29.53 -14.05 16.88
CA HIS F 52 30.76 -13.90 17.64
C HIS F 52 30.89 -14.82 18.85
N GLU F 53 29.80 -15.48 19.27
CA GLU F 53 29.85 -16.33 20.44
C GLU F 53 30.83 -17.48 20.24
N PRO F 54 31.30 -18.08 21.33
CA PRO F 54 32.04 -19.34 21.24
C PRO F 54 31.30 -20.35 20.40
N LEU F 55 32.07 -21.13 19.63
CA LEU F 55 31.51 -22.14 18.75
C LEU F 55 30.47 -23.02 19.45
N VAL F 56 30.79 -23.48 20.66
CA VAL F 56 29.88 -24.41 21.32
C VAL F 56 28.54 -23.76 21.62
N ASP F 57 28.51 -22.43 21.79
CA ASP F 57 27.23 -21.75 21.96
C ASP F 57 26.38 -21.84 20.71
N VAL F 58 27.00 -21.71 19.54
CA VAL F 58 26.24 -21.79 18.30
C VAL F 58 25.78 -23.22 18.05
N GLN F 59 26.66 -24.20 18.30
CA GLN F 59 26.25 -25.59 18.18
C GLN F 59 25.11 -25.91 19.13
N ASN F 60 25.09 -25.29 20.31
N ASN F 60 25.09 -25.27 20.29
CA ASN F 60 24.01 -25.56 21.26
CA ASN F 60 24.04 -25.51 21.27
C ASN F 60 22.64 -25.11 20.76
C ASN F 60 22.66 -25.09 20.79
N VAL F 61 22.58 -24.22 19.77
CA VAL F 61 21.27 -23.81 19.27
C VAL F 61 20.51 -25.02 18.75
N CYS F 62 21.22 -26.05 18.26
CA CYS F 62 20.58 -27.26 17.78
C CYS F 62 19.81 -28.00 18.87
N PHE F 63 19.93 -27.56 20.13
CA PHE F 63 19.24 -28.18 21.25
C PHE F 63 18.34 -27.21 21.97
N GLN F 64 18.00 -26.10 21.32
CA GLN F 64 17.20 -25.04 21.94
C GLN F 64 15.80 -25.06 21.34
N GLU F 65 15.24 -23.94 20.90
CA GLU F 65 13.83 -23.86 20.58
C GLU F 65 13.58 -24.41 19.18
N LYS F 66 12.89 -25.53 19.08
CA LYS F 66 12.58 -26.05 17.76
C LYS F 66 11.53 -25.16 17.11
N VAL F 67 11.79 -24.76 15.87
CA VAL F 67 10.86 -23.95 15.10
C VAL F 67 10.73 -24.57 13.72
N THR F 68 9.60 -24.31 13.07
CA THR F 68 9.41 -24.87 11.74
C THR F 68 10.33 -24.17 10.76
N CYS F 69 10.92 -24.93 9.84
CA CYS F 69 11.76 -24.33 8.83
C CYS F 69 10.89 -23.63 7.79
N LYS F 70 11.50 -22.69 7.05
CA LYS F 70 10.78 -21.98 6.00
C LYS F 70 10.12 -22.95 5.03
N ASN F 71 10.89 -23.94 4.55
CA ASN F 71 10.38 -24.87 3.55
C ASN F 71 9.55 -26.00 4.17
N GLY F 72 9.70 -26.26 5.47
CA GLY F 72 8.93 -27.29 6.14
C GLY F 72 9.63 -28.62 6.25
N GLN F 73 10.84 -28.73 5.71
CA GLN F 73 11.63 -29.96 5.66
C GLN F 73 12.93 -29.75 6.41
N GLY F 74 13.18 -30.58 7.43
CA GLY F 74 14.39 -30.47 8.20
C GLY F 74 14.11 -29.93 9.60
N ASN F 75 15.18 -29.89 10.38
CA ASN F 75 15.11 -29.49 11.78
C ASN F 75 15.76 -28.12 11.91
N CYS F 76 14.96 -27.10 12.20
CA CYS F 76 15.43 -25.75 12.46
C CYS F 76 15.22 -25.39 13.92
N TYR F 77 16.09 -24.51 14.41
CA TYR F 77 16.11 -24.15 15.82
C TYR F 77 16.40 -22.67 15.96
N ARG F 78 15.71 -22.04 16.91
CA ARG F 78 15.93 -20.64 17.25
C ARG F 78 16.70 -20.56 18.55
N SER F 79 17.71 -19.70 18.59
CA SER F 79 18.55 -19.61 19.78
C SER F 79 17.74 -19.16 21.00
N ARG F 80 18.11 -19.73 22.16
CA ARG F 80 17.45 -19.36 23.42
C ARG F 80 17.71 -17.91 23.75
N PHE F 81 18.92 -17.42 23.49
CA PHE F 81 19.30 -16.06 23.79
C PHE F 81 19.66 -15.31 22.51
N ARG F 82 19.67 -13.99 22.61
CA ARG F 82 20.17 -13.17 21.52
C ARG F 82 21.66 -13.42 21.34
N MET F 83 22.09 -13.62 20.09
CA MET F 83 23.49 -13.77 19.77
C MET F 83 24.08 -12.42 19.42
N HIS F 84 25.40 -12.31 19.51
CA HIS F 84 26.11 -11.10 19.09
C HIS F 84 26.57 -11.30 17.65
N ILE F 85 26.03 -10.48 16.76
CA ILE F 85 26.30 -10.70 15.32
C ILE F 85 26.86 -9.43 14.69
N THR F 86 27.42 -9.62 13.52
CA THR F 86 27.90 -8.52 12.67
C THR F 86 27.31 -8.79 11.28
N ASP F 87 26.52 -7.84 10.78
CA ASP F 87 25.92 -7.97 9.45
C ASP F 87 26.84 -7.25 8.45
N CYS F 88 27.16 -7.91 7.34
CA CYS F 88 28.04 -7.34 6.30
C CYS F 88 27.22 -7.14 5.03
N ARG F 89 27.26 -5.95 4.45
CA ARG F 89 26.48 -5.70 3.22
C ARG F 89 27.40 -5.07 2.18
N LEU F 90 27.47 -5.70 1.02
CA LEU F 90 28.31 -5.23 -0.09
C LEU F 90 27.90 -3.83 -0.50
N THR F 91 28.90 -2.98 -0.66
CA THR F 91 28.59 -1.60 -1.07
C THR F 91 28.11 -1.58 -2.52
N ASN F 92 27.25 -0.64 -2.82
CA ASN F 92 26.67 -0.52 -4.17
C ASN F 92 27.79 -0.38 -5.21
N GLY F 93 27.73 -1.20 -6.25
CA GLY F 93 28.73 -1.13 -7.33
C GLY F 93 30.08 -1.75 -7.04
N SER F 94 30.32 -2.25 -5.81
CA SER F 94 31.58 -2.92 -5.43
C SER F 94 31.60 -4.24 -6.20
N LYS F 95 32.69 -4.60 -6.82
CA LYS F 95 32.69 -5.88 -7.56
C LYS F 95 34.02 -6.60 -7.40
N TYR F 96 34.02 -7.91 -7.60
CA TYR F 96 35.26 -8.69 -7.48
C TYR F 96 36.32 -8.11 -8.41
N PRO F 97 37.55 -7.91 -7.94
CA PRO F 97 37.99 -8.42 -6.66
C PRO F 97 38.03 -7.37 -5.54
N ASN F 98 37.56 -6.18 -5.76
CA ASN F 98 37.63 -5.19 -4.66
C ASN F 98 36.29 -5.17 -3.93
N CYS F 99 35.92 -6.28 -3.31
CA CYS F 99 34.64 -6.31 -2.55
C CYS F 99 34.80 -5.48 -1.28
N ARG F 100 33.97 -4.42 -1.16
CA ARG F 100 33.96 -3.53 0.02
C ARG F 100 32.62 -3.72 0.73
N TYR F 101 32.62 -3.74 2.07
CA TYR F 101 31.39 -3.97 2.82
C TYR F 101 31.16 -2.95 3.92
N ARG F 102 29.89 -2.76 4.20
CA ARG F 102 29.46 -1.99 5.36
C ARG F 102 29.34 -2.99 6.53
N THR F 103 29.85 -2.60 7.68
CA THR F 103 29.80 -3.42 8.92
C THR F 103 28.75 -2.88 9.89
N ARG F 104 27.84 -3.71 10.35
CA ARG F 104 26.85 -3.26 11.35
C ARG F 104 26.72 -4.32 12.43
N PRO F 105 27.13 -4.02 13.67
CA PRO F 105 26.94 -4.94 14.78
C PRO F 105 25.46 -5.11 15.16
N GLY F 106 25.14 -6.24 15.79
CA GLY F 106 23.76 -6.53 16.21
C GLY F 106 23.70 -7.70 17.18
N ARG F 107 22.66 -7.74 18.01
CA ARG F 107 22.49 -8.84 19.01
C ARG F 107 21.03 -9.31 19.00
N ARG F 108 20.72 -10.33 18.19
CA ARG F 108 19.34 -10.86 18.10
C ARG F 108 19.38 -12.40 18.09
N HIS F 109 18.22 -13.04 17.97
CA HIS F 109 18.10 -14.50 17.94
C HIS F 109 18.49 -14.94 16.53
N ILE F 110 19.11 -16.09 16.45
CA ILE F 110 19.43 -16.68 15.15
C ILE F 110 18.62 -17.95 14.99
N ILE F 111 18.36 -18.33 13.74
CA ILE F 111 17.65 -19.57 13.42
C ILE F 111 18.55 -20.38 12.49
N VAL F 112 18.83 -21.63 12.86
CA VAL F 112 19.71 -22.47 12.06
C VAL F 112 19.04 -23.82 11.80
N ALA F 113 19.38 -24.41 10.65
CA ALA F 113 19.07 -25.81 10.41
C ALA F 113 20.23 -26.65 10.91
N CYS F 114 19.93 -27.78 11.56
CA CYS F 114 20.94 -28.67 12.09
C CYS F 114 20.77 -30.06 11.51
N GLU F 115 21.91 -30.74 11.37
CA GLU F 115 21.92 -32.08 10.79
C GLU F 115 23.26 -32.73 11.11
N GLY F 116 23.26 -34.05 11.08
CA GLY F 116 24.48 -34.83 10.98
C GLY F 116 24.91 -35.47 12.30
N SER F 117 26.08 -36.10 12.20
CA SER F 117 26.77 -36.72 13.34
C SER F 117 28.21 -36.22 13.28
N PRO F 118 28.61 -35.29 14.16
CA PRO F 118 27.81 -34.67 15.21
C PRO F 118 26.71 -33.78 14.66
N TYR F 119 25.72 -33.48 15.50
CA TYR F 119 24.51 -32.76 15.09
C TYR F 119 24.77 -31.27 15.23
N VAL F 120 25.04 -30.61 14.12
CA VAL F 120 25.56 -29.25 14.16
C VAL F 120 24.85 -28.37 13.13
N PRO F 121 25.01 -27.06 13.20
CA PRO F 121 24.37 -26.18 12.21
C PRO F 121 24.96 -26.40 10.83
N VAL F 122 24.07 -26.46 9.84
CA VAL F 122 24.49 -26.58 8.44
C VAL F 122 23.99 -25.43 7.59
N HIS F 123 23.06 -24.61 8.09
CA HIS F 123 22.56 -23.52 7.27
C HIS F 123 21.95 -22.46 8.18
N PHE F 124 22.11 -21.22 7.76
CA PHE F 124 21.75 -20.02 8.49
C PHE F 124 20.52 -19.38 7.86
N ASP F 125 19.55 -18.96 8.67
CA ASP F 125 18.35 -18.36 8.09
C ASP F 125 18.36 -16.85 8.32
N MET G 1 13.75 -27.87 -44.10
CA MET G 1 12.59 -28.72 -44.32
C MET G 1 11.49 -28.36 -43.34
N ARG G 2 10.26 -28.80 -43.63
CA ARG G 2 9.18 -28.57 -42.67
C ARG G 2 8.19 -29.70 -42.80
N PRO G 3 7.84 -30.36 -41.70
CA PRO G 3 6.82 -31.42 -41.76
C PRO G 3 5.52 -30.87 -42.28
N PRO G 4 4.85 -31.59 -43.18
CA PRO G 4 3.64 -31.04 -43.82
C PRO G 4 2.55 -30.67 -42.82
N GLN G 5 2.49 -31.34 -41.67
CA GLN G 5 1.41 -31.06 -40.72
C GLN G 5 1.59 -29.77 -39.94
N PHE G 6 2.75 -29.11 -40.02
CA PHE G 6 3.00 -27.90 -39.27
C PHE G 6 3.06 -26.67 -40.16
N THR G 7 2.43 -25.59 -39.73
CA THR G 7 2.68 -24.29 -40.36
C THR G 7 4.09 -23.82 -40.06
N ARG G 8 4.55 -22.82 -40.81
CA ARG G 8 5.83 -22.20 -40.52
C ARG G 8 5.90 -21.75 -39.06
N ALA G 9 4.82 -21.15 -38.55
CA ALA G 9 4.86 -20.64 -37.18
C ALA G 9 4.96 -21.76 -36.18
N GLN G 10 4.23 -22.86 -36.40
CA GLN G 10 4.30 -24.01 -35.51
C GLN G 10 5.69 -24.63 -35.53
N TRP G 11 6.27 -24.79 -36.72
CA TRP G 11 7.58 -25.43 -36.80
C TRP G 11 8.66 -24.52 -36.21
N PHE G 12 8.53 -23.21 -36.38
CA PHE G 12 9.48 -22.31 -35.72
C PHE G 12 9.43 -22.51 -34.20
N ALA G 13 8.23 -22.54 -33.64
CA ALA G 13 8.12 -22.69 -32.19
C ALA G 13 8.63 -24.04 -31.73
N ILE G 14 8.33 -25.11 -32.47
CA ILE G 14 8.77 -26.44 -32.05
C ILE G 14 10.29 -26.51 -32.02
N GLN G 15 10.93 -25.95 -33.05
CA GLN G 15 12.38 -26.05 -33.19
C GLN G 15 13.13 -25.07 -32.28
N HIS G 16 12.55 -23.92 -31.98
CA HIS G 16 13.35 -22.83 -31.45
C HIS G 16 12.86 -22.19 -30.17
N ILE G 17 11.68 -22.55 -29.69
CA ILE G 17 11.15 -21.92 -28.47
C ILE G 17 11.01 -23.01 -27.41
N ASP G 18 11.80 -22.88 -26.35
CA ASP G 18 11.63 -23.69 -25.13
C ASP G 18 11.03 -22.73 -24.10
N SER G 19 9.71 -22.60 -24.14
CA SER G 19 9.07 -21.44 -23.53
C SER G 19 9.26 -21.40 -22.02
N ASP G 20 9.77 -20.27 -21.54
CA ASP G 20 9.92 -19.99 -20.12
C ASP G 20 10.71 -21.10 -19.42
N SER G 21 11.96 -21.26 -19.84
N SER G 21 11.93 -21.29 -19.88
CA SER G 21 12.82 -22.30 -19.32
CA SER G 21 12.82 -22.33 -19.36
C SER G 21 14.15 -21.71 -18.84
C SER G 21 14.11 -21.70 -18.83
N SER G 22 14.85 -22.50 -18.03
N SER G 22 14.87 -22.50 -18.09
CA SER G 22 16.11 -22.05 -17.46
CA SER G 22 16.08 -22.01 -17.45
C SER G 22 17.14 -21.71 -18.53
C SER G 22 17.16 -21.73 -18.50
N PRO G 23 17.77 -20.55 -18.47
CA PRO G 23 18.87 -20.27 -19.41
C PRO G 23 20.04 -21.23 -19.27
N SER G 24 20.27 -21.76 -18.07
CA SER G 24 21.39 -22.67 -17.84
C SER G 24 20.90 -24.10 -17.99
N SER G 25 21.61 -24.88 -18.79
CA SER G 25 21.19 -26.23 -19.12
C SER G 25 22.29 -27.21 -18.75
N SER G 26 21.88 -28.45 -18.61
CA SER G 26 22.87 -29.51 -18.44
C SER G 26 23.71 -29.57 -19.72
N SER G 27 24.86 -30.21 -19.66
CA SER G 27 25.64 -30.41 -20.89
C SER G 27 24.95 -31.38 -21.88
N ARG G 28 23.95 -32.09 -21.40
CA ARG G 28 23.23 -33.05 -22.25
C ARG G 28 21.90 -32.47 -22.76
N TYR G 29 21.65 -31.21 -22.48
CA TYR G 29 20.36 -30.63 -22.88
C TYR G 29 20.09 -30.80 -24.35
N CYS G 30 21.07 -30.43 -25.19
CA CYS G 30 20.84 -30.45 -26.63
C CYS G 30 20.63 -31.86 -27.15
N THR G 31 21.43 -32.81 -26.66
CA THR G 31 21.28 -34.18 -27.12
C THR G 31 19.87 -34.70 -26.85
N ILE G 32 19.29 -34.33 -25.70
N ILE G 32 19.30 -34.34 -25.69
CA ILE G 32 17.95 -34.78 -25.38
CA ILE G 32 17.93 -34.77 -25.39
C ILE G 32 16.90 -33.94 -26.12
C ILE G 32 16.92 -33.94 -26.17
N ALA G 33 17.10 -32.62 -26.17
CA ALA G 33 16.10 -31.72 -26.75
C ALA G 33 16.00 -31.88 -28.25
N MET G 34 17.10 -32.22 -28.93
CA MET G 34 17.06 -32.32 -30.37
C MET G 34 16.28 -33.54 -30.86
N ARG G 35 16.03 -34.52 -29.99
CA ARG G 35 15.33 -35.70 -30.43
C ARG G 35 13.93 -35.36 -30.95
N ALA G 36 13.27 -34.41 -30.30
CA ALA G 36 11.91 -34.05 -30.71
C ALA G 36 11.91 -33.53 -32.14
N ILE G 37 12.92 -32.75 -32.51
CA ILE G 37 13.02 -32.21 -33.86
C ILE G 37 13.44 -33.29 -34.84
N ASN G 38 14.48 -34.04 -34.50
CA ASN G 38 15.01 -35.02 -35.45
C ASN G 38 14.04 -36.18 -35.71
N ASN G 39 13.08 -36.41 -34.81
CA ASN G 39 12.07 -37.43 -35.07
C ASN G 39 11.28 -37.16 -36.35
N TYR G 40 11.26 -35.90 -36.80
CA TYR G 40 10.56 -35.50 -38.01
C TYR G 40 11.49 -35.47 -39.23
N ARG G 41 12.76 -35.81 -39.03
CA ARG G 41 13.81 -35.66 -40.04
C ARG G 41 14.41 -37.02 -40.40
N TRP G 42 15.03 -37.08 -41.57
CA TRP G 42 15.78 -38.28 -41.94
C TRP G 42 17.27 -38.21 -41.62
N ARG G 43 17.82 -37.01 -41.39
CA ARG G 43 19.20 -36.86 -40.97
C ARG G 43 19.28 -35.87 -39.80
N CYS G 44 20.31 -36.03 -38.97
CA CYS G 44 20.49 -35.16 -37.81
C CYS G 44 20.55 -33.70 -38.27
N LYS G 45 19.80 -32.84 -37.60
CA LYS G 45 19.90 -31.41 -37.91
C LYS G 45 21.27 -30.92 -37.49
N PRO G 46 22.01 -30.25 -38.37
CA PRO G 46 23.42 -29.94 -38.04
C PRO G 46 23.59 -28.93 -36.92
N VAL G 47 22.76 -27.90 -36.86
N VAL G 47 22.73 -27.92 -36.82
CA VAL G 47 22.80 -26.90 -35.79
CA VAL G 47 22.83 -26.91 -35.77
C VAL G 47 21.37 -26.52 -35.45
C VAL G 47 21.44 -26.35 -35.51
N ASN G 48 21.19 -25.97 -34.26
CA ASN G 48 19.89 -25.49 -33.86
C ASN G 48 20.04 -24.58 -32.66
N THR G 49 19.25 -23.51 -32.63
CA THR G 49 19.22 -22.60 -31.50
C THR G 49 17.86 -22.67 -30.82
N PHE G 50 17.89 -22.83 -29.50
CA PHE G 50 16.68 -22.71 -28.68
C PHE G 50 16.70 -21.39 -27.93
N VAL G 51 15.55 -20.75 -27.84
CA VAL G 51 15.33 -19.54 -27.04
C VAL G 51 14.55 -19.94 -25.80
N HIS G 52 14.96 -19.42 -24.64
CA HIS G 52 14.38 -19.82 -23.36
C HIS G 52 13.32 -18.88 -22.82
N GLU G 53 13.20 -17.67 -23.37
CA GLU G 53 12.21 -16.73 -22.90
C GLU G 53 10.80 -17.29 -23.04
N PRO G 54 9.85 -16.74 -22.28
CA PRO G 54 8.43 -17.05 -22.50
C PRO G 54 8.03 -16.83 -23.95
N LEU G 55 7.12 -17.69 -24.43
CA LEU G 55 6.65 -17.60 -25.82
C LEU G 55 6.26 -16.18 -26.20
N VAL G 56 5.51 -15.50 -25.32
CA VAL G 56 5.00 -14.17 -25.65
C VAL G 56 6.14 -13.19 -25.88
N ASP G 57 7.26 -13.34 -25.16
CA ASP G 57 8.40 -12.48 -25.40
C ASP G 57 8.96 -12.69 -26.79
N VAL G 58 8.99 -13.94 -27.25
CA VAL G 58 9.51 -14.20 -28.58
C VAL G 58 8.57 -13.64 -29.63
N GLN G 59 7.26 -13.85 -29.44
CA GLN G 59 6.29 -13.30 -30.38
C GLN G 59 6.32 -11.77 -30.40
N ASN G 60 6.67 -11.16 -29.28
CA ASN G 60 6.72 -9.71 -29.24
C ASN G 60 7.83 -9.15 -30.12
N VAL G 61 8.81 -9.98 -30.50
CA VAL G 61 9.86 -9.47 -31.38
C VAL G 61 9.27 -8.94 -32.68
N CYS G 62 8.13 -9.50 -33.11
CA CYS G 62 7.44 -9.03 -34.31
C CYS G 62 7.00 -7.57 -34.22
N PHE G 63 7.12 -6.94 -33.04
CA PHE G 63 6.73 -5.55 -32.84
C PHE G 63 7.89 -4.70 -32.34
N GLN G 64 9.12 -5.18 -32.54
CA GLN G 64 10.28 -4.47 -32.04
C GLN G 64 11.03 -3.81 -33.20
N GLU G 65 12.30 -4.13 -33.41
CA GLU G 65 13.13 -3.33 -34.33
C GLU G 65 13.07 -3.89 -35.75
N LYS G 66 12.33 -3.22 -36.63
CA LYS G 66 12.21 -3.68 -38.01
C LYS G 66 13.55 -3.54 -38.74
N VAL G 67 13.96 -4.62 -39.40
CA VAL G 67 15.18 -4.64 -40.19
C VAL G 67 14.89 -5.33 -41.52
N THR G 68 15.72 -5.05 -42.50
CA THR G 68 15.49 -5.64 -43.80
C THR G 68 15.84 -7.12 -43.78
N CYS G 69 14.97 -7.94 -44.38
CA CYS G 69 15.25 -9.37 -44.50
C CYS G 69 16.40 -9.60 -45.47
N LYS G 70 17.09 -10.72 -45.29
CA LYS G 70 18.23 -11.04 -46.15
C LYS G 70 17.87 -10.90 -47.62
N ASN G 71 16.72 -11.44 -48.03
CA ASN G 71 16.34 -11.44 -49.44
C ASN G 71 15.52 -10.21 -49.84
N GLY G 72 15.35 -9.24 -48.94
CA GLY G 72 14.56 -8.06 -49.25
C GLY G 72 13.06 -8.28 -49.29
N GLN G 73 12.60 -9.52 -49.03
CA GLN G 73 11.21 -9.95 -49.14
C GLN G 73 10.67 -10.27 -47.75
N GLY G 74 9.60 -9.61 -47.35
CA GLY G 74 8.99 -9.94 -46.08
C GLY G 74 9.30 -8.89 -45.04
N ASN G 75 8.83 -9.17 -43.83
CA ASN G 75 8.98 -8.30 -42.67
C ASN G 75 9.84 -9.00 -41.62
N CYS G 76 11.00 -8.43 -41.31
CA CYS G 76 11.93 -9.00 -40.33
C CYS G 76 12.15 -8.03 -39.18
N TYR G 77 12.50 -8.58 -38.00
CA TYR G 77 12.59 -7.82 -36.77
C TYR G 77 13.71 -8.33 -35.89
N ARG G 78 14.42 -7.40 -35.26
CA ARG G 78 15.46 -7.68 -34.28
C ARG G 78 14.90 -7.45 -32.89
N SER G 79 15.21 -8.36 -31.98
CA SER G 79 14.70 -8.23 -30.62
C SER G 79 15.27 -6.96 -29.97
N ARG G 80 14.43 -6.30 -29.17
CA ARG G 80 14.87 -5.13 -28.45
C ARG G 80 15.98 -5.47 -27.45
N PHE G 81 15.87 -6.63 -26.81
CA PHE G 81 16.81 -7.06 -25.80
C PHE G 81 17.50 -8.36 -26.21
N ARG G 82 18.63 -8.61 -25.57
CA ARG G 82 19.27 -9.91 -25.71
C ARG G 82 18.34 -10.97 -25.16
N MET G 83 18.31 -12.11 -25.84
CA MET G 83 17.57 -13.27 -25.43
C MET G 83 18.52 -14.31 -24.87
N HIS G 84 17.97 -15.24 -24.09
CA HIS G 84 18.75 -16.31 -23.50
C HIS G 84 18.61 -17.53 -24.40
N ILE G 85 19.72 -17.96 -24.99
CA ILE G 85 19.64 -19.00 -26.01
C ILE G 85 20.53 -20.15 -25.59
N THR G 86 20.30 -21.29 -26.23
CA THR G 86 21.24 -22.40 -26.19
C THR G 86 21.53 -22.80 -27.62
N ASP G 87 22.81 -22.86 -27.97
CA ASP G 87 23.22 -23.32 -29.30
C ASP G 87 23.57 -24.80 -29.26
N CYS G 88 23.01 -25.58 -30.18
CA CYS G 88 23.24 -27.00 -30.30
C CYS G 88 24.00 -27.27 -31.59
N ARG G 89 25.17 -27.91 -31.46
CA ARG G 89 26.00 -28.25 -32.62
C ARG G 89 26.16 -29.76 -32.67
N LEU G 90 25.76 -30.36 -33.80
CA LEU G 90 25.93 -31.79 -34.00
C LEU G 90 27.40 -32.17 -33.89
N THR G 91 27.71 -33.17 -33.06
CA THR G 91 29.09 -33.57 -32.90
C THR G 91 29.59 -34.35 -34.11
N ASN G 92 30.91 -34.42 -34.21
CA ASN G 92 31.61 -35.05 -35.37
C ASN G 92 31.24 -36.50 -35.54
N GLY G 93 30.92 -36.89 -36.75
CA GLY G 93 30.66 -38.29 -36.97
C GLY G 93 29.32 -38.74 -36.45
N SER G 94 28.72 -37.95 -35.56
CA SER G 94 27.39 -38.27 -35.05
C SER G 94 26.41 -38.37 -36.22
N LYS G 95 25.69 -39.49 -36.29
CA LYS G 95 24.86 -39.78 -37.45
C LYS G 95 23.65 -40.60 -37.04
N TYR G 96 22.51 -40.23 -37.63
CA TYR G 96 21.21 -40.74 -37.22
C TYR G 96 21.24 -42.27 -37.13
N PRO G 97 20.56 -42.86 -36.14
CA PRO G 97 19.74 -42.10 -35.18
C PRO G 97 20.49 -41.68 -33.92
N ASN G 98 21.81 -41.88 -33.91
CA ASN G 98 22.64 -41.54 -32.74
C ASN G 98 23.16 -40.12 -32.90
N CYS G 99 22.24 -39.16 -32.78
CA CYS G 99 22.56 -37.75 -32.95
C CYS G 99 22.96 -37.17 -31.59
N ARG G 100 24.24 -36.83 -31.45
CA ARG G 100 24.76 -36.24 -30.22
C ARG G 100 25.13 -34.78 -30.48
N TYR G 101 24.89 -33.92 -29.50
CA TYR G 101 25.08 -32.49 -29.68
C TYR G 101 25.94 -31.92 -28.56
N ARG G 102 26.73 -30.90 -28.91
CA ARG G 102 27.36 -30.02 -27.94
C ARG G 102 26.38 -28.92 -27.56
N THR G 103 26.30 -28.63 -26.25
CA THR G 103 25.41 -27.61 -25.71
C THR G 103 26.21 -26.38 -25.28
N ARG G 104 25.82 -25.23 -25.80
CA ARG G 104 26.48 -23.97 -25.38
C ARG G 104 25.44 -22.89 -25.12
N PRO G 105 25.31 -22.40 -23.89
CA PRO G 105 24.39 -21.31 -23.62
C PRO G 105 24.94 -19.98 -24.14
N GLY G 106 24.05 -19.03 -24.34
CA GLY G 106 24.49 -17.71 -24.82
C GLY G 106 23.43 -16.67 -24.56
N ARG G 107 23.80 -15.43 -24.75
CA ARG G 107 22.88 -14.28 -24.64
C ARG G 107 23.12 -13.43 -25.87
N ARG G 108 22.13 -13.31 -26.73
CA ARG G 108 22.29 -12.47 -27.93
C ARG G 108 20.92 -12.08 -28.47
N HIS G 109 20.91 -11.10 -29.33
CA HIS G 109 19.63 -10.74 -29.95
C HIS G 109 19.24 -11.81 -30.99
N ILE G 110 17.96 -11.88 -31.27
CA ILE G 110 17.49 -12.73 -32.36
C ILE G 110 16.85 -11.85 -33.43
N ILE G 111 16.86 -12.34 -34.66
CA ILE G 111 16.20 -11.67 -35.79
C ILE G 111 15.27 -12.69 -36.43
N VAL G 112 14.00 -12.35 -36.54
CA VAL G 112 13.00 -13.28 -37.07
C VAL G 112 12.23 -12.61 -38.19
N ALA G 113 11.77 -13.43 -39.13
CA ALA G 113 10.73 -13.01 -40.07
C ALA G 113 9.39 -13.28 -39.42
N CYS G 114 8.45 -12.36 -39.58
CA CYS G 114 7.12 -12.48 -39.00
C CYS G 114 6.05 -12.39 -40.09
N GLU G 115 4.97 -13.13 -39.89
CA GLU G 115 3.90 -13.17 -40.87
C GLU G 115 2.65 -13.74 -40.23
N GLY G 116 1.51 -13.41 -40.84
CA GLY G 116 0.29 -14.17 -40.60
C GLY G 116 -0.66 -13.47 -39.67
N SER G 117 -1.74 -14.18 -39.37
CA SER G 117 -2.75 -13.75 -38.41
C SER G 117 -3.01 -14.94 -37.49
N PRO G 118 -2.54 -14.91 -36.24
CA PRO G 118 -1.78 -13.84 -35.60
C PRO G 118 -0.42 -13.63 -36.23
N TYR G 119 0.14 -12.45 -35.98
CA TYR G 119 1.40 -12.02 -36.60
C TYR G 119 2.52 -12.54 -35.72
N VAL G 120 3.17 -13.61 -36.16
CA VAL G 120 4.11 -14.33 -35.30
C VAL G 120 5.38 -14.69 -36.05
N PRO G 121 6.45 -15.08 -35.36
CA PRO G 121 7.68 -15.48 -36.03
C PRO G 121 7.50 -16.76 -36.83
N VAL G 122 8.06 -16.78 -38.03
CA VAL G 122 7.99 -17.94 -38.90
C VAL G 122 9.36 -18.50 -39.25
N HIS G 123 10.44 -17.76 -39.00
N HIS G 123 10.44 -17.74 -39.08
CA HIS G 123 11.80 -18.18 -39.32
CA HIS G 123 11.77 -18.32 -39.17
C HIS G 123 12.79 -17.25 -38.62
C HIS G 123 12.83 -17.29 -38.81
N PHE G 124 13.98 -17.76 -38.34
CA PHE G 124 15.12 -16.88 -38.12
C PHE G 124 15.57 -16.29 -39.46
N ASP G 125 16.00 -15.02 -39.44
CA ASP G 125 16.49 -14.37 -40.65
C ASP G 125 17.85 -13.74 -40.38
N ALA G 126 18.77 -13.87 -41.34
CA ALA G 126 20.10 -13.28 -41.16
C ALA G 126 20.10 -11.76 -41.35
N SER G 127 19.08 -11.21 -41.99
CA SER G 127 18.98 -9.78 -42.28
C SER G 127 20.23 -9.32 -43.03
N VAL G 128 20.59 -8.05 -42.81
CA VAL G 128 21.60 -7.34 -43.57
C VAL G 128 22.64 -6.79 -42.61
N MET H 1 24.95 27.85 -19.68
CA MET H 1 24.58 27.74 -21.09
C MET H 1 25.82 27.69 -21.97
N ARG H 2 25.88 26.71 -22.87
CA ARG H 2 26.95 26.65 -23.86
C ARG H 2 26.40 26.13 -25.18
N PRO H 3 26.60 26.86 -26.27
CA PRO H 3 26.20 26.35 -27.59
C PRO H 3 26.94 25.07 -27.93
N PRO H 4 26.24 24.07 -28.46
CA PRO H 4 26.88 22.76 -28.68
C PRO H 4 28.10 22.81 -29.58
N GLN H 5 28.24 23.79 -30.47
CA GLN H 5 29.36 23.79 -31.39
C GLN H 5 30.65 24.29 -30.76
N PHE H 6 30.61 24.75 -29.51
CA PHE H 6 31.79 25.30 -28.86
C PHE H 6 32.20 24.43 -27.69
N THR H 7 33.50 24.19 -27.56
CA THR H 7 34.02 23.62 -26.33
C THR H 7 33.94 24.66 -25.20
N ARG H 8 34.14 24.21 -23.97
CA ARG H 8 34.17 25.16 -22.86
C ARG H 8 35.25 26.22 -23.07
N ALA H 9 36.39 25.81 -23.61
CA ALA H 9 37.49 26.77 -23.82
C ALA H 9 37.13 27.78 -24.89
N GLN H 10 36.48 27.33 -25.97
CA GLN H 10 36.09 28.25 -27.03
C GLN H 10 35.04 29.23 -26.55
N TRP H 11 34.07 28.72 -25.78
CA TRP H 11 32.98 29.58 -25.31
C TRP H 11 33.50 30.57 -24.27
N PHE H 12 34.45 30.16 -23.43
CA PHE H 12 35.09 31.10 -22.52
C PHE H 12 35.74 32.25 -23.30
N ALA H 13 36.49 31.92 -24.35
CA ALA H 13 37.19 32.94 -25.12
C ALA H 13 36.21 33.87 -25.82
N ILE H 14 35.15 33.30 -26.42
CA ILE H 14 34.16 34.12 -27.12
C ILE H 14 33.48 35.09 -26.15
N GLN H 15 33.14 34.62 -24.96
CA GLN H 15 32.42 35.45 -24.01
C GLN H 15 33.31 36.43 -23.28
N HIS H 16 34.57 36.08 -23.05
CA HIS H 16 35.33 36.77 -22.03
C HIS H 16 36.67 37.32 -22.45
N ILE H 17 37.16 37.01 -23.65
CA ILE H 17 38.47 37.48 -24.08
C ILE H 17 38.28 38.38 -25.28
N ASP H 18 38.63 39.66 -25.12
CA ASP H 18 38.74 40.61 -26.24
C ASP H 18 40.24 40.86 -26.38
N SER H 19 40.91 39.96 -27.09
CA SER H 19 42.36 39.86 -26.96
C SER H 19 43.06 41.12 -27.43
N ASP H 20 43.93 41.65 -26.58
CA ASP H 20 44.81 42.76 -26.94
C ASP H 20 43.99 43.95 -27.44
N SER H 21 43.07 44.40 -26.61
CA SER H 21 42.19 45.51 -26.98
C SER H 21 42.29 46.64 -25.96
N SER H 22 41.80 47.81 -26.36
CA SER H 22 41.91 48.99 -25.50
C SER H 22 41.13 48.79 -24.20
N PRO H 23 41.74 49.08 -23.05
CA PRO H 23 40.98 48.99 -21.79
C PRO H 23 39.85 49.99 -21.71
N SER H 24 39.99 51.12 -22.37
CA SER H 24 38.97 52.16 -22.35
C SER H 24 38.07 51.97 -23.56
N SER H 25 36.77 51.91 -23.32
CA SER H 25 35.81 51.64 -24.37
C SER H 25 34.78 52.76 -24.40
N SER H 26 34.16 52.93 -25.56
CA SER H 26 33.00 53.81 -25.62
C SER H 26 31.91 53.28 -24.69
N SER H 27 31.01 54.18 -24.27
CA SER H 27 29.86 53.75 -23.48
C SER H 27 28.97 52.77 -24.21
N ARG H 28 29.16 52.62 -25.53
CA ARG H 28 28.39 51.70 -26.36
C ARG H 28 29.07 50.35 -26.54
N TYR H 29 30.26 50.17 -25.97
CA TYR H 29 31.05 48.95 -26.20
C TYR H 29 30.27 47.69 -25.89
N CYS H 30 29.65 47.62 -24.71
CA CYS H 30 28.97 46.40 -24.29
C CYS H 30 27.76 46.10 -25.17
N THR H 31 26.97 47.13 -25.49
CA THR H 31 25.80 46.91 -26.34
C THR H 31 26.21 46.30 -27.66
N ILE H 32 27.34 46.74 -28.22
CA ILE H 32 27.78 46.19 -29.49
C ILE H 32 28.42 44.82 -29.32
N ALA H 33 29.30 44.68 -28.32
CA ALA H 33 30.06 43.45 -28.15
C ALA H 33 29.18 42.28 -27.74
N MET H 34 28.11 42.53 -26.99
CA MET H 34 27.32 41.42 -26.48
C MET H 34 26.50 40.74 -27.57
N ARG H 35 26.31 41.40 -28.73
CA ARG H 35 25.50 40.81 -29.78
C ARG H 35 26.09 39.48 -30.26
N ALA H 36 27.41 39.39 -30.37
CA ALA H 36 28.03 38.15 -30.82
C ALA H 36 27.73 37.01 -29.86
N ILE H 37 27.62 37.31 -28.57
N ILE H 37 27.60 37.31 -28.56
N ILE H 37 27.61 37.30 -28.56
CA ILE H 37 27.32 36.28 -27.57
CA ILE H 37 27.33 36.27 -27.58
CA ILE H 37 27.32 36.26 -27.58
C ILE H 37 25.84 35.92 -27.59
C ILE H 37 25.84 35.93 -27.56
C ILE H 37 25.84 35.92 -27.59
N ASN H 38 24.97 36.94 -27.54
CA ASN H 38 23.54 36.70 -27.42
C ASN H 38 22.92 36.07 -28.66
N ASN H 39 23.56 36.19 -29.84
CA ASN H 39 23.03 35.51 -31.02
C ASN H 39 22.97 34.01 -30.82
N TYR H 40 23.75 33.46 -29.90
CA TYR H 40 23.76 32.02 -29.61
C TYR H 40 22.86 31.64 -28.44
N ARG H 41 22.24 32.61 -27.80
CA ARG H 41 21.52 32.39 -26.55
C ARG H 41 20.03 32.56 -26.78
N TRP H 42 19.22 31.99 -25.89
CA TRP H 42 17.80 32.22 -26.07
C TRP H 42 17.35 33.55 -25.49
N ARG H 43 18.01 34.05 -24.45
CA ARG H 43 17.71 35.35 -23.88
C ARG H 43 19.00 36.13 -23.63
N CYS H 44 18.89 37.46 -23.58
CA CYS H 44 20.06 38.32 -23.34
C CYS H 44 20.78 37.88 -22.07
N LYS H 45 22.09 37.79 -22.14
CA LYS H 45 22.86 37.46 -20.94
C LYS H 45 22.80 38.60 -19.93
N PRO H 46 22.46 38.33 -18.67
CA PRO H 46 22.26 39.44 -17.72
C PRO H 46 23.52 40.24 -17.38
N VAL H 47 24.64 39.56 -17.21
N VAL H 47 24.67 39.58 -17.25
CA VAL H 47 25.91 40.23 -16.97
CA VAL H 47 25.91 40.26 -16.90
C VAL H 47 26.97 39.51 -17.78
C VAL H 47 27.07 39.48 -17.53
N ASN H 48 28.07 40.20 -18.02
CA ASN H 48 29.22 39.58 -18.67
C ASN H 48 30.44 40.45 -18.50
N THR H 49 31.59 39.81 -18.31
CA THR H 49 32.86 40.51 -18.17
C THR H 49 33.77 40.14 -19.33
N PHE H 50 34.34 41.16 -19.97
CA PHE H 50 35.38 40.99 -20.97
C PHE H 50 36.74 41.35 -20.39
N VAL H 51 37.77 40.57 -20.74
CA VAL H 51 39.16 40.88 -20.40
C VAL H 51 39.85 41.39 -21.65
N HIS H 52 40.65 42.45 -21.51
CA HIS H 52 41.27 43.10 -22.68
C HIS H 52 42.70 42.69 -22.96
N GLU H 53 43.37 42.02 -22.02
CA GLU H 53 44.76 41.63 -22.21
C GLU H 53 44.92 40.69 -23.41
N PRO H 54 46.14 40.59 -23.94
CA PRO H 54 46.44 39.54 -24.91
C PRO H 54 46.03 38.17 -24.40
N LEU H 55 45.54 37.33 -25.31
CA LEU H 55 45.09 35.99 -24.97
C LEU H 55 46.11 35.23 -24.11
N VAL H 56 47.39 35.29 -24.49
CA VAL H 56 48.35 34.49 -23.75
C VAL H 56 48.41 34.91 -22.29
N ASP H 57 48.16 36.20 -22.00
CA ASP H 57 48.15 36.65 -20.60
C ASP H 57 47.05 35.96 -19.82
N VAL H 58 45.88 35.78 -20.46
CA VAL H 58 44.77 35.14 -19.78
C VAL H 58 45.04 33.65 -19.59
N GLN H 59 45.56 33.00 -20.64
CA GLN H 59 45.92 31.60 -20.52
C GLN H 59 46.99 31.40 -19.46
N ASN H 60 47.87 32.38 -19.30
CA ASN H 60 48.92 32.26 -18.29
C ASN H 60 48.36 32.19 -16.88
N VAL H 61 47.11 32.62 -16.68
CA VAL H 61 46.55 32.57 -15.33
C VAL H 61 46.47 31.13 -14.85
N CYS H 62 46.34 30.18 -15.77
CA CYS H 62 46.31 28.75 -15.41
C CYS H 62 47.61 28.29 -14.76
N PHE H 63 48.64 29.14 -14.72
CA PHE H 63 49.93 28.83 -14.14
C PHE H 63 50.29 29.79 -13.01
N GLN H 64 49.29 30.49 -12.49
CA GLN H 64 49.55 31.49 -11.47
C GLN H 64 49.05 31.03 -10.10
N GLU H 65 48.18 31.78 -9.44
CA GLU H 65 47.92 31.53 -8.02
C GLU H 65 46.79 30.51 -7.86
N LYS H 66 47.16 29.28 -7.50
CA LYS H 66 46.15 28.25 -7.33
C LYS H 66 45.29 28.54 -6.09
N VAL H 67 43.98 28.49 -6.27
CA VAL H 67 43.00 28.68 -5.21
C VAL H 67 41.92 27.61 -5.38
N THR H 68 41.25 27.26 -4.30
CA THR H 68 40.22 26.22 -4.40
C THR H 68 39.05 26.70 -5.22
N CYS H 69 38.48 25.81 -6.04
CA CYS H 69 37.29 26.14 -6.81
C CYS H 69 36.06 26.20 -5.91
N LYS H 70 35.07 26.98 -6.34
N LYS H 70 35.08 27.01 -6.32
CA LYS H 70 33.85 27.13 -5.55
CA LYS H 70 33.85 27.13 -5.56
C LYS H 70 33.17 25.80 -5.28
C LYS H 70 33.27 25.76 -5.24
N ASN H 71 33.23 24.86 -6.22
CA ASN H 71 32.65 23.54 -6.03
C ASN H 71 33.63 22.55 -5.44
N GLY H 72 34.87 22.97 -5.15
CA GLY H 72 35.90 22.09 -4.67
C GLY H 72 36.48 21.13 -5.68
N GLN H 73 35.91 21.05 -6.89
CA GLN H 73 36.33 20.13 -7.93
C GLN H 73 37.05 20.89 -9.03
N GLY H 74 38.27 20.50 -9.31
CA GLY H 74 38.99 21.10 -10.42
C GLY H 74 40.09 22.03 -9.98
N ASN H 75 40.70 22.66 -10.97
CA ASN H 75 41.86 23.52 -10.80
C ASN H 75 41.46 24.96 -11.11
N CYS H 76 41.44 25.82 -10.09
CA CYS H 76 41.15 27.23 -10.24
C CYS H 76 42.36 28.06 -9.85
N TYR H 77 42.46 29.24 -10.48
CA TYR H 77 43.65 30.07 -10.37
C TYR H 77 43.26 31.54 -10.34
N ARG H 78 43.96 32.29 -9.49
CA ARG H 78 43.83 33.74 -9.42
C ARG H 78 44.98 34.38 -10.16
N SER H 79 44.67 35.43 -10.92
CA SER H 79 45.72 36.07 -11.69
C SER H 79 46.74 36.75 -10.78
N ARG H 80 48.01 36.68 -11.20
CA ARG H 80 49.11 37.35 -10.50
C ARG H 80 48.91 38.87 -10.49
N PHE H 81 48.43 39.41 -11.59
CA PHE H 81 48.24 40.84 -11.73
C PHE H 81 46.75 41.15 -11.96
N ARG H 82 46.39 42.41 -11.75
CA ARG H 82 45.07 42.87 -12.11
C ARG H 82 44.90 42.86 -13.62
N MET H 83 43.79 42.33 -14.09
CA MET H 83 43.45 42.39 -15.51
C MET H 83 42.69 43.69 -15.79
N HIS H 84 42.72 44.12 -17.05
CA HIS H 84 41.89 45.22 -17.52
C HIS H 84 40.57 44.65 -18.03
N ILE H 85 39.47 44.99 -17.38
CA ILE H 85 38.21 44.36 -17.73
C ILE H 85 37.19 45.43 -18.10
N THR H 86 36.11 44.97 -18.74
CA THR H 86 34.90 45.75 -18.91
C THR H 86 33.74 44.90 -18.41
N ASP H 87 32.96 45.44 -17.48
CA ASP H 87 31.76 44.79 -16.99
C ASP H 87 30.56 45.27 -17.77
N CYS H 88 29.75 44.33 -18.25
CA CYS H 88 28.53 44.62 -18.99
C CYS H 88 27.35 44.18 -18.14
N ARG H 89 26.40 45.09 -17.92
CA ARG H 89 25.18 44.77 -17.20
C ARG H 89 23.97 45.09 -18.08
N LEU H 90 23.10 44.11 -18.25
CA LEU H 90 21.92 44.26 -19.10
C LEU H 90 21.02 45.34 -18.54
N THR H 91 20.60 46.27 -19.41
N THR H 91 20.55 46.24 -19.41
CA THR H 91 19.70 47.33 -18.98
CA THR H 91 19.68 47.31 -18.96
C THR H 91 18.29 46.79 -18.82
C THR H 91 18.25 46.80 -18.76
N ASN H 92 17.63 47.21 -17.74
N ASN H 92 17.60 47.30 -17.71
CA ASN H 92 16.35 46.62 -17.40
CA ASN H 92 16.24 46.89 -17.38
C ASN H 92 15.31 46.95 -18.47
C ASN H 92 15.36 46.97 -18.62
N GLY H 93 14.54 45.93 -18.85
CA GLY H 93 13.58 45.98 -19.93
C GLY H 93 14.08 45.42 -21.25
N SER H 94 15.37 45.13 -21.36
CA SER H 94 15.93 44.60 -22.60
C SER H 94 15.26 43.28 -22.98
N LYS H 95 15.04 43.03 -24.25
CA LYS H 95 14.46 41.74 -24.69
C LYS H 95 15.09 41.42 -26.03
N TYR H 96 15.59 40.21 -26.24
CA TYR H 96 16.27 39.89 -27.52
C TYR H 96 15.30 40.14 -28.66
N PRO H 97 15.70 40.82 -29.74
CA PRO H 97 17.07 41.25 -29.96
C PRO H 97 17.44 42.64 -29.44
N ASN H 98 16.57 43.24 -28.65
CA ASN H 98 16.89 44.58 -28.13
C ASN H 98 17.62 44.47 -26.78
N CYS H 99 18.83 43.95 -26.81
CA CYS H 99 19.66 43.82 -25.61
C CYS H 99 20.59 45.03 -25.52
N ARG H 100 20.38 45.80 -24.51
CA ARG H 100 21.24 46.96 -24.30
C ARG H 100 21.89 46.84 -22.93
N TYR H 101 23.18 47.34 -22.96
CA TYR H 101 24.04 47.12 -21.80
C TYR H 101 24.64 48.41 -21.30
N ARG H 102 24.87 48.45 -20.00
CA ARG H 102 25.73 49.43 -19.38
C ARG H 102 27.17 48.93 -19.41
N THR H 103 28.09 49.80 -19.78
CA THR H 103 29.51 49.51 -19.89
C THR H 103 30.27 50.17 -18.74
N ARG H 104 31.05 49.38 -18.02
CA ARG H 104 31.88 49.94 -16.93
C ARG H 104 33.27 49.31 -16.96
N PRO H 105 34.32 50.10 -17.19
CA PRO H 105 35.67 49.57 -17.16
C PRO H 105 36.12 49.32 -15.72
N GLY H 106 37.15 48.52 -15.58
CA GLY H 106 37.69 48.19 -14.26
C GLY H 106 39.03 47.50 -14.37
N ARG H 107 39.71 47.32 -13.23
CA ARG H 107 41.03 46.63 -13.19
C ARG H 107 41.06 45.75 -11.94
N ARG H 108 40.92 44.43 -12.10
CA ARG H 108 40.89 43.57 -10.91
C ARG H 108 41.51 42.23 -11.26
N HIS H 109 41.78 41.48 -10.23
CA HIS H 109 42.26 40.11 -10.42
C HIS H 109 41.09 39.25 -10.90
N ILE H 110 41.40 38.27 -11.71
CA ILE H 110 40.38 37.33 -12.16
C ILE H 110 40.70 35.95 -11.60
N ILE H 111 39.67 35.12 -11.47
CA ILE H 111 39.81 33.74 -11.03
C ILE H 111 39.15 32.86 -12.09
N VAL H 112 39.91 31.92 -12.63
CA VAL H 112 39.39 31.05 -13.69
C VAL H 112 39.64 29.60 -13.31
N ALA H 113 38.80 28.74 -13.87
CA ALA H 113 39.02 27.29 -13.80
C ALA H 113 39.72 26.91 -15.11
N CYS H 114 40.71 26.02 -15.03
CA CYS H 114 41.47 25.60 -16.21
C CYS H 114 41.41 24.07 -16.37
N GLU H 115 41.40 23.63 -17.60
CA GLU H 115 41.31 22.20 -17.89
C GLU H 115 41.76 21.94 -19.32
N GLY H 116 42.27 20.73 -19.56
CA GLY H 116 42.42 20.27 -20.94
C GLY H 116 43.81 20.24 -21.48
N SER H 117 43.86 19.87 -22.76
CA SER H 117 45.09 19.82 -23.56
C SER H 117 44.80 20.61 -24.83
N PRO H 118 45.26 21.85 -25.03
CA PRO H 118 46.04 22.62 -24.07
C PRO H 118 45.28 23.07 -22.81
N TYR H 119 46.04 23.32 -21.75
CA TYR H 119 45.47 23.63 -20.42
C TYR H 119 45.14 25.11 -20.42
N VAL H 120 43.86 25.39 -20.56
CA VAL H 120 43.40 26.78 -20.78
C VAL H 120 42.16 27.06 -19.94
N PRO H 121 41.77 28.33 -19.78
CA PRO H 121 40.60 28.65 -19.02
C PRO H 121 39.32 28.12 -19.66
N VAL H 122 38.47 27.55 -18.83
CA VAL H 122 37.16 27.01 -19.28
C VAL H 122 36.00 27.68 -18.54
N HIS H 123 36.27 28.40 -17.46
CA HIS H 123 35.15 29.05 -16.75
C HIS H 123 35.69 30.20 -15.91
N PHE H 124 34.87 31.23 -15.68
CA PHE H 124 35.34 32.39 -14.86
C PHE H 124 34.96 32.17 -13.39
N ASP H 125 34.93 33.27 -12.65
CA ASP H 125 34.56 33.36 -11.21
C ASP H 125 34.53 34.85 -10.87
N MET I 1 -22.68 -30.38 15.45
CA MET I 1 -23.30 -29.52 14.44
C MET I 1 -22.93 -29.99 13.05
N ARG I 2 -23.69 -29.55 12.04
N ARG I 2 -23.70 -29.56 12.05
CA ARG I 2 -23.35 -29.80 10.65
CA ARG I 2 -23.32 -29.79 10.66
C ARG I 2 -23.84 -28.61 9.84
C ARG I 2 -23.83 -28.61 9.84
N PRO I 3 -22.98 -27.99 9.04
CA PRO I 3 -23.43 -26.89 8.19
C PRO I 3 -24.51 -27.39 7.24
N PRO I 4 -25.59 -26.62 7.06
CA PRO I 4 -26.72 -27.12 6.27
C PRO I 4 -26.34 -27.51 4.85
N GLN I 5 -25.31 -26.88 4.28
CA GLN I 5 -24.96 -27.13 2.88
C GLN I 5 -24.23 -28.45 2.66
N PHE I 6 -23.84 -29.17 3.70
CA PHE I 6 -23.09 -30.41 3.57
C PHE I 6 -23.91 -31.60 4.04
N THR I 7 -23.84 -32.69 3.28
CA THR I 7 -24.35 -33.97 3.77
C THR I 7 -23.45 -34.49 4.89
N ARG I 8 -23.94 -35.52 5.59
CA ARG I 8 -23.11 -36.11 6.63
C ARG I 8 -21.80 -36.65 6.06
N ALA I 9 -21.85 -37.27 4.88
CA ALA I 9 -20.63 -37.81 4.28
C ALA I 9 -19.66 -36.69 3.93
N GLN I 10 -20.18 -35.59 3.39
CA GLN I 10 -19.31 -34.47 3.05
C GLN I 10 -18.67 -33.87 4.29
N TRP I 11 -19.46 -33.67 5.34
CA TRP I 11 -18.93 -33.05 6.56
C TRP I 11 -17.95 -33.98 7.26
N PHE I 12 -18.19 -35.29 7.22
CA PHE I 12 -17.20 -36.23 7.75
C PHE I 12 -15.86 -36.07 7.03
N ALA I 13 -15.89 -36.02 5.69
CA ALA I 13 -14.64 -35.95 4.95
C ALA I 13 -13.93 -34.62 5.22
N ILE I 14 -14.68 -33.52 5.26
CA ILE I 14 -14.07 -32.21 5.51
C ILE I 14 -13.39 -32.19 6.87
N GLN I 15 -14.06 -32.74 7.88
CA GLN I 15 -13.52 -32.65 9.23
C GLN I 15 -12.42 -33.66 9.50
N HIS I 16 -12.46 -34.83 8.82
CA HIS I 16 -11.69 -35.96 9.32
C HIS I 16 -10.79 -36.62 8.31
N ILE I 17 -10.86 -36.27 7.04
CA ILE I 17 -10.05 -36.92 6.01
C ILE I 17 -9.13 -35.87 5.41
N ASP I 18 -7.82 -36.05 5.62
CA ASP I 18 -6.78 -35.27 4.95
C ASP I 18 -6.16 -36.24 3.95
N SER I 19 -6.81 -36.40 2.81
CA SER I 19 -6.57 -37.55 1.96
C SER I 19 -5.13 -37.60 1.49
N ASP I 20 -4.47 -38.73 1.73
CA ASP I 20 -3.14 -39.01 1.19
C ASP I 20 -2.15 -37.91 1.58
N SER I 21 -2.00 -37.73 2.88
CA SER I 21 -1.13 -36.71 3.44
C SER I 21 -0.12 -37.34 4.39
N SER I 22 0.94 -36.60 4.66
N SER I 22 0.93 -36.59 4.67
CA SER I 22 2.02 -37.06 5.52
CA SER I 22 2.03 -37.10 5.50
C SER I 22 1.47 -37.40 6.90
C SER I 22 1.53 -37.39 6.91
N PRO I 23 1.78 -38.58 7.46
CA PRO I 23 1.39 -38.84 8.85
C PRO I 23 2.08 -37.94 9.85
N SER I 24 3.30 -37.50 9.56
CA SER I 24 4.06 -36.65 10.46
C SER I 24 3.82 -35.20 10.09
N SER I 25 3.47 -34.39 11.08
CA SER I 25 3.08 -33.01 10.85
C SER I 25 3.94 -32.08 11.69
N SER I 26 4.07 -30.84 11.23
N SER I 26 4.08 -30.84 11.23
CA SER I 26 4.59 -29.77 12.05
CA SER I 26 4.63 -29.81 12.10
C SER I 26 3.79 -29.69 13.35
C SER I 26 3.79 -29.70 13.36
N SER I 27 4.40 -29.14 14.40
CA SER I 27 3.67 -28.90 15.64
C SER I 27 2.54 -27.89 15.46
N ARG I 28 2.52 -27.17 14.34
CA ARG I 28 1.50 -26.18 14.01
C ARG I 28 0.38 -26.76 13.17
N TYR I 29 0.45 -28.04 12.81
CA TYR I 29 -0.48 -28.61 11.83
C TYR I 29 -1.93 -28.38 12.25
N CYS I 30 -2.28 -28.69 13.50
CA CYS I 30 -3.68 -28.60 13.92
C CYS I 30 -4.16 -27.16 13.94
N THR I 31 -3.35 -26.24 14.45
CA THR I 31 -3.78 -24.85 14.51
C THR I 31 -4.13 -24.35 13.10
N ILE I 32 -3.35 -24.72 12.09
CA ILE I 32 -3.68 -24.28 10.74
C ILE I 32 -4.86 -25.07 10.18
N ALA I 33 -4.82 -26.40 10.31
CA ALA I 33 -5.83 -27.26 9.70
C ALA I 33 -7.23 -27.05 10.27
N MET I 34 -7.34 -26.70 11.55
CA MET I 34 -8.65 -26.54 12.15
C MET I 34 -9.38 -25.29 11.67
N ARG I 35 -8.67 -24.33 11.06
CA ARG I 35 -9.34 -23.10 10.63
C ARG I 35 -10.42 -23.38 9.60
N ALA I 36 -10.16 -24.28 8.65
CA ALA I 36 -11.15 -24.57 7.62
C ALA I 36 -12.44 -25.14 8.22
N ILE I 37 -12.31 -25.92 9.29
CA ILE I 37 -13.48 -26.47 9.97
C ILE I 37 -14.17 -25.38 10.78
N ASN I 38 -13.40 -24.65 11.58
CA ASN I 38 -14.00 -23.69 12.49
C ASN I 38 -14.64 -22.52 11.75
N ASN I 39 -14.23 -22.27 10.50
CA ASN I 39 -14.86 -21.21 9.71
C ASN I 39 -16.35 -21.48 9.49
N TYR I 40 -16.80 -22.72 9.61
CA TYR I 40 -18.21 -23.07 9.45
C TYR I 40 -18.97 -23.11 10.75
N ARG I 41 -18.30 -22.83 11.86
CA ARG I 41 -18.84 -23.05 13.19
C ARG I 41 -18.97 -21.72 13.91
N TRP I 42 -19.80 -21.68 14.94
CA TRP I 42 -19.85 -20.41 15.64
C TRP I 42 -18.70 -20.25 16.62
N ARG I 43 -18.04 -21.36 17.00
CA ARG I 43 -16.88 -21.29 17.87
C ARG I 43 -15.91 -22.44 17.57
N CYS I 44 -14.73 -22.38 18.21
CA CYS I 44 -13.70 -23.42 18.06
C CYS I 44 -14.21 -24.81 18.46
N LYS I 45 -13.95 -25.80 17.61
CA LYS I 45 -14.21 -27.19 17.97
C LYS I 45 -13.15 -27.68 18.97
N PRO I 46 -13.55 -28.28 20.10
CA PRO I 46 -12.54 -28.61 21.12
C PRO I 46 -11.61 -29.78 20.80
N VAL I 47 -12.08 -30.81 20.08
CA VAL I 47 -11.27 -31.99 19.78
C VAL I 47 -11.58 -32.44 18.37
N ASN I 48 -10.55 -32.82 17.62
CA ASN I 48 -10.82 -33.30 16.26
C ASN I 48 -9.70 -34.22 15.82
N THR I 49 -10.07 -35.29 15.12
CA THR I 49 -9.11 -36.26 14.61
C THR I 49 -9.11 -36.23 13.09
N PHE I 50 -7.91 -36.12 12.51
CA PHE I 50 -7.71 -36.24 11.08
C PHE I 50 -7.08 -37.59 10.75
N VAL I 51 -7.55 -38.19 9.67
CA VAL I 51 -6.99 -39.42 9.11
C VAL I 51 -6.18 -39.06 7.88
N HIS I 52 -4.98 -39.62 7.74
CA HIS I 52 -4.10 -39.22 6.65
C HIS I 52 -4.11 -40.15 5.45
N GLU I 53 -4.67 -41.34 5.56
CA GLU I 53 -4.69 -42.29 4.45
C GLU I 53 -5.46 -41.73 3.25
N PRO I 54 -5.19 -42.28 2.06
CA PRO I 54 -6.03 -41.98 0.90
C PRO I 54 -7.50 -42.19 1.22
N LEU I 55 -8.34 -41.31 0.67
CA LEU I 55 -9.78 -41.39 0.87
C LEU I 55 -10.33 -42.80 0.66
N VAL I 56 -9.91 -43.48 -0.41
CA VAL I 56 -10.51 -44.80 -0.66
C VAL I 56 -10.21 -45.78 0.48
N ASP I 57 -9.07 -45.64 1.16
CA ASP I 57 -8.78 -46.52 2.29
C ASP I 57 -9.80 -46.29 3.41
N VAL I 58 -10.18 -45.04 3.63
CA VAL I 58 -11.16 -44.74 4.67
C VAL I 58 -12.53 -45.24 4.25
N GLN I 59 -12.90 -45.01 2.98
CA GLN I 59 -14.17 -45.52 2.50
C GLN I 59 -14.24 -47.03 2.59
N ASN I 60 -13.10 -47.70 2.42
CA ASN I 60 -13.08 -49.16 2.47
C ASN I 60 -13.41 -49.71 3.84
N VAL I 61 -13.32 -48.89 4.90
CA VAL I 61 -13.65 -49.39 6.23
C VAL I 61 -15.10 -49.84 6.27
N CYS I 62 -15.96 -49.25 5.42
CA CYS I 62 -17.37 -49.65 5.35
C CYS I 62 -17.56 -51.08 4.89
N PHE I 63 -16.48 -51.76 4.48
CA PHE I 63 -16.55 -53.15 4.02
C PHE I 63 -15.63 -54.04 4.85
N GLN I 64 -15.22 -53.57 6.02
CA GLN I 64 -14.28 -54.29 6.88
C GLN I 64 -15.05 -54.86 8.07
N GLU I 65 -14.59 -54.73 9.31
CA GLU I 65 -15.15 -55.53 10.39
C GLU I 65 -16.40 -54.87 10.95
N LYS I 66 -17.55 -55.50 10.78
CA LYS I 66 -18.79 -54.93 11.28
C LYS I 66 -18.84 -55.08 12.80
N VAL I 67 -19.17 -53.97 13.49
CA VAL I 67 -19.27 -53.94 14.94
C VAL I 67 -20.54 -53.21 15.33
N THR I 68 -20.98 -53.46 16.57
N THR I 68 -20.97 -53.45 16.57
CA THR I 68 -22.17 -52.83 17.09
CA THR I 68 -22.19 -52.83 17.07
C THR I 68 -21.92 -51.33 17.30
C THR I 68 -21.98 -51.36 17.36
N CYS I 69 -22.82 -50.51 16.79
CA CYS I 69 -22.74 -49.08 17.06
C CYS I 69 -23.05 -48.81 18.53
N LYS I 70 -22.55 -47.67 19.03
CA LYS I 70 -22.77 -47.31 20.43
C LYS I 70 -24.24 -47.29 20.77
N ASN I 71 -25.09 -46.84 19.85
CA ASN I 71 -26.52 -46.74 20.08
C ASN I 71 -27.30 -47.96 19.59
N GLY I 72 -26.61 -48.97 19.05
CA GLY I 72 -27.28 -50.13 18.48
C GLY I 72 -28.09 -49.85 17.23
N GLN I 73 -28.01 -48.64 16.70
CA GLN I 73 -28.76 -48.21 15.53
C GLN I 73 -27.77 -47.83 14.43
N GLY I 74 -27.87 -48.51 13.29
CA GLY I 74 -26.99 -48.18 12.19
C GLY I 74 -25.92 -49.25 12.00
N ASN I 75 -25.11 -49.03 10.98
CA ASN I 75 -24.07 -49.97 10.58
C ASN I 75 -22.72 -49.34 10.87
N CYS I 76 -21.98 -49.92 11.83
CA CYS I 76 -20.65 -49.44 12.18
C CYS I 76 -19.59 -50.47 11.85
N TYR I 77 -18.39 -49.96 11.54
CA TYR I 77 -17.30 -50.82 11.07
C TYR I 77 -15.99 -50.37 11.69
N ARG I 78 -15.15 -51.34 12.05
CA ARG I 78 -13.81 -51.07 12.53
C ARG I 78 -12.79 -51.39 11.44
N SER I 79 -11.81 -50.50 11.29
CA SER I 79 -10.84 -50.66 10.21
C SER I 79 -10.00 -51.92 10.40
N ARG I 80 -9.67 -52.55 9.27
CA ARG I 80 -8.82 -53.73 9.28
C ARG I 80 -7.43 -53.43 9.82
N PHE I 81 -6.87 -52.26 9.47
CA PHE I 81 -5.53 -51.86 9.86
C PHE I 81 -5.58 -50.58 10.68
N ARG I 82 -4.51 -50.32 11.42
CA ARG I 82 -4.40 -49.05 12.10
C ARG I 82 -4.23 -47.95 11.06
N MET I 83 -5.00 -46.87 11.22
CA MET I 83 -4.86 -45.70 10.38
C MET I 83 -3.81 -44.76 10.96
N HIS I 84 -3.31 -43.86 10.13
CA HIS I 84 -2.37 -42.81 10.56
C HIS I 84 -3.22 -41.58 10.89
N ILE I 85 -3.25 -41.19 12.15
CA ILE I 85 -4.16 -40.09 12.56
C ILE I 85 -3.39 -38.97 13.24
N THR I 86 -4.02 -37.82 13.26
CA THR I 86 -3.51 -36.69 14.05
C THR I 86 -4.65 -36.23 14.95
N ASP I 87 -4.40 -36.17 16.25
CA ASP I 87 -5.41 -35.68 17.21
C ASP I 87 -5.13 -34.21 17.48
N CYS I 88 -6.14 -33.38 17.35
CA CYS I 88 -6.05 -31.94 17.60
C CYS I 88 -6.87 -31.61 18.85
N ARG I 89 -6.25 -30.92 19.81
CA ARG I 89 -6.93 -30.57 21.04
C ARG I 89 -6.78 -29.08 21.30
N LEU I 90 -7.91 -28.41 21.43
CA LEU I 90 -7.95 -26.99 21.74
C LEU I 90 -7.23 -26.69 23.04
N THR I 91 -6.42 -25.64 23.05
CA THR I 91 -5.69 -25.27 24.26
C THR I 91 -6.60 -24.50 25.23
N ASN I 92 -6.27 -24.61 26.53
CA ASN I 92 -7.02 -23.90 27.56
C ASN I 92 -7.10 -22.40 27.28
N GLY I 93 -6.00 -21.81 26.83
CA GLY I 93 -6.04 -20.38 26.63
C GLY I 93 -6.80 -19.92 25.40
N SER I 94 -7.40 -20.83 24.65
CA SER I 94 -7.96 -20.53 23.34
C SER I 94 -9.37 -20.00 23.41
N LYS I 95 -9.69 -19.09 22.48
CA LYS I 95 -11.05 -18.61 22.27
C LYS I 95 -11.13 -18.02 20.87
N TYR I 96 -12.22 -18.34 20.20
CA TYR I 96 -12.43 -17.89 18.83
C TYR I 96 -12.22 -16.38 18.74
N PRO I 97 -11.65 -15.88 17.63
CA PRO I 97 -11.25 -16.76 16.52
C PRO I 97 -9.81 -17.25 16.56
N ASN I 98 -9.07 -16.95 17.62
CA ASN I 98 -7.67 -17.39 17.70
C ASN I 98 -7.62 -18.74 18.41
N CYS I 99 -8.07 -19.76 17.68
CA CYS I 99 -8.14 -21.12 18.19
C CYS I 99 -6.78 -21.78 18.03
N ARG I 100 -6.16 -22.10 19.16
CA ARG I 100 -4.83 -22.75 19.21
C ARG I 100 -5.05 -24.24 19.51
N TYR I 101 -4.27 -25.11 18.87
CA TYR I 101 -4.44 -26.54 19.07
C TYR I 101 -3.11 -27.20 19.33
N ARG I 102 -3.11 -28.19 20.22
N ARG I 102 -3.13 -28.24 20.16
CA ARG I 102 -1.99 -29.10 20.33
CA ARG I 102 -1.99 -29.11 20.35
C ARG I 102 -2.13 -30.20 19.29
C ARG I 102 -2.10 -30.29 19.39
N THR I 103 -1.01 -30.54 18.65
CA THR I 103 -0.99 -31.56 17.59
C THR I 103 -0.33 -32.83 18.10
N ARG I 104 -1.02 -33.96 17.94
CA ARG I 104 -0.41 -35.25 18.34
C ARG I 104 -0.66 -36.35 17.30
N PRO I 105 0.38 -36.88 16.64
CA PRO I 105 0.23 -37.96 15.69
C PRO I 105 -0.10 -39.28 16.41
N GLY I 106 -0.68 -40.21 15.70
CA GLY I 106 -1.01 -41.49 16.33
C GLY I 106 -1.32 -42.54 15.30
N ARG I 107 -1.45 -43.76 15.76
CA ARG I 107 -1.78 -44.88 14.87
C ARG I 107 -2.82 -45.71 15.60
N ARG I 108 -4.03 -45.81 15.05
CA ARG I 108 -5.01 -46.67 15.70
C ARG I 108 -6.08 -47.08 14.72
N HIS I 109 -6.82 -48.09 15.09
CA HIS I 109 -7.99 -48.49 14.28
C HIS I 109 -9.06 -47.41 14.46
N ILE I 110 -9.83 -47.19 13.43
CA ILE I 110 -10.94 -46.25 13.52
C ILE I 110 -12.24 -47.04 13.40
N ILE I 111 -13.31 -46.49 13.97
CA ILE I 111 -14.63 -47.07 13.87
C ILE I 111 -15.55 -46.02 13.29
N VAL I 112 -16.20 -46.35 12.18
N VAL I 112 -16.23 -46.36 12.20
CA VAL I 112 -17.08 -45.40 11.51
CA VAL I 112 -17.06 -45.40 11.48
C VAL I 112 -18.45 -46.01 11.29
C VAL I 112 -18.44 -46.00 11.22
N ALA I 113 -19.45 -45.14 11.26
CA ALA I 113 -20.81 -45.48 10.85
C ALA I 113 -20.88 -45.22 9.34
N CYS I 114 -21.45 -46.17 8.60
CA CYS I 114 -21.52 -46.02 7.12
C CYS I 114 -22.97 -46.03 6.68
N GLU I 115 -23.29 -45.23 5.67
CA GLU I 115 -24.69 -45.13 5.19
C GLU I 115 -24.72 -44.54 3.78
N GLY I 116 -25.72 -44.93 3.00
CA GLY I 116 -26.00 -44.17 1.79
C GLY I 116 -25.71 -44.86 0.50
N SER I 117 -25.89 -44.08 -0.55
CA SER I 117 -25.59 -44.44 -1.95
C SER I 117 -24.80 -43.27 -2.54
N PRO I 118 -23.46 -43.33 -2.69
CA PRO I 118 -22.62 -44.46 -2.31
C PRO I 118 -22.47 -44.72 -0.80
N TYR I 119 -22.14 -45.95 -0.46
CA TYR I 119 -22.06 -46.40 0.95
C TYR I 119 -20.73 -45.92 1.52
N VAL I 120 -20.80 -44.85 2.30
CA VAL I 120 -19.56 -44.19 2.79
C VAL I 120 -19.65 -43.81 4.26
N PRO I 121 -18.53 -43.44 4.88
CA PRO I 121 -18.54 -43.03 6.26
C PRO I 121 -19.32 -41.71 6.46
N VAL I 122 -20.15 -41.70 7.49
CA VAL I 122 -20.90 -40.50 7.82
C VAL I 122 -20.59 -39.97 9.21
N HIS I 123 -19.87 -40.72 10.03
N HIS I 123 -19.82 -40.69 10.01
CA HIS I 123 -19.36 -40.16 11.28
CA HIS I 123 -19.52 -40.28 11.38
C HIS I 123 -18.59 -41.26 12.01
C HIS I 123 -18.52 -41.28 11.96
N PHE I 124 -17.71 -40.82 12.91
CA PHE I 124 -17.02 -41.73 13.81
C PHE I 124 -18.00 -42.27 14.82
N ASP I 125 -17.79 -43.51 15.25
CA ASP I 125 -18.67 -44.12 16.27
C ASP I 125 -17.85 -44.85 17.33
N ALA I 126 -18.32 -44.84 18.57
CA ALA I 126 -17.60 -45.60 19.63
C ALA I 126 -18.41 -46.88 19.73
N SER I 127 -17.83 -48.04 19.47
CA SER I 127 -18.75 -49.19 19.31
C SER I 127 -19.57 -49.60 20.54
N VAL I 128 -18.97 -49.81 21.71
CA VAL I 128 -19.69 -50.30 22.93
C VAL I 128 -20.69 -51.40 22.55
N MET J 1 -9.32 -18.33 31.68
CA MET J 1 -10.25 -17.36 32.24
C MET J 1 -10.25 -17.42 33.76
N ARG J 2 -10.82 -16.39 34.38
CA ARG J 2 -11.04 -16.41 35.83
C ARG J 2 -12.36 -15.72 36.11
N PRO J 3 -13.28 -16.36 36.83
CA PRO J 3 -14.51 -15.70 37.21
C PRO J 3 -14.19 -14.46 38.03
N PRO J 4 -14.84 -13.33 37.74
CA PRO J 4 -14.47 -12.09 38.45
C PRO J 4 -14.61 -12.18 39.95
N GLN J 5 -15.50 -13.02 40.48
CA GLN J 5 -15.70 -13.09 41.92
C GLN J 5 -14.57 -13.81 42.66
N PHE J 6 -13.63 -14.46 41.97
CA PHE J 6 -12.56 -15.21 42.61
C PHE J 6 -11.22 -14.52 42.41
N THR J 7 -10.41 -14.47 43.47
CA THR J 7 -9.01 -14.11 43.34
C THR J 7 -8.25 -15.21 42.60
N ARG J 8 -7.04 -14.90 42.16
CA ARG J 8 -6.20 -15.93 41.55
C ARG J 8 -6.00 -17.11 42.51
N ALA J 9 -5.76 -16.83 43.79
CA ALA J 9 -5.54 -17.91 44.74
C ALA J 9 -6.80 -18.76 44.92
N GLN J 10 -7.97 -18.13 44.97
CA GLN J 10 -9.21 -18.88 45.12
C GLN J 10 -9.48 -19.74 43.89
N TRP J 11 -9.28 -19.19 42.69
CA TRP J 11 -9.55 -19.94 41.47
C TRP J 11 -8.55 -21.08 41.30
N PHE J 12 -7.30 -20.88 41.69
CA PHE J 12 -6.34 -21.99 41.66
C PHE J 12 -6.82 -23.13 42.54
N ALA J 13 -7.28 -22.81 43.75
CA ALA J 13 -7.69 -23.86 44.68
C ALA J 13 -8.94 -24.58 44.16
N ILE J 14 -9.91 -23.82 43.66
N ILE J 14 -9.90 -23.82 43.63
CA ILE J 14 -11.13 -24.41 43.12
CA ILE J 14 -11.13 -24.43 43.14
C ILE J 14 -10.81 -25.37 41.99
C ILE J 14 -10.85 -25.36 41.96
N GLN J 15 -9.93 -24.95 41.07
CA GLN J 15 -9.65 -25.75 39.89
C GLN J 15 -8.69 -26.90 40.17
N HIS J 16 -7.77 -26.76 41.13
CA HIS J 16 -6.63 -27.66 41.16
C HIS J 16 -6.38 -28.36 42.47
N ILE J 17 -7.09 -28.04 43.54
CA ILE J 17 -6.84 -28.63 44.83
C ILE J 17 -8.11 -29.39 45.24
N ASP J 18 -8.01 -30.71 45.31
CA ASP J 18 -9.04 -31.55 45.92
C ASP J 18 -8.45 -31.98 47.26
N SER J 19 -8.59 -31.11 48.27
CA SER J 19 -7.78 -31.23 49.48
C SER J 19 -8.03 -32.55 50.19
N ASP J 20 -6.96 -33.30 50.43
CA ASP J 20 -6.98 -34.51 51.24
C ASP J 20 -7.99 -35.51 50.70
N SER J 21 -7.80 -35.89 49.45
CA SER J 21 -8.70 -36.82 48.77
C SER J 21 -7.93 -38.03 48.27
N SER J 22 -8.68 -39.09 47.97
CA SER J 22 -8.07 -40.33 47.51
C SER J 22 -7.27 -40.12 46.24
N PRO J 23 -6.03 -40.60 46.17
CA PRO J 23 -5.31 -40.53 44.89
C PRO J 23 -5.93 -41.37 43.81
N SER J 24 -6.53 -42.50 44.17
CA SER J 24 -7.16 -43.40 43.22
C SER J 24 -8.66 -43.11 43.18
N SER J 25 -9.19 -42.90 41.98
CA SER J 25 -10.60 -42.54 41.84
C SER J 25 -11.25 -43.50 40.86
N SER J 26 -12.56 -43.40 40.76
CA SER J 26 -13.24 -44.09 39.68
C SER J 26 -12.82 -43.48 38.34
N SER J 27 -13.06 -44.23 37.28
CA SER J 27 -12.82 -43.70 35.94
C SER J 27 -13.72 -42.52 35.61
N ARG J 28 -14.75 -42.28 36.42
CA ARG J 28 -15.70 -41.18 36.23
C ARG J 28 -15.33 -39.93 37.01
N TYR J 29 -14.23 -39.97 37.76
CA TYR J 29 -13.90 -38.87 38.67
C TYR J 29 -13.88 -37.53 37.94
N CYS J 30 -13.19 -37.46 36.81
CA CYS J 30 -13.03 -36.19 36.14
C CYS J 30 -14.36 -35.67 35.59
N THR J 31 -15.17 -36.55 35.01
CA THR J 31 -16.43 -36.11 34.46
C THR J 31 -17.30 -35.47 35.55
N ILE J 32 -17.28 -36.02 36.76
CA ILE J 32 -18.06 -35.43 37.83
C ILE J 32 -17.36 -34.20 38.40
N ALA J 33 -16.06 -34.33 38.68
CA ALA J 33 -15.32 -33.25 39.34
C ALA J 33 -15.23 -31.99 38.49
N MET J 34 -15.20 -32.14 37.17
CA MET J 34 -15.05 -30.95 36.34
C MET J 34 -16.31 -30.11 36.29
N ARG J 35 -17.47 -30.65 36.68
CA ARG J 35 -18.70 -29.87 36.57
C ARG J 35 -18.66 -28.62 37.42
N ALA J 36 -18.11 -28.71 38.64
CA ALA J 36 -18.06 -27.52 39.48
C ALA J 36 -17.25 -26.40 38.84
N ILE J 37 -16.22 -26.76 38.08
CA ILE J 37 -15.38 -25.77 37.41
C ILE J 37 -16.08 -25.22 36.19
N ASN J 38 -16.62 -26.12 35.37
CA ASN J 38 -17.22 -25.69 34.12
C ASN J 38 -18.51 -24.92 34.31
N ASN J 39 -19.17 -25.05 35.47
CA ASN J 39 -20.35 -24.22 35.74
C ASN J 39 -20.01 -22.74 35.73
N TYR J 40 -18.74 -22.38 35.92
CA TYR J 40 -18.33 -20.99 35.90
C TYR J 40 -17.84 -20.54 34.53
N ARG J 41 -17.79 -21.44 33.57
CA ARG J 41 -17.16 -21.22 32.28
C ARG J 41 -18.17 -21.23 31.15
N TRP J 42 -17.80 -20.63 30.02
CA TRP J 42 -18.73 -20.69 28.91
C TRP J 42 -18.55 -21.94 28.07
N ARG J 43 -17.40 -22.60 28.13
CA ARG J 43 -17.20 -23.87 27.44
C ARG J 43 -16.43 -24.83 28.33
N CYS J 44 -16.55 -26.13 28.04
CA CYS J 44 -15.81 -27.13 28.79
C CYS J 44 -14.31 -26.82 28.75
N LYS J 45 -13.66 -26.88 29.89
CA LYS J 45 -12.21 -26.72 29.93
C LYS J 45 -11.51 -27.90 29.25
N PRO J 46 -10.57 -27.66 28.34
CA PRO J 46 -9.98 -28.79 27.61
C PRO J 46 -9.16 -29.76 28.45
N VAL J 47 -8.35 -29.27 29.39
CA VAL J 47 -7.55 -30.14 30.25
C VAL J 47 -7.45 -29.50 31.63
N ASN J 48 -7.30 -30.34 32.66
CA ASN J 48 -7.21 -29.81 34.01
C ASN J 48 -6.55 -30.86 34.89
N THR J 49 -5.71 -30.42 35.82
CA THR J 49 -5.05 -31.31 36.77
C THR J 49 -5.53 -31.02 38.18
N PHE J 50 -5.89 -32.07 38.91
CA PHE J 50 -6.20 -31.98 40.33
C PHE J 50 -5.07 -32.57 41.17
N VAL J 51 -4.76 -31.90 42.28
CA VAL J 51 -3.82 -32.39 43.29
C VAL J 51 -4.64 -32.88 44.48
N HIS J 52 -4.29 -34.04 45.02
CA HIS J 52 -5.09 -34.66 46.07
C HIS J 52 -4.57 -34.45 47.48
N GLU J 53 -3.34 -33.97 47.64
CA GLU J 53 -2.76 -33.77 48.95
C GLU J 53 -3.56 -32.77 49.77
N PRO J 54 -3.39 -32.80 51.10
CA PRO J 54 -3.95 -31.73 51.95
C PRO J 54 -3.55 -30.36 51.45
N LEU J 55 -4.48 -29.41 51.56
CA LEU J 55 -4.22 -28.03 51.13
C LEU J 55 -2.90 -27.49 51.64
N VAL J 56 -2.57 -27.73 52.92
CA VAL J 56 -1.36 -27.11 53.44
C VAL J 56 -0.11 -27.66 52.78
N ASP J 57 -0.15 -28.91 52.30
CA ASP J 57 0.98 -29.46 51.55
C ASP J 57 1.19 -28.69 50.25
N VAL J 58 0.11 -28.31 49.58
CA VAL J 58 0.24 -27.57 48.34
C VAL J 58 0.73 -26.15 48.61
N GLN J 59 0.17 -25.49 49.65
CA GLN J 59 0.64 -24.16 50.02
C GLN J 59 2.11 -24.19 50.41
N ASN J 60 2.57 -25.29 50.99
CA ASN J 60 3.95 -25.42 51.41
C ASN J 60 4.91 -25.40 50.24
N VAL J 61 4.43 -25.70 49.03
CA VAL J 61 5.32 -25.67 47.87
C VAL J 61 5.93 -24.29 47.70
N CYS J 62 5.21 -23.25 48.14
CA CYS J 62 5.72 -21.88 48.03
C CYS J 62 6.96 -21.64 48.88
N PHE J 63 7.35 -22.61 49.69
CA PHE J 63 8.54 -22.49 50.59
C PHE J 63 9.48 -23.65 50.29
N GLN J 64 9.40 -24.13 49.06
N GLN J 64 9.41 -24.14 49.06
CA GLN J 64 10.24 -25.29 48.67
CA GLN J 64 10.24 -25.30 48.63
C GLN J 64 11.39 -24.96 47.70
C GLN J 64 11.42 -24.90 47.73
N GLU J 65 11.49 -25.69 46.60
N GLU J 65 11.66 -25.60 46.62
CA GLU J 65 12.55 -25.42 45.58
CA GLU J 65 12.95 -25.28 45.89
C GLU J 65 12.21 -24.25 44.64
C GLU J 65 12.47 -24.23 44.84
N LYS J 66 12.94 -23.15 44.72
N LYS J 66 13.07 -23.06 44.80
CA LYS J 66 12.69 -21.99 43.83
CA LYS J 66 12.70 -21.98 43.86
C LYS J 66 13.26 -22.25 42.44
C LYS J 66 13.24 -22.28 42.45
N VAL J 67 12.43 -22.04 41.43
CA VAL J 67 12.80 -22.26 40.01
C VAL J 67 12.33 -21.06 39.21
N THR J 68 12.92 -20.86 38.06
CA THR J 68 12.53 -19.72 37.24
C THR J 68 11.15 -19.95 36.65
N CYS J 69 10.30 -18.92 36.70
CA CYS J 69 9.03 -18.97 35.99
C CYS J 69 9.28 -18.95 34.48
N LYS J 70 8.32 -19.50 33.73
CA LYS J 70 8.47 -19.57 32.28
C LYS J 70 8.79 -18.21 31.69
N ASN J 71 8.08 -17.17 32.12
CA ASN J 71 8.25 -15.84 31.54
C ASN J 71 9.32 -15.02 32.24
N GLY J 72 10.03 -15.60 33.20
CA GLY J 72 11.08 -14.91 33.92
C GLY J 72 10.62 -13.90 34.95
N GLN J 73 9.32 -13.69 35.09
CA GLN J 73 8.77 -12.78 36.09
C GLN J 73 8.00 -13.58 37.11
N GLY J 74 8.10 -13.18 38.38
CA GLY J 74 7.34 -13.88 39.39
C GLY J 74 8.20 -14.85 40.16
N ASN J 75 7.59 -15.43 41.18
CA ASN J 75 8.24 -16.41 42.05
C ASN J 75 7.57 -17.76 41.85
N CYS J 76 8.33 -18.72 41.31
CA CYS J 76 7.83 -20.07 41.06
C CYS J 76 8.62 -21.08 41.86
N TYR J 77 7.95 -22.19 42.21
CA TYR J 77 8.50 -23.18 43.11
C TYR J 77 8.12 -24.59 42.66
N ARG J 78 9.07 -25.49 42.79
CA ARG J 78 8.89 -26.91 42.51
C ARG J 78 8.75 -27.66 43.82
N SER J 79 7.78 -28.56 43.88
CA SER J 79 7.53 -29.29 45.12
C SER J 79 8.72 -30.18 45.47
N ARG J 80 8.98 -30.28 46.77
CA ARG J 80 10.04 -31.13 47.28
C ARG J 80 9.78 -32.59 46.94
N PHE J 81 8.53 -33.02 47.06
CA PHE J 81 8.15 -34.41 46.81
C PHE J 81 7.16 -34.50 45.68
N ARG J 82 7.01 -35.71 45.19
CA ARG J 82 5.98 -35.93 44.16
C ARG J 82 4.60 -35.81 44.80
N MET J 83 3.70 -35.11 44.12
CA MET J 83 2.30 -35.01 44.51
C MET J 83 1.47 -36.08 43.83
N HIS J 84 0.33 -36.40 44.44
CA HIS J 84 -0.65 -37.30 43.85
C HIS J 84 -1.64 -36.48 43.04
N ILE J 85 -1.69 -36.71 41.73
CA ILE J 85 -2.50 -35.88 40.85
C ILE J 85 -3.43 -36.76 40.03
N THR J 86 -4.44 -36.10 39.47
CA THR J 86 -5.30 -36.70 38.45
C THR J 86 -5.36 -35.73 37.27
N ASP J 87 -5.04 -36.25 36.08
CA ASP J 87 -5.16 -35.47 34.85
C ASP J 87 -6.51 -35.74 34.19
N CYS J 88 -7.21 -34.68 33.84
CA CYS J 88 -8.51 -34.74 33.17
C CYS J 88 -8.38 -34.20 31.76
N ARG J 89 -8.85 -34.96 30.78
CA ARG J 89 -8.70 -34.58 29.39
C ARG J 89 -10.06 -34.65 28.71
N LEU J 90 -10.50 -33.54 28.11
CA LEU J 90 -11.83 -33.46 27.53
C LEU J 90 -11.99 -34.46 26.38
N THR J 91 -13.09 -35.19 26.38
N THR J 91 -13.11 -35.17 26.37
CA THR J 91 -13.30 -36.19 25.33
CA THR J 91 -13.36 -36.18 25.36
C THR J 91 -14.07 -35.60 24.17
C THR J 91 -14.07 -35.57 24.15
N ASN J 92 -13.81 -36.15 22.99
CA ASN J 92 -14.46 -35.72 21.75
C ASN J 92 -15.98 -35.60 21.92
N GLY J 93 -16.55 -34.58 21.27
CA GLY J 93 -17.98 -34.36 21.26
C GLY J 93 -18.55 -33.63 22.45
N SER J 94 -17.74 -33.34 23.47
CA SER J 94 -18.24 -32.72 24.69
C SER J 94 -18.84 -31.34 24.43
N LYS J 95 -20.02 -31.10 24.97
CA LYS J 95 -20.64 -29.80 24.92
C LYS J 95 -21.32 -29.54 26.26
N TYR J 96 -21.04 -28.38 26.85
CA TYR J 96 -21.67 -28.06 28.11
C TYR J 96 -23.19 -28.15 27.97
N PRO J 97 -23.90 -28.73 28.96
CA PRO J 97 -23.25 -29.21 30.17
C PRO J 97 -22.80 -30.67 30.15
N ASN J 98 -22.83 -31.36 29.00
CA ASN J 98 -22.40 -32.74 28.98
C ASN J 98 -20.91 -32.85 28.64
N CYS J 99 -20.07 -32.31 29.52
CA CYS J 99 -18.63 -32.34 29.34
C CYS J 99 -18.11 -33.65 29.91
N ARG J 100 -17.42 -34.29 29.11
CA ARG J 100 -16.96 -35.62 29.57
C ARG J 100 -15.45 -35.73 29.40
N TYR J 101 -14.84 -36.42 30.36
CA TYR J 101 -13.40 -36.40 30.50
C TYR J 101 -12.84 -37.81 30.64
N ARG J 102 -11.64 -37.99 30.11
CA ARG J 102 -10.81 -39.10 30.52
C ARG J 102 -10.09 -38.77 31.83
N THR J 103 -10.01 -39.75 32.73
CA THR J 103 -9.37 -39.64 34.04
C THR J 103 -8.08 -40.45 34.06
N ARG J 104 -6.98 -39.82 34.43
CA ARG J 104 -5.70 -40.57 34.53
C ARG J 104 -4.95 -40.15 35.78
N PRO J 105 -4.78 -41.04 36.77
CA PRO J 105 -3.99 -40.73 37.96
C PRO J 105 -2.49 -40.61 37.67
N GLY J 106 -1.76 -39.95 38.54
CA GLY J 106 -0.33 -39.82 38.32
C GLY J 106 0.38 -39.33 39.55
N ARG J 107 1.66 -39.38 39.59
CA ARG J 107 2.45 -38.80 40.67
C ARG J 107 3.52 -37.97 40.01
N ARG J 108 3.63 -36.82 40.37
CA ARG J 108 4.75 -36.05 39.80
C ARG J 108 4.95 -34.83 40.67
N HIS J 109 6.11 -34.20 40.50
CA HIS J 109 6.37 -32.92 41.15
C HIS J 109 5.51 -31.85 40.46
N ILE J 110 5.05 -30.87 41.21
CA ILE J 110 4.31 -29.76 40.61
C ILE J 110 5.14 -28.50 40.73
N ILE J 111 4.89 -27.56 39.83
CA ILE J 111 5.55 -26.25 39.86
C ILE J 111 4.45 -25.20 39.88
N VAL J 112 4.50 -24.31 40.88
CA VAL J 112 3.48 -23.28 41.02
C VAL J 112 4.13 -21.91 41.10
N ALA J 113 3.41 -20.90 40.63
CA ALA J 113 3.69 -19.52 40.97
C ALA J 113 2.97 -19.16 42.26
N CYS J 114 3.67 -18.44 43.14
CA CYS J 114 3.13 -18.04 44.43
C CYS J 114 3.17 -16.52 44.57
N GLU J 115 2.16 -16.00 45.26
CA GLU J 115 2.06 -14.56 45.42
C GLU J 115 1.09 -14.23 46.54
N GLY J 116 1.28 -13.07 47.15
CA GLY J 116 0.23 -12.48 47.94
C GLY J 116 0.44 -12.60 49.43
N SER J 117 -0.59 -12.15 50.15
CA SER J 117 -0.68 -12.24 51.59
C SER J 117 -2.05 -12.81 51.93
N PRO J 118 -2.14 -14.08 52.35
CA PRO J 118 -1.03 -15.02 52.53
C PRO J 118 -0.36 -15.42 51.22
N TYR J 119 0.85 -15.95 51.34
CA TYR J 119 1.70 -16.28 50.20
C TYR J 119 1.33 -17.68 49.73
N VAL J 120 0.56 -17.75 48.66
CA VAL J 120 -0.07 -19.02 48.28
C VAL J 120 0.03 -19.23 46.78
N PRO J 121 -0.21 -20.44 46.30
CA PRO J 121 -0.15 -20.68 44.86
C PRO J 121 -1.24 -19.92 44.14
N VAL J 122 -0.90 -19.33 43.00
CA VAL J 122 -1.87 -18.61 42.17
C VAL J 122 -2.00 -19.19 40.77
N HIS J 123 -1.08 -20.05 40.33
N HIS J 123 -1.12 -20.09 40.36
CA HIS J 123 -1.27 -20.80 39.09
CA HIS J 123 -1.14 -20.71 39.04
C HIS J 123 -0.09 -21.73 38.84
C HIS J 123 -0.14 -21.85 39.02
N PHE J 124 -0.37 -22.83 38.15
CA PHE J 124 0.68 -23.73 37.69
C PHE J 124 1.60 -22.99 36.73
N ASP J 125 2.90 -23.24 36.82
CA ASP J 125 3.86 -22.64 35.90
C ASP J 125 4.69 -23.75 35.25
N ALA J 126 4.92 -23.62 33.94
CA ALA J 126 5.71 -24.60 33.18
C ALA J 126 7.21 -24.37 33.41
N SER J 127 7.56 -23.24 34.05
CA SER J 127 8.97 -22.88 34.36
C SER J 127 9.79 -22.85 33.06
N VAL J 128 10.96 -23.51 33.08
CA VAL J 128 11.86 -23.56 31.88
C VAL J 128 12.38 -24.99 31.73
N MET K 1 7.05 35.38 7.71
CA MET K 1 6.78 36.67 8.38
C MET K 1 5.33 37.10 8.10
N ARG K 2 4.65 37.61 9.11
CA ARG K 2 3.24 37.96 8.92
C ARG K 2 3.08 39.10 7.93
N PRO K 3 2.20 38.95 6.92
CA PRO K 3 1.93 40.01 5.99
C PRO K 3 1.34 41.17 6.79
N PRO K 4 1.75 42.42 6.51
CA PRO K 4 1.27 43.55 7.29
C PRO K 4 -0.23 43.82 7.26
N GLN K 5 -0.92 43.39 6.21
CA GLN K 5 -2.38 43.57 6.08
C GLN K 5 -3.19 42.67 7.04
N PHE K 6 -2.56 41.66 7.62
CA PHE K 6 -3.31 40.77 8.52
C PHE K 6 -2.84 40.92 9.95
N THR K 7 -3.81 40.81 10.84
CA THR K 7 -3.52 40.72 12.28
C THR K 7 -3.04 39.30 12.60
N ARG K 8 -2.51 39.13 13.80
CA ARG K 8 -2.07 37.78 14.17
C ARG K 8 -3.23 36.79 14.10
N ALA K 9 -4.42 37.20 14.55
CA ALA K 9 -5.56 36.28 14.53
C ALA K 9 -5.93 35.92 13.09
N GLN K 10 -5.91 36.89 12.19
CA GLN K 10 -6.23 36.60 10.80
C GLN K 10 -5.19 35.69 10.17
N TRP K 11 -3.92 35.93 10.45
CA TRP K 11 -2.86 35.13 9.86
C TRP K 11 -2.86 33.72 10.44
N PHE K 12 -3.19 33.57 11.73
CA PHE K 12 -3.34 32.24 12.30
C PHE K 12 -4.40 31.44 11.55
N ALA K 13 -5.54 32.07 11.30
CA ALA K 13 -6.64 31.36 10.63
C ALA K 13 -6.29 31.01 9.21
N ILE K 14 -5.64 31.94 8.49
CA ILE K 14 -5.24 31.66 7.11
C ILE K 14 -4.27 30.50 7.06
N GLN K 15 -3.32 30.44 8.00
CA GLN K 15 -2.30 29.40 7.94
C GLN K 15 -2.79 28.06 8.47
N HIS K 16 -3.71 28.07 9.45
CA HIS K 16 -3.93 26.87 10.24
C HIS K 16 -5.37 26.40 10.35
N ILE K 17 -6.35 27.15 9.87
CA ILE K 17 -7.75 26.76 10.01
C ILE K 17 -8.32 26.53 8.62
N ASP K 18 -8.71 25.28 8.35
CA ASP K 18 -9.48 24.93 7.17
C ASP K 18 -10.88 24.62 7.72
N SER K 19 -11.66 25.67 7.96
CA SER K 19 -12.81 25.55 8.84
C SER K 19 -13.84 24.57 8.32
N ASP K 20 -14.22 23.60 9.16
CA ASP K 20 -15.28 22.65 8.88
C ASP K 20 -15.03 21.92 7.56
N SER K 21 -13.91 21.22 7.52
CA SER K 21 -13.48 20.49 6.34
C SER K 21 -13.23 19.02 6.66
N SER K 22 -13.19 18.21 5.61
CA SER K 22 -13.00 16.78 5.77
C SER K 22 -11.67 16.47 6.44
N PRO K 23 -11.65 15.62 7.47
CA PRO K 23 -10.36 15.20 8.04
C PRO K 23 -9.49 14.45 7.06
N SER K 24 -10.08 13.71 6.13
CA SER K 24 -9.33 12.93 5.18
C SER K 24 -9.12 13.77 3.93
N SER K 25 -7.87 13.90 3.51
CA SER K 25 -7.48 14.75 2.41
C SER K 25 -6.77 13.90 1.38
N SER K 26 -6.99 14.20 0.10
CA SER K 26 -6.21 13.55 -0.93
C SER K 26 -4.72 13.78 -0.67
N SER K 27 -3.89 12.98 -1.33
CA SER K 27 -2.45 13.10 -1.15
C SER K 27 -1.93 14.41 -1.72
N ARG K 28 -2.75 15.10 -2.47
CA ARG K 28 -2.34 16.40 -3.05
C ARG K 28 -2.85 17.58 -2.24
N TYR K 29 -3.52 17.34 -1.15
CA TYR K 29 -4.16 18.43 -0.40
C TYR K 29 -3.14 19.51 -0.01
N CYS K 30 -2.01 19.11 0.55
CA CYS K 30 -1.06 20.08 1.05
C CYS K 30 -0.44 20.90 -0.09
N THR K 31 -0.09 20.24 -1.18
CA THR K 31 0.50 20.96 -2.28
C THR K 31 -0.45 22.06 -2.79
N ILE K 32 -1.74 21.78 -2.82
CA ILE K 32 -2.68 22.81 -3.25
C ILE K 32 -2.94 23.82 -2.15
N ALA K 33 -3.17 23.33 -0.91
CA ALA K 33 -3.55 24.20 0.19
C ALA K 33 -2.42 25.16 0.59
N MET K 34 -1.17 24.75 0.44
CA MET K 34 -0.07 25.60 0.86
C MET K 34 0.13 26.81 -0.06
N ARG K 35 -0.43 26.77 -1.27
CA ARG K 35 -0.26 27.91 -2.19
C ARG K 35 -0.81 29.19 -1.59
N ALA K 36 -1.93 29.11 -0.87
CA ALA K 36 -2.54 30.31 -0.29
C ALA K 36 -1.59 30.98 0.71
N ILE K 37 -0.79 30.18 1.43
CA ILE K 37 0.16 30.71 2.38
C ILE K 37 1.40 31.21 1.66
N ASN K 38 1.94 30.38 0.78
CA ASN K 38 3.20 30.71 0.14
C ASN K 38 3.08 31.90 -0.81
N ASN K 39 1.86 32.22 -1.28
CA ASN K 39 1.69 33.42 -2.11
C ASN K 39 2.07 34.70 -1.37
N TYR K 40 2.05 34.69 -0.03
CA TYR K 40 2.46 35.84 0.77
C TYR K 40 3.91 35.72 1.18
N ARG K 41 4.61 34.71 0.74
CA ARG K 41 5.99 34.46 1.17
C ARG K 41 6.93 34.40 -0.03
N TRP K 42 8.26 34.47 0.24
CA TRP K 42 9.26 34.31 -0.85
C TRP K 42 9.91 32.93 -0.82
N ARG K 43 9.86 32.22 0.29
CA ARG K 43 10.41 30.85 0.34
C ARG K 43 9.27 29.93 0.77
N CYS K 44 9.25 28.67 0.29
CA CYS K 44 8.17 27.72 0.65
C CYS K 44 8.20 27.45 2.16
N LYS K 45 7.08 27.67 2.85
CA LYS K 45 7.06 27.32 4.28
C LYS K 45 7.33 25.83 4.42
N PRO K 46 8.34 25.40 5.17
CA PRO K 46 8.71 23.98 5.15
C PRO K 46 7.69 23.07 5.82
N VAL K 47 7.12 23.48 6.95
CA VAL K 47 6.19 22.63 7.70
C VAL K 47 4.96 23.47 8.04
N ASN K 48 3.77 22.90 7.88
CA ASN K 48 2.57 23.60 8.31
C ASN K 48 1.49 22.62 8.70
N THR K 49 0.71 22.95 9.73
CA THR K 49 -0.40 22.12 10.18
C THR K 49 -1.72 22.85 9.96
N PHE K 50 -2.67 22.15 9.36
CA PHE K 50 -4.05 22.63 9.21
C PHE K 50 -4.97 21.88 10.15
N VAL K 51 -5.91 22.61 10.76
CA VAL K 51 -6.96 22.02 11.60
C VAL K 51 -8.25 22.04 10.79
N HIS K 52 -9.01 20.94 10.85
CA HIS K 52 -10.20 20.80 10.03
C HIS K 52 -11.49 21.12 10.76
N GLU K 53 -11.46 21.25 12.09
CA GLU K 53 -12.68 21.52 12.84
C GLU K 53 -13.28 22.87 12.45
N PRO K 54 -14.58 23.05 12.69
CA PRO K 54 -15.19 24.38 12.55
C PRO K 54 -14.42 25.43 13.34
N LEU K 55 -14.34 26.63 12.76
CA LEU K 55 -13.62 27.74 13.38
C LEU K 55 -14.00 27.93 14.85
N VAL K 56 -15.28 27.83 15.19
N VAL K 56 -15.28 27.83 15.19
CA VAL K 56 -15.66 28.11 16.57
CA VAL K 56 -15.70 28.08 16.56
C VAL K 56 -15.09 27.07 17.52
C VAL K 56 -15.10 27.07 17.51
N ASP K 57 -14.90 25.83 17.06
CA ASP K 57 -14.25 24.83 17.90
C ASP K 57 -12.81 25.22 18.20
N VAL K 58 -12.11 25.79 17.21
CA VAL K 58 -10.74 26.18 17.45
C VAL K 58 -10.68 27.39 18.36
N GLN K 59 -11.57 28.36 18.15
CA GLN K 59 -11.62 29.51 19.06
C GLN K 59 -11.93 29.07 20.48
N ASN K 60 -12.74 28.01 20.64
CA ASN K 60 -13.09 27.55 21.97
C ASN K 60 -11.90 27.00 22.75
N VAL K 61 -10.81 26.64 22.07
CA VAL K 61 -9.63 26.17 22.79
C VAL K 61 -9.15 27.23 23.76
N CYS K 62 -9.38 28.51 23.45
CA CYS K 62 -8.99 29.60 24.33
C CYS K 62 -9.69 29.57 25.67
N PHE K 63 -10.67 28.68 25.83
CA PHE K 63 -11.42 28.53 27.07
C PHE K 63 -11.31 27.12 27.62
N GLN K 64 -10.32 26.36 27.17
CA GLN K 64 -10.14 24.97 27.59
C GLN K 64 -8.94 24.90 28.54
N GLU K 65 -8.04 23.94 28.42
CA GLU K 65 -7.05 23.70 29.47
C GLU K 65 -5.92 24.72 29.38
N LYS K 66 -5.83 25.60 30.38
CA LYS K 66 -4.72 26.54 30.39
C LYS K 66 -3.42 25.80 30.66
N VAL K 67 -2.41 26.07 29.84
CA VAL K 67 -1.08 25.48 29.98
C VAL K 67 -0.04 26.57 29.85
N THR K 68 1.15 26.28 30.35
CA THR K 68 2.23 27.25 30.30
C THR K 68 2.77 27.36 28.89
N CYS K 69 2.98 28.59 28.43
CA CYS K 69 3.56 28.78 27.11
C CYS K 69 5.04 28.39 27.11
N LYS K 70 5.54 28.01 25.94
CA LYS K 70 6.96 27.66 25.82
C LYS K 70 7.85 28.77 26.36
N ASN K 71 7.61 30.00 25.91
CA ASN K 71 8.37 31.17 26.34
C ASN K 71 8.02 31.63 27.75
N GLY K 72 6.88 31.18 28.31
CA GLY K 72 6.44 31.61 29.62
C GLY K 72 5.66 32.91 29.66
N GLN K 73 5.51 33.57 28.51
CA GLN K 73 4.80 34.85 28.38
C GLN K 73 3.53 34.64 27.56
N GLY K 74 2.40 35.05 28.11
CA GLY K 74 1.16 34.92 27.36
C GLY K 74 0.29 33.81 27.91
N ASN K 75 -0.89 33.70 27.31
CA ASN K 75 -1.90 32.74 27.75
C ASN K 75 -2.01 31.67 26.68
N CYS K 76 -1.61 30.44 27.02
CA CYS K 76 -1.67 29.31 26.10
C CYS K 76 -2.64 28.28 26.64
N TYR K 77 -3.25 27.56 25.71
CA TYR K 77 -4.34 26.63 26.02
C TYR K 77 -4.19 25.38 25.19
N ARG K 78 -4.48 24.24 25.82
CA ARG K 78 -4.48 22.94 25.16
C ARG K 78 -5.92 22.50 24.92
N SER K 79 -6.20 21.98 23.73
CA SER K 79 -7.57 21.60 23.41
C SER K 79 -8.06 20.46 24.31
N ARG K 80 -9.34 20.55 24.67
CA ARG K 80 -9.95 19.50 25.48
C ARG K 80 -9.94 18.16 24.74
N PHE K 81 -10.20 18.18 23.43
CA PHE K 81 -10.24 16.97 22.64
C PHE K 81 -9.18 17.00 21.54
N ARG K 82 -8.87 15.83 21.00
CA ARG K 82 -7.99 15.77 19.84
C ARG K 82 -8.66 16.44 18.65
N MET K 83 -7.92 17.31 17.98
CA MET K 83 -8.39 17.92 16.74
C MET K 83 -8.03 17.03 15.56
N HIS K 84 -8.72 17.28 14.44
CA HIS K 84 -8.42 16.59 13.19
C HIS K 84 -7.50 17.48 12.38
N ILE K 85 -6.27 17.02 12.16
CA ILE K 85 -5.26 17.87 11.56
C ILE K 85 -4.70 17.21 10.31
N THR K 86 -4.04 18.02 9.50
CA THR K 86 -3.23 17.53 8.40
C THR K 86 -1.89 18.22 8.51
N ASP K 87 -0.82 17.43 8.52
CA ASP K 87 0.54 17.95 8.54
C ASP K 87 1.07 18.00 7.12
N CYS K 88 1.65 19.13 6.75
CA CYS K 88 2.25 19.32 5.43
C CYS K 88 3.76 19.48 5.60
N ARG K 89 4.55 18.74 4.83
CA ARG K 89 6.00 18.81 4.91
C ARG K 89 6.56 19.00 3.51
N LEU K 90 7.40 20.01 3.35
CA LEU K 90 7.99 20.33 2.07
C LEU K 90 8.95 19.24 1.64
N THR K 91 8.79 18.75 0.40
CA THR K 91 9.65 17.69 -0.09
C THR K 91 11.08 18.18 -0.26
N ASN K 92 12.03 17.30 0.01
CA ASN K 92 13.44 17.65 -0.17
C ASN K 92 13.68 18.03 -1.63
N GLY K 93 14.45 19.09 -1.83
CA GLY K 93 14.71 19.60 -3.15
C GLY K 93 13.66 20.53 -3.70
N SER K 94 12.47 20.57 -3.10
CA SER K 94 11.47 21.55 -3.51
C SER K 94 12.02 22.96 -3.35
N LYS K 95 11.62 23.86 -4.26
CA LYS K 95 12.14 25.22 -4.28
C LYS K 95 11.08 26.14 -4.88
N TYR K 96 10.87 27.28 -4.24
CA TYR K 96 9.85 28.21 -4.72
C TYR K 96 10.10 28.53 -6.19
N PRO K 97 9.05 28.62 -7.03
CA PRO K 97 7.62 28.48 -6.69
C PRO K 97 7.11 27.05 -6.83
N ASN K 98 8.05 26.11 -7.00
CA ASN K 98 7.75 24.68 -7.12
C ASN K 98 7.73 24.03 -5.73
N CYS K 99 6.74 24.43 -4.94
CA CYS K 99 6.63 23.89 -3.59
C CYS K 99 5.65 22.73 -3.59
N ARG K 100 6.20 21.54 -3.43
CA ARG K 100 5.40 20.31 -3.37
C ARG K 100 5.47 19.79 -1.95
N TYR K 101 4.36 19.25 -1.44
CA TYR K 101 4.30 18.84 -0.05
C TYR K 101 3.83 17.41 0.07
N ARG K 102 4.30 16.75 1.12
CA ARG K 102 3.72 15.49 1.58
C ARG K 102 2.57 15.80 2.53
N THR K 103 1.47 15.07 2.38
CA THR K 103 0.27 15.25 3.18
C THR K 103 0.11 14.09 4.16
N ARG K 104 -0.07 14.42 5.44
CA ARG K 104 -0.23 13.36 6.48
C ARG K 104 -1.39 13.71 7.41
N PRO K 105 -2.49 12.92 7.43
CA PRO K 105 -3.62 13.19 8.32
C PRO K 105 -3.26 12.76 9.75
N GLY K 106 -3.93 13.33 10.76
CA GLY K 106 -3.59 12.99 12.13
C GLY K 106 -4.66 13.47 13.07
N ARG K 107 -4.61 13.02 14.30
CA ARG K 107 -5.54 13.51 15.31
C ARG K 107 -4.70 13.76 16.54
N ARG K 108 -4.68 14.97 17.05
CA ARG K 108 -3.96 15.24 18.28
C ARG K 108 -4.45 16.52 18.91
N HIS K 109 -4.16 16.66 20.20
CA HIS K 109 -4.44 17.91 20.88
C HIS K 109 -3.60 19.01 20.27
N ILE K 110 -4.13 20.22 20.26
CA ILE K 110 -3.38 21.38 19.80
C ILE K 110 -3.19 22.33 20.97
N ILE K 111 -2.12 23.12 20.92
CA ILE K 111 -1.85 24.14 21.92
C ILE K 111 -1.74 25.48 21.18
N VAL K 112 -2.54 26.45 21.61
CA VAL K 112 -2.55 27.77 20.98
C VAL K 112 -2.38 28.86 22.02
N ALA K 113 -1.73 29.95 21.61
CA ALA K 113 -1.73 31.17 22.39
C ALA K 113 -2.94 32.00 21.97
N CYS K 114 -3.63 32.60 22.94
CA CYS K 114 -4.81 33.39 22.68
C CYS K 114 -4.65 34.81 23.21
N GLU K 115 -5.26 35.76 22.49
CA GLU K 115 -5.12 37.16 22.84
C GLU K 115 -6.21 37.96 22.15
N GLY K 116 -6.57 39.07 22.75
CA GLY K 116 -7.26 40.12 22.03
C GLY K 116 -8.72 40.24 22.40
N SER K 117 -9.39 41.13 21.67
CA SER K 117 -10.83 41.34 21.76
C SER K 117 -11.37 41.31 20.34
N PRO K 118 -12.04 40.23 19.91
CA PRO K 118 -12.33 39.03 20.70
C PRO K 118 -11.09 38.20 21.05
N TYR K 119 -11.27 37.32 22.03
CA TYR K 119 -10.17 36.53 22.59
C TYR K 119 -10.01 35.28 21.74
N VAL K 120 -9.01 35.26 20.86
CA VAL K 120 -8.92 34.23 19.83
C VAL K 120 -7.50 33.72 19.68
N PRO K 121 -7.30 32.61 18.98
CA PRO K 121 -5.94 32.09 18.78
C PRO K 121 -5.12 33.02 17.91
N VAL K 122 -3.88 33.25 18.33
CA VAL K 122 -2.95 34.07 17.57
C VAL K 122 -1.69 33.32 17.14
N HIS K 123 -1.47 32.10 17.62
N HIS K 123 -1.42 32.14 17.69
CA HIS K 123 -0.23 31.37 17.35
CA HIS K 123 -0.33 31.33 17.15
C HIS K 123 -0.40 29.92 17.81
C HIS K 123 -0.25 29.98 17.85
N PHE K 124 0.28 28.99 17.13
CA PHE K 124 0.54 27.68 17.73
C PHE K 124 1.71 27.76 18.71
N ASP K 125 1.55 27.14 19.87
CA ASP K 125 2.62 27.12 20.87
C ASP K 125 3.22 25.73 21.04
N MET L 1 -36.19 9.74 -0.61
CA MET L 1 -36.23 10.67 -1.73
C MET L 1 -35.49 11.95 -1.37
N ARG L 2 -35.21 12.77 -2.39
CA ARG L 2 -34.65 14.10 -2.15
C ARG L 2 -35.14 15.04 -3.24
N PRO L 3 -35.73 16.18 -2.88
CA PRO L 3 -36.20 17.11 -3.90
C PRO L 3 -35.01 17.64 -4.70
N PRO L 4 -35.12 17.71 -6.03
CA PRO L 4 -33.94 18.07 -6.83
C PRO L 4 -33.32 19.40 -6.45
N GLN L 5 -34.10 20.34 -5.90
CA GLN L 5 -33.58 21.67 -5.63
C GLN L 5 -32.69 21.74 -4.40
N PHE L 6 -32.66 20.69 -3.58
CA PHE L 6 -31.89 20.69 -2.34
C PHE L 6 -30.67 19.80 -2.47
N THR L 7 -29.54 20.30 -1.97
CA THR L 7 -28.40 19.43 -1.77
C THR L 7 -28.69 18.43 -0.64
N ARG L 8 -27.86 17.40 -0.55
CA ARG L 8 -28.01 16.44 0.55
C ARG L 8 -27.90 17.13 1.90
N ALA L 9 -26.96 18.09 2.02
CA ALA L 9 -26.82 18.79 3.30
C ALA L 9 -28.06 19.62 3.62
N GLN L 10 -28.61 20.30 2.62
CA GLN L 10 -29.82 21.11 2.85
C GLN L 10 -31.00 20.24 3.25
N TRP L 11 -31.18 19.11 2.57
CA TRP L 11 -32.33 18.25 2.85
C TRP L 11 -32.18 17.60 4.20
N PHE L 12 -30.95 17.24 4.59
CA PHE L 12 -30.74 16.75 5.95
C PHE L 12 -31.19 17.78 6.98
N ALA L 13 -30.80 19.04 6.78
CA ALA L 13 -31.16 20.08 7.76
C ALA L 13 -32.66 20.31 7.77
N ILE L 14 -33.30 20.38 6.60
CA ILE L 14 -34.75 20.60 6.55
C ILE L 14 -35.48 19.48 7.30
N GLN L 15 -35.05 18.24 7.09
CA GLN L 15 -35.76 17.10 7.67
C GLN L 15 -35.42 16.86 9.13
N HIS L 16 -34.22 17.21 9.58
CA HIS L 16 -33.73 16.68 10.85
C HIS L 16 -33.21 17.71 11.85
N ILE L 17 -33.08 18.97 11.50
CA ILE L 17 -32.54 19.97 12.41
C ILE L 17 -33.62 20.99 12.72
N ASP L 18 -34.04 21.04 13.98
CA ASP L 18 -34.88 22.11 14.49
C ASP L 18 -33.96 22.93 15.39
N SER L 19 -33.16 23.81 14.78
CA SER L 19 -32.00 24.37 15.46
C SER L 19 -32.38 25.15 16.72
N ASP L 20 -31.75 24.76 17.84
CA ASP L 20 -31.83 25.50 19.11
C ASP L 20 -33.28 25.68 19.54
N SER L 21 -33.96 24.56 19.67
CA SER L 21 -35.36 24.56 20.05
C SER L 21 -35.58 23.74 21.31
N SER L 22 -36.74 23.97 21.94
CA SER L 22 -37.09 23.27 23.17
C SER L 22 -37.10 21.76 22.96
N PRO L 23 -36.41 20.99 23.81
CA PRO L 23 -36.54 19.52 23.73
C PRO L 23 -37.96 19.03 24.00
N SER L 24 -38.73 19.74 24.80
CA SER L 24 -40.08 19.28 25.10
C SER L 24 -41.02 19.90 24.08
N SER L 25 -41.80 19.04 23.42
CA SER L 25 -42.67 19.42 22.33
C SER L 25 -44.08 18.95 22.68
N SER L 26 -45.06 19.80 22.39
CA SER L 26 -46.44 19.36 22.53
C SER L 26 -46.68 18.12 21.68
N SER L 27 -47.78 17.43 21.98
CA SER L 27 -48.12 16.21 21.25
C SER L 27 -48.49 16.49 19.79
N ARG L 28 -48.68 17.76 19.41
CA ARG L 28 -49.03 18.15 18.06
C ARG L 28 -47.81 18.51 17.24
N TYR L 29 -46.62 18.50 17.85
CA TYR L 29 -45.42 19.01 17.21
C TYR L 29 -45.15 18.32 15.88
N CYS L 30 -45.18 16.98 15.87
CA CYS L 30 -44.80 16.25 14.65
C CYS L 30 -45.78 16.48 13.51
N THR L 31 -47.07 16.47 13.79
CA THR L 31 -48.06 16.73 12.74
C THR L 31 -47.83 18.09 12.10
N ILE L 32 -47.54 19.10 12.91
CA ILE L 32 -47.32 20.44 12.34
C ILE L 32 -45.98 20.49 11.62
N ALA L 33 -44.92 19.94 12.24
CA ALA L 33 -43.56 20.05 11.72
C ALA L 33 -43.36 19.27 10.43
N MET L 34 -44.06 18.13 10.27
CA MET L 34 -43.83 17.29 9.11
C MET L 34 -44.41 17.87 7.85
N ARG L 35 -45.31 18.85 7.96
CA ARG L 35 -45.91 19.42 6.77
C ARG L 35 -44.86 20.02 5.84
N ALA L 36 -43.86 20.69 6.43
CA ALA L 36 -42.83 21.33 5.61
C ALA L 36 -42.08 20.30 4.79
N ILE L 37 -41.89 19.11 5.34
CA ILE L 37 -41.17 18.03 4.66
C ILE L 37 -42.06 17.39 3.60
N ASN L 38 -43.29 17.04 3.99
CA ASN L 38 -44.17 16.28 3.11
C ASN L 38 -44.67 17.11 1.93
N ASN L 39 -44.63 18.44 2.02
CA ASN L 39 -45.00 19.25 0.86
C ASN L 39 -44.15 18.95 -0.37
N TYR L 40 -42.93 18.41 -0.19
CA TYR L 40 -42.03 18.09 -1.29
C TYR L 40 -42.12 16.62 -1.72
N ARG L 41 -42.93 15.84 -1.05
CA ARG L 41 -42.93 14.39 -1.21
C ARG L 41 -44.21 13.95 -1.90
N TRP L 42 -44.15 12.75 -2.48
CA TRP L 42 -45.36 12.25 -3.08
C TRP L 42 -46.28 11.58 -2.07
N ARG L 43 -45.74 10.98 -1.01
CA ARG L 43 -46.57 10.40 0.04
C ARG L 43 -45.99 10.76 1.40
N CYS L 44 -46.83 10.72 2.44
CA CYS L 44 -46.39 11.06 3.79
C CYS L 44 -45.17 10.23 4.19
N LYS L 45 -44.16 10.90 4.75
CA LYS L 45 -42.99 10.19 5.24
C LYS L 45 -43.38 9.32 6.44
N PRO L 46 -43.06 8.02 6.44
CA PRO L 46 -43.55 7.15 7.53
C PRO L 46 -42.93 7.47 8.89
N VAL L 47 -41.63 7.77 8.94
N VAL L 47 -41.63 7.75 8.94
CA VAL L 47 -40.93 8.02 10.18
CA VAL L 47 -40.97 8.05 10.21
C VAL L 47 -39.93 9.17 9.98
C VAL L 47 -39.93 9.15 9.99
N ASN L 48 -39.69 9.94 11.03
CA ASN L 48 -38.72 11.01 10.93
C ASN L 48 -38.30 11.48 12.32
N THR L 49 -37.02 11.84 12.45
CA THR L 49 -36.45 12.30 13.72
C THR L 49 -35.95 13.73 13.57
N PHE L 50 -36.31 14.59 14.51
CA PHE L 50 -35.77 15.95 14.60
C PHE L 50 -34.81 16.04 15.78
N VAL L 51 -33.72 16.76 15.58
CA VAL L 51 -32.75 17.10 16.63
C VAL L 51 -32.96 18.55 17.02
N HIS L 52 -32.92 18.82 18.33
CA HIS L 52 -33.23 20.16 18.85
C HIS L 52 -32.02 21.02 19.17
N GLU L 53 -30.82 20.45 19.24
CA GLU L 53 -29.64 21.23 19.57
C GLU L 53 -29.40 22.32 18.53
N PRO L 54 -28.63 23.34 18.91
CA PRO L 54 -28.14 24.31 17.91
C PRO L 54 -27.52 23.59 16.73
N LEU L 55 -27.75 24.16 15.53
CA LEU L 55 -27.21 23.61 14.29
C LEU L 55 -25.73 23.27 14.42
N VAL L 56 -24.94 24.19 14.98
CA VAL L 56 -23.50 23.96 15.05
C VAL L 56 -23.18 22.70 15.85
N ASP L 57 -23.99 22.38 16.87
CA ASP L 57 -23.74 21.16 17.63
C ASP L 57 -23.92 19.92 16.78
N VAL L 58 -24.93 19.95 15.88
CA VAL L 58 -25.17 18.80 15.02
C VAL L 58 -24.06 18.69 13.99
N GLN L 59 -23.66 19.82 13.41
CA GLN L 59 -22.53 19.79 12.49
C GLN L 59 -21.27 19.29 13.17
N ASN L 60 -21.06 19.62 14.45
CA ASN L 60 -19.88 19.14 15.17
C ASN L 60 -19.80 17.64 15.28
N VAL L 61 -20.92 16.92 15.12
CA VAL L 61 -20.85 15.47 15.22
C VAL L 61 -19.89 14.90 14.18
N CYS L 62 -19.69 15.62 13.07
CA CYS L 62 -18.78 15.20 12.02
C CYS L 62 -17.33 15.17 12.48
N PHE L 63 -17.05 15.66 13.69
CA PHE L 63 -15.70 15.66 14.24
C PHE L 63 -15.65 14.93 15.57
N GLN L 64 -16.64 14.10 15.86
CA GLN L 64 -16.72 13.39 17.12
C GLN L 64 -16.35 11.92 16.89
N GLU L 65 -17.08 10.94 17.39
CA GLU L 65 -16.59 9.56 17.43
C GLU L 65 -16.78 8.90 16.07
N LYS L 66 -15.69 8.59 15.38
CA LYS L 66 -15.82 7.87 14.13
C LYS L 66 -16.33 6.45 14.39
N VAL L 67 -17.34 6.03 13.61
CA VAL L 67 -17.89 4.69 13.73
C VAL L 67 -18.06 4.13 12.32
N THR L 68 -18.19 2.81 12.24
CA THR L 68 -18.24 2.14 10.95
C THR L 68 -19.52 2.49 10.22
N CYS L 69 -19.38 2.91 8.95
CA CYS L 69 -20.51 3.04 8.07
C CYS L 69 -20.93 1.68 7.54
N LYS L 70 -22.20 1.58 7.17
N LYS L 70 -22.20 1.58 7.17
CA LYS L 70 -22.66 0.35 6.54
CA LYS L 70 -22.68 0.35 6.54
C LYS L 70 -21.97 0.11 5.20
C LYS L 70 -22.05 0.12 5.17
N ASN L 71 -21.59 1.18 4.50
CA ASN L 71 -20.92 1.04 3.21
C ASN L 71 -19.41 1.19 3.32
N GLY L 72 -18.87 1.20 4.54
CA GLY L 72 -17.42 1.22 4.74
C GLY L 72 -16.71 2.41 4.13
N GLN L 73 -17.40 3.53 3.92
CA GLN L 73 -16.82 4.68 3.23
C GLN L 73 -15.87 5.48 4.11
N GLY L 74 -16.01 5.42 5.42
CA GLY L 74 -15.11 6.12 6.31
C GLY L 74 -15.59 7.45 6.83
N ASN L 75 -16.85 7.81 6.58
CA ASN L 75 -17.40 9.12 6.93
C ASN L 75 -18.61 9.07 7.88
N CYS L 76 -18.71 8.11 8.80
CA CYS L 76 -19.82 8.11 9.76
C CYS L 76 -19.33 8.39 11.18
N TYR L 77 -20.18 9.08 11.95
CA TYR L 77 -19.79 9.62 13.26
C TYR L 77 -20.94 9.50 14.24
N ARG L 78 -20.60 9.16 15.48
CA ARG L 78 -21.55 9.08 16.59
C ARG L 78 -21.34 10.27 17.51
N SER L 79 -22.44 10.89 17.93
CA SER L 79 -22.31 12.08 18.77
C SER L 79 -21.64 11.75 20.10
N ARG L 80 -20.80 12.69 20.56
CA ARG L 80 -20.14 12.54 21.86
C ARG L 80 -21.14 12.47 23.01
N PHE L 81 -22.18 13.28 22.95
CA PHE L 81 -23.18 13.34 23.99
C PHE L 81 -24.54 12.91 23.43
N ARG L 82 -25.45 12.57 24.34
CA ARG L 82 -26.82 12.32 23.91
C ARG L 82 -27.44 13.62 23.43
N MET L 83 -28.07 13.59 22.26
CA MET L 83 -28.80 14.74 21.75
C MET L 83 -30.25 14.67 22.19
N HIS L 84 -30.93 15.81 22.09
CA HIS L 84 -32.35 15.89 22.38
C HIS L 84 -33.12 15.74 21.08
N ILE L 85 -33.92 14.69 20.97
N ILE L 85 -33.92 14.69 20.96
CA ILE L 85 -34.56 14.36 19.71
CA ILE L 85 -34.56 14.39 19.70
C ILE L 85 -36.06 14.28 19.91
C ILE L 85 -36.07 14.29 19.91
N THR L 86 -36.79 14.31 18.79
CA THR L 86 -38.21 14.01 18.77
C THR L 86 -38.45 13.05 17.61
N ASP L 87 -38.99 11.87 17.91
CA ASP L 87 -39.33 10.89 16.89
C ASP L 87 -40.78 11.11 16.46
N CYS L 88 -41.00 11.13 15.14
CA CYS L 88 -42.32 11.26 14.55
C CYS L 88 -42.69 9.98 13.80
N ARG L 89 -43.89 9.47 14.03
CA ARG L 89 -44.35 8.26 13.35
C ARG L 89 -45.73 8.47 12.76
N LEU L 90 -45.89 8.12 11.47
CA LEU L 90 -47.13 8.35 10.76
C LEU L 90 -48.24 7.44 11.24
N THR L 91 -49.46 7.98 11.34
CA THR L 91 -50.62 7.15 11.66
C THR L 91 -51.11 6.42 10.42
N ASN L 92 -51.68 5.24 10.62
CA ASN L 92 -51.90 4.33 9.50
C ASN L 92 -53.09 4.74 8.61
N GLY L 93 -54.00 5.58 9.11
CA GLY L 93 -55.01 6.07 8.20
C GLY L 93 -54.59 7.24 7.33
N SER L 94 -53.35 7.68 7.43
CA SER L 94 -52.94 8.91 6.76
C SER L 94 -52.81 8.73 5.25
N LYS L 95 -53.25 9.75 4.51
CA LYS L 95 -53.07 9.84 3.05
C LYS L 95 -52.80 11.28 2.70
N TYR L 96 -51.73 11.55 1.95
CA TYR L 96 -51.42 12.94 1.63
C TYR L 96 -52.64 13.60 0.98
N PRO L 97 -52.97 14.85 1.35
CA PRO L 97 -52.23 15.71 2.29
C PRO L 97 -52.65 15.56 3.76
N ASN L 98 -53.42 14.51 4.08
CA ASN L 98 -53.86 14.25 5.45
C ASN L 98 -52.86 13.36 6.19
N CYS L 99 -51.69 13.94 6.50
CA CYS L 99 -50.61 13.26 7.23
C CYS L 99 -50.64 13.64 8.71
N ARG L 100 -50.98 12.70 9.58
CA ARG L 100 -50.93 12.93 11.03
C ARG L 100 -49.91 12.00 11.68
N TYR L 101 -49.24 12.51 12.72
CA TYR L 101 -48.11 11.82 13.34
C TYR L 101 -48.29 11.73 14.84
N ARG L 102 -47.65 10.75 15.45
CA ARG L 102 -47.41 10.74 16.88
C ARG L 102 -46.03 11.27 17.18
N THR L 103 -45.92 11.99 18.29
CA THR L 103 -44.73 12.71 18.71
C THR L 103 -44.13 12.03 19.93
N ARG L 104 -42.82 11.75 19.89
CA ARG L 104 -42.15 11.09 21.04
C ARG L 104 -40.81 11.78 21.34
N PRO L 105 -40.64 12.43 22.52
CA PRO L 105 -39.38 13.07 22.89
C PRO L 105 -38.36 11.98 23.28
N GLY L 106 -37.07 12.28 23.14
CA GLY L 106 -36.00 11.33 23.47
C GLY L 106 -34.63 11.99 23.53
N ARG L 107 -33.72 11.44 24.33
CA ARG L 107 -32.35 12.01 24.47
C ARG L 107 -31.32 10.88 24.38
N ARG L 108 -30.65 10.74 23.24
CA ARG L 108 -29.64 9.67 23.04
C ARG L 108 -28.59 10.12 22.02
N HIS L 109 -27.68 9.23 21.64
CA HIS L 109 -26.63 9.54 20.68
C HIS L 109 -27.20 9.40 19.28
N ILE L 110 -26.70 10.23 18.36
CA ILE L 110 -27.09 10.13 16.98
C ILE L 110 -25.87 9.71 16.18
N ILE L 111 -26.14 9.07 15.04
CA ILE L 111 -25.09 8.69 14.10
C ILE L 111 -25.42 9.32 12.76
N VAL L 112 -24.47 10.06 12.21
CA VAL L 112 -24.65 10.72 10.92
C VAL L 112 -23.49 10.38 10.01
N ALA L 113 -23.77 10.41 8.71
CA ALA L 113 -22.75 10.39 7.68
C ALA L 113 -22.46 11.82 7.26
N CYS L 114 -21.19 12.15 7.07
CA CYS L 114 -20.81 13.51 6.72
C CYS L 114 -20.04 13.50 5.41
N GLU L 115 -20.19 14.60 4.66
CA GLU L 115 -19.52 14.71 3.38
C GLU L 115 -19.51 16.16 2.96
N GLY L 116 -18.56 16.50 2.10
CA GLY L 116 -18.63 17.72 1.32
C GLY L 116 -17.72 18.82 1.83
N SER L 117 -17.87 19.97 1.18
CA SER L 117 -17.14 21.19 1.56
C SER L 117 -18.19 22.30 1.61
N PRO L 118 -18.58 22.76 2.80
CA PRO L 118 -18.12 22.29 4.11
C PRO L 118 -18.55 20.88 4.45
N TYR L 119 -17.86 20.29 5.42
CA TYR L 119 -18.03 18.89 5.81
C TYR L 119 -19.14 18.81 6.84
N VAL L 120 -20.33 18.41 6.40
CA VAL L 120 -21.53 18.51 7.22
C VAL L 120 -22.36 17.23 7.10
N PRO L 121 -23.34 17.04 7.97
CA PRO L 121 -24.15 15.81 7.89
C PRO L 121 -24.99 15.79 6.64
N VAL L 122 -25.03 14.63 5.99
CA VAL L 122 -25.85 14.43 4.80
C VAL L 122 -26.86 13.29 4.95
N HIS L 123 -26.69 12.48 5.97
CA HIS L 123 -27.63 11.36 6.18
C HIS L 123 -27.69 11.02 7.66
N PHE L 124 -28.90 10.79 8.17
CA PHE L 124 -29.18 10.46 9.58
C PHE L 124 -29.24 8.94 9.68
N ASP L 125 -28.06 8.31 9.82
CA ASP L 125 -27.66 6.88 9.82
C ASP L 125 -28.13 6.12 11.07
N ALA L 126 -28.62 6.88 12.03
CA ALA L 126 -29.25 6.55 13.31
C ALA L 126 -29.06 5.08 13.73
C1 GOL M . 19.11 -15.46 -34.93
O1 GOL M . 19.05 -14.06 -34.97
C2 GOL M . 19.31 -15.95 -33.52
O2 GOL M . 20.42 -15.30 -32.93
C3 GOL M . 19.48 -17.44 -33.42
O3 GOL M . 20.71 -17.89 -33.98
H11 GOL M . 19.85 -15.78 -35.50
H12 GOL M . 18.27 -15.84 -35.29
HO1 GOL M . 19.82 -13.77 -35.18
H2 GOL M . 18.51 -15.71 -33.00
HO2 GOL M . 21.13 -15.64 -33.24
H31 GOL M . 18.74 -17.87 -33.91
H32 GOL M . 19.44 -17.71 -32.48
HO3 GOL M . 20.71 -17.70 -34.81
#